data_3JAB
#
_entry.id   3JAB
#
_cell.length_a   1
_cell.length_b   1
_cell.length_c   1
_cell.angle_alpha   90
_cell.angle_beta   90
_cell.angle_gamma   90
#
_symmetry.space_group_name_H-M   'P 1'
#
loop_
_entity.id
_entity.type
_entity.pdbx_description
1 polymer 'GafA domain of cone phosphodiesterase 6C'
2 polymer 'GafB domain of phosphodiesterase 2A'
3 polymer 'phosphodiesterase 5/6 chimera catalytic domain'
4 polymer 'phosphodiesterase 6 gamma subunit inhibitory peptide'
5 polymer 'IgG1-kappa 2E8 light chain'
6 polymer 'IgG1-kappa 2E8 heavy chain'
7 non-polymer 3-ISOBUTYL-1-METHYLXANTHINE
#
loop_
_entity_poly.entity_id
_entity_poly.type
_entity_poly.pdbx_seq_one_letter_code
_entity_poly.pdbx_strand_id
1 'polypeptide(L)'
;MRLEECNILFELLTEIQDEAGSMEKIVHKTLQRLSQLLAADRCSMFICRSRNGIPEVATRLLNVTPTSKFEDNLVNPDKE
TVFPLDIGIAGWVAHTKKFFNIPDVKKNNHFSDYLDKKTGYTTVNMMAIPITQGKEVLAVVMALNKLNASEFSKEDEEVF
KKYLNFISLVLRLEHHHHHH
;
A,M
2 'polypeptide(L)'
;QKLKCECQALLQVAKNLFTHLDDVSVLLQEIITEARNLSNAEICSVFLLDQNELVAKVFDGGVVDDESYEIRIPADQGIA
GHVATTGQILNIPDAYAHPLFYRGVDDSTGFRTRNILCFPIKNENQEVIGVAELVNKINGPWFSKFDEDLATAFSIYCGI
SIAHSLLYKKVNEAQYRSHLANEMM
;
B,N
3 'polypeptide(L)'
;GSHMEETRELQSLAAAVVPSAQTLKITDFSFSDFELSDLETALCTIRMFTDLNLVQNFQMKHEVLCRWILSVKKNYRKNV
AYHNWRHAFNTAQCMFAALKAGKIQNKLTDLEILALLIAALSHDLDHRGVNNSYIQRSEHPLAQLYCHSIMEHHHFDQCL
MILNSPGNQILSGLSIEEYKTTLKIIKQAILATDLALYIKRRGEFFELIRKNQFNLEDPHQKELFLAMLMTACDLSAITK
PWPIQQRIAELVATEFWEQGDLERTVLQQQPIPMMDRNKRDELPKLQVGFIDFVCTQLYEALTHVSEDCFPLLDGCRKNR
QKWQALAEQQ
;
C,O
4 'polypeptide(L)' WEAFNHLELHELAQYGII D,P
5 'polypeptide(L)'
;DIVMTQSQKFMSTSVGDRVSITCKASQNVGTAVAWYQQKPGQSPKLMIYSASNRYTGVPDRFTGSGSGTDFTLTISNMQS
EDLADYFCQQYSSYPLTFGAGTKLELKRADAAPTVSIFPPSSEQLTSGGASVVCFLNNFYPKDINVKWKIDGSERQNGVL
NSATDQDSKDSTYSMSSTLTLTKDEYERHNSYTCEATHKTSTSPIVKSFNRNEC
;
L,R
6 'polypeptide(L)'
;EVQLQQSGAEVVRSGASVKLSCTASGFNIKDYYIHWVKQRPEKGLEWIGWIDPEIGDTEYVPKFQGKATMTADTSSNTAY
LQLSSLTSEDTAVYYCNAGHDYDRGRFPYWGQGTLVTVSAAKTTPPSVYPLAPGSAAQTNSMVTLGCLVKGYFPEPVTVT
WNSGSLSSGVHTFPAVLQSDLYTLSSSVTVPSSTWPSETVTCNVAHPASSTKVDKKIVPRD
;
H,Q
#
loop_
_chem_comp.id
_chem_comp.type
_chem_comp.name
_chem_comp.formula
IBM non-polymer 3-ISOBUTYL-1-METHYLXANTHINE 'C10 H14 N4 O2'
#
# COMPACT_ATOMS: atom_id res chain seq x y z
N ARG A 2 -46.32 22.48 29.64
CA ARG A 2 -47.33 21.45 29.22
C ARG A 2 -46.68 20.05 29.22
N LEU A 3 -46.04 19.71 30.34
CA LEU A 3 -45.07 18.59 30.46
C LEU A 3 -45.25 17.40 29.53
N GLU A 4 -46.23 16.53 29.82
CA GLU A 4 -46.33 15.26 29.09
C GLU A 4 -46.59 15.43 27.60
N GLU A 5 -46.96 16.63 27.15
CA GLU A 5 -47.07 16.87 25.71
C GLU A 5 -45.70 17.08 25.13
N CYS A 6 -44.85 17.83 25.84
CA CYS A 6 -43.49 18.07 25.37
C CYS A 6 -42.76 16.76 25.23
N ASN A 7 -42.95 15.87 26.18
CA ASN A 7 -42.25 14.61 26.17
C ASN A 7 -42.79 13.71 25.08
N ILE A 8 -44.12 13.60 25.00
CA ILE A 8 -44.74 12.72 24.00
C ILE A 8 -44.30 13.12 22.60
N LEU A 9 -44.39 14.42 22.29
CA LEU A 9 -44.02 14.91 20.96
C LEU A 9 -42.53 14.71 20.66
N PHE A 10 -41.67 15.11 21.59
CA PHE A 10 -40.22 14.95 21.37
C PHE A 10 -39.83 13.49 21.14
N GLU A 11 -40.36 12.59 21.95
CA GLU A 11 -40.01 11.16 21.88
C GLU A 11 -40.52 10.56 20.57
N LEU A 12 -41.79 10.79 20.30
CA LEU A 12 -42.40 10.55 18.99
C LEU A 12 -41.48 10.94 17.82
N LEU A 13 -40.89 12.13 17.87
CA LEU A 13 -40.07 12.63 16.75
C LEU A 13 -38.72 11.93 16.62
N THR A 14 -38.31 11.22 17.68
CA THR A 14 -37.08 10.42 17.64
C THR A 14 -37.33 9.03 17.05
N GLU A 15 -38.59 8.69 16.79
CA GLU A 15 -38.97 7.40 16.19
C GLU A 15 -39.16 7.48 14.66
N ILE A 16 -38.91 8.63 14.05
CA ILE A 16 -39.24 8.88 12.64
C ILE A 16 -37.99 8.76 11.77
N GLN A 17 -37.91 7.70 10.97
CA GLN A 17 -36.74 7.48 10.11
C GLN A 17 -36.54 8.59 9.08
N ASP A 18 -35.29 9.03 8.97
CA ASP A 18 -34.81 9.90 7.91
C ASP A 18 -35.11 9.29 6.52
N GLU A 19 -36.32 9.49 6.01
CA GLU A 19 -36.79 8.77 4.80
C GLU A 19 -37.81 9.51 3.91
N ALA A 20 -39.08 9.47 4.28
CA ALA A 20 -40.17 9.72 3.31
C ALA A 20 -40.40 11.23 2.99
N GLY A 21 -41.61 11.78 3.06
CA GLY A 21 -42.84 11.12 3.55
C GLY A 21 -42.91 11.08 5.06
N SER A 22 -41.86 11.55 5.72
CA SER A 22 -41.77 11.56 7.17
C SER A 22 -42.78 12.51 7.80
N MET A 23 -43.23 13.51 7.04
CA MET A 23 -44.22 14.47 7.54
C MET A 23 -45.58 13.80 7.79
N GLU A 24 -45.88 12.76 7.02
CA GLU A 24 -47.08 11.97 7.25
C GLU A 24 -46.84 10.84 8.27
N LYS A 25 -45.62 10.34 8.33
CA LYS A 25 -45.27 9.40 9.41
C LYS A 25 -45.35 10.10 10.77
N ILE A 26 -45.11 11.41 10.79
CA ILE A 26 -45.25 12.22 11.99
C ILE A 26 -46.73 12.36 12.37
N VAL A 27 -47.57 12.67 11.40
CA VAL A 27 -49.00 12.83 11.67
C VAL A 27 -49.50 11.49 12.18
N HIS A 28 -49.16 10.42 11.48
CA HIS A 28 -49.52 9.08 11.91
C HIS A 28 -49.16 8.86 13.38
N LYS A 29 -47.92 9.10 13.74
CA LYS A 29 -47.47 8.75 15.10
C LYS A 29 -48.19 9.59 16.14
N THR A 30 -48.36 10.87 15.85
CA THR A 30 -49.17 11.75 16.67
C THR A 30 -50.57 11.14 16.85
N LEU A 31 -51.19 10.70 15.75
CA LEU A 31 -52.53 10.12 15.83
C LEU A 31 -52.54 8.88 16.72
N GLN A 32 -51.52 8.03 16.58
CA GLN A 32 -51.37 6.85 17.44
C GLN A 32 -51.37 7.24 18.91
N ARG A 33 -50.73 8.36 19.24
CA ARG A 33 -50.68 8.84 20.62
C ARG A 33 -52.03 9.42 21.06
N LEU A 34 -52.72 10.10 20.16
CA LEU A 34 -54.06 10.61 20.44
C LEU A 34 -55.01 9.46 20.78
N SER A 35 -54.92 8.36 20.01
CA SER A 35 -55.74 7.18 20.28
C SER A 35 -55.62 6.75 21.74
N GLN A 36 -54.38 6.70 22.23
CA GLN A 36 -54.11 6.31 23.61
C GLN A 36 -54.72 7.31 24.58
N LEU A 37 -54.47 8.59 24.34
CA LEU A 37 -54.88 9.64 25.27
C LEU A 37 -56.41 9.77 25.33
N LEU A 38 -57.09 9.57 24.21
CA LEU A 38 -58.55 9.66 24.14
C LEU A 38 -59.27 8.30 24.31
N ALA A 39 -58.52 7.20 24.41
CA ALA A 39 -59.11 5.86 24.33
C ALA A 39 -60.05 5.82 23.13
N ALA A 40 -59.55 6.26 21.98
CA ALA A 40 -60.29 6.21 20.73
C ALA A 40 -59.92 4.92 20.01
N ASP A 41 -60.91 4.27 19.43
CA ASP A 41 -60.71 2.98 18.76
C ASP A 41 -59.74 3.14 17.59
N ARG A 42 -59.87 4.26 16.89
CA ARG A 42 -58.91 4.63 15.86
C ARG A 42 -59.00 6.11 15.54
N CYS A 43 -57.96 6.61 14.89
CA CYS A 43 -58.00 7.92 14.27
C CYS A 43 -57.73 7.78 12.79
N SER A 44 -58.13 8.79 12.03
CA SER A 44 -57.96 8.81 10.59
C SER A 44 -57.66 10.21 10.07
N MET A 45 -57.14 10.28 8.85
CA MET A 45 -57.02 11.56 8.17
C MET A 45 -57.49 11.45 6.73
N PHE A 46 -58.24 12.47 6.32
CA PHE A 46 -58.65 12.66 4.94
C PHE A 46 -57.87 13.86 4.45
N ILE A 47 -57.23 13.73 3.29
CA ILE A 47 -56.62 14.86 2.65
C ILE A 47 -57.72 15.63 1.96
N CYS A 48 -57.53 16.93 1.84
CA CYS A 48 -58.46 17.76 1.13
C CYS A 48 -57.72 18.52 0.04
N ARG A 49 -58.15 18.33 -1.20
CA ARG A 49 -57.55 18.99 -2.36
C ARG A 49 -58.65 19.42 -3.31
N SER A 50 -58.28 20.08 -4.39
CA SER A 50 -59.27 20.51 -5.39
C SER A 50 -58.83 20.31 -6.84
N ARG A 51 -59.82 20.33 -7.72
CA ARG A 51 -59.62 20.13 -9.14
C ARG A 51 -60.46 21.16 -9.90
N ASN A 52 -59.79 22.25 -10.30
CA ASN A 52 -60.42 23.38 -11.02
C ASN A 52 -61.42 24.18 -10.18
N GLY A 53 -61.07 24.39 -8.90
CA GLY A 53 -61.94 25.09 -7.96
C GLY A 53 -62.94 24.20 -7.25
N ILE A 54 -62.98 22.92 -7.65
CA ILE A 54 -63.86 21.93 -7.03
C ILE A 54 -63.11 21.19 -5.93
N PRO A 55 -63.38 21.52 -4.66
CA PRO A 55 -62.69 20.75 -3.62
C PRO A 55 -63.28 19.34 -3.47
N GLU A 56 -62.50 18.48 -2.83
CA GLU A 56 -62.92 17.13 -2.48
C GLU A 56 -62.05 16.62 -1.35
N VAL A 57 -62.53 15.56 -0.71
CA VAL A 57 -61.92 15.00 0.49
C VAL A 57 -61.66 13.52 0.25
N ALA A 58 -60.46 13.04 0.59
CA ALA A 58 -60.06 11.67 0.21
C ALA A 58 -59.36 10.92 1.33
N THR A 59 -59.60 9.61 1.41
CA THR A 59 -58.93 8.76 2.40
C THR A 59 -57.41 8.76 2.17
N ARG A 60 -56.68 8.71 3.28
CA ARG A 60 -55.24 8.95 3.31
C ARG A 60 -54.59 8.07 4.39
N LEU A 61 -55.03 8.28 5.63
CA LEU A 61 -54.66 7.41 6.76
C LEU A 61 -55.94 6.89 7.41
N LEU A 62 -56.13 5.57 7.41
CA LEU A 62 -57.23 4.95 8.12
C LEU A 62 -56.72 4.00 9.18
N ASN A 63 -57.54 3.80 10.21
CA ASN A 63 -57.30 2.74 11.18
C ASN A 63 -55.98 2.92 11.94
N VAL A 64 -55.72 4.17 12.32
CA VAL A 64 -54.54 4.48 13.09
C VAL A 64 -54.82 4.17 14.58
N THR A 65 -53.83 3.60 15.23
CA THR A 65 -54.02 2.80 16.42
C THR A 65 -52.64 2.70 17.08
N PRO A 66 -52.58 2.47 18.39
CA PRO A 66 -51.24 2.45 18.99
C PRO A 66 -50.32 1.31 18.54
N THR A 67 -50.87 0.26 17.95
CA THR A 67 -50.10 -0.89 17.50
C THR A 67 -50.24 -1.08 15.99
N SER A 68 -50.52 0.02 15.30
CA SER A 68 -50.82 -0.03 13.88
C SER A 68 -49.61 0.36 13.05
N LYS A 69 -49.46 -0.27 11.89
CA LYS A 69 -48.31 0.00 11.04
C LYS A 69 -48.66 1.11 10.06
N PHE A 70 -47.70 1.98 9.78
CA PHE A 70 -47.92 3.11 8.89
C PHE A 70 -48.25 2.64 7.48
N GLU A 71 -47.46 1.70 6.95
CA GLU A 71 -47.70 1.20 5.59
C GLU A 71 -49.04 0.45 5.46
N ASP A 72 -49.58 -0.03 6.58
CA ASP A 72 -50.92 -0.59 6.59
C ASP A 72 -51.99 0.51 6.67
N ASN A 73 -51.67 1.63 7.32
CA ASN A 73 -52.63 2.75 7.47
C ASN A 73 -52.67 3.70 6.28
N LEU A 74 -51.54 3.86 5.60
CA LEU A 74 -51.47 4.72 4.42
C LEU A 74 -52.39 4.18 3.33
N VAL A 75 -53.31 5.01 2.86
CA VAL A 75 -54.20 4.61 1.77
C VAL A 75 -53.43 4.63 0.45
N ASN A 76 -53.56 3.56 -0.33
CA ASN A 76 -52.91 3.47 -1.64
C ASN A 76 -53.59 4.42 -2.63
N PRO A 77 -52.84 5.41 -3.15
CA PRO A 77 -53.41 6.44 -4.04
C PRO A 77 -54.41 5.88 -5.07
N ASP A 78 -54.14 4.69 -5.59
CA ASP A 78 -55.05 4.06 -6.56
C ASP A 78 -56.41 3.76 -5.95
N LYS A 79 -56.43 3.35 -4.68
CA LYS A 79 -57.65 2.84 -4.05
C LYS A 79 -58.24 3.80 -3.01
N GLU A 80 -58.15 5.10 -3.28
CA GLU A 80 -58.57 6.10 -2.30
C GLU A 80 -60.00 6.58 -2.55
N THR A 81 -60.82 6.53 -1.51
CA THR A 81 -62.21 6.93 -1.60
C THR A 81 -62.33 8.45 -1.52
N VAL A 82 -62.86 9.05 -2.59
CA VAL A 82 -63.02 10.50 -2.71
C VAL A 82 -64.48 10.90 -2.46
N PHE A 83 -64.69 12.00 -1.74
CA PHE A 83 -66.02 12.54 -1.48
C PHE A 83 -66.08 13.97 -1.97
N PRO A 84 -67.22 14.39 -2.54
CA PRO A 84 -67.45 15.82 -2.69
C PRO A 84 -67.84 16.35 -1.33
N LEU A 85 -67.67 17.65 -1.09
CA LEU A 85 -67.88 18.18 0.26
C LEU A 85 -69.33 18.21 0.73
N ASP A 86 -70.28 17.99 -0.17
CA ASP A 86 -71.69 17.87 0.20
C ASP A 86 -72.11 16.41 0.54
N ILE A 87 -71.12 15.53 0.71
CA ILE A 87 -71.36 14.16 1.16
C ILE A 87 -70.40 13.82 2.30
N GLY A 88 -70.94 13.46 3.47
CA GLY A 88 -70.12 13.04 4.60
C GLY A 88 -69.88 14.12 5.65
N ILE A 89 -69.67 13.67 6.88
CA ILE A 89 -69.26 14.57 7.95
C ILE A 89 -67.87 15.11 7.64
N ALA A 90 -67.01 14.27 7.07
CA ALA A 90 -65.66 14.70 6.73
C ALA A 90 -65.75 15.86 5.75
N GLY A 91 -66.54 15.67 4.69
CA GLY A 91 -66.73 16.72 3.70
C GLY A 91 -67.39 17.96 4.29
N TRP A 92 -68.28 17.74 5.24
CA TRP A 92 -68.96 18.86 5.88
C TRP A 92 -67.98 19.67 6.73
N VAL A 93 -67.09 19.00 7.44
CA VAL A 93 -66.07 19.66 8.24
C VAL A 93 -65.19 20.53 7.36
N ALA A 94 -64.84 19.99 6.18
CA ALA A 94 -64.00 20.68 5.19
C ALA A 94 -64.73 21.89 4.66
N HIS A 95 -66.03 21.74 4.43
CA HIS A 95 -66.83 22.83 3.90
C HIS A 95 -66.97 23.97 4.91
N THR A 96 -67.35 23.64 6.14
CA THR A 96 -67.67 24.64 7.15
C THR A 96 -66.42 25.15 7.87
N LYS A 97 -65.33 24.39 7.81
CA LYS A 97 -64.10 24.72 8.53
C LYS A 97 -64.35 24.76 10.05
N LYS A 98 -65.28 23.91 10.50
CA LYS A 98 -65.67 23.84 11.92
C LYS A 98 -65.29 22.50 12.55
N PHE A 99 -65.01 22.54 13.85
CA PHE A 99 -64.84 21.35 14.67
C PHE A 99 -66.20 20.75 15.04
N PHE A 100 -66.29 19.43 15.15
CA PHE A 100 -67.52 18.76 15.60
C PHE A 100 -67.22 17.59 16.51
N ASN A 101 -67.95 17.51 17.61
CA ASN A 101 -67.94 16.35 18.47
C ASN A 101 -69.27 15.65 18.28
N ILE A 102 -69.30 14.64 17.41
CA ILE A 102 -70.55 13.97 17.08
C ILE A 102 -70.72 12.76 17.98
N PRO A 103 -71.76 12.76 18.83
CA PRO A 103 -71.97 11.65 19.75
C PRO A 103 -72.67 10.44 19.14
N ASP A 104 -73.43 10.62 18.07
CA ASP A 104 -74.13 9.50 17.43
C ASP A 104 -74.33 9.72 15.93
N VAL A 105 -73.49 9.10 15.10
CA VAL A 105 -73.51 9.41 13.67
C VAL A 105 -74.87 9.11 13.02
N LYS A 106 -75.60 8.15 13.56
CA LYS A 106 -76.95 7.83 13.07
C LYS A 106 -77.97 8.95 13.28
N LYS A 107 -77.68 9.92 14.14
CA LYS A 107 -78.56 11.07 14.35
C LYS A 107 -77.99 12.37 13.75
N ASN A 108 -76.95 12.22 12.92
CA ASN A 108 -76.33 13.34 12.23
C ASN A 108 -76.44 13.13 10.73
N ASN A 109 -77.42 13.77 10.09
CA ASN A 109 -77.38 13.91 8.64
C ASN A 109 -76.05 14.57 8.33
N HIS A 110 -75.60 14.46 7.08
CA HIS A 110 -74.18 14.67 6.72
C HIS A 110 -73.48 13.34 6.78
N PHE A 111 -73.72 12.56 7.83
CA PHE A 111 -73.08 11.25 7.90
C PHE A 111 -73.32 10.49 6.60
N SER A 112 -72.24 9.97 6.02
CA SER A 112 -72.26 9.08 4.86
C SER A 112 -71.78 7.71 5.28
N ASP A 113 -72.55 6.68 4.97
CA ASP A 113 -72.21 5.33 5.39
C ASP A 113 -71.47 4.55 4.31
N TYR A 114 -70.96 5.25 3.29
CA TYR A 114 -70.33 4.57 2.16
C TYR A 114 -69.07 3.78 2.58
N LEU A 115 -68.20 4.39 3.37
CA LEU A 115 -66.98 3.72 3.82
C LEU A 115 -67.30 2.56 4.76
N ASP A 116 -68.33 2.72 5.60
CA ASP A 116 -68.74 1.65 6.51
C ASP A 116 -69.16 0.41 5.70
N LYS A 117 -69.89 0.64 4.60
CA LYS A 117 -70.35 -0.43 3.73
C LYS A 117 -69.16 -1.13 3.05
N LYS A 118 -68.23 -0.33 2.52
CA LYS A 118 -67.05 -0.88 1.83
C LYS A 118 -66.11 -1.60 2.80
N THR A 119 -65.67 -0.89 3.82
CA THR A 119 -64.68 -1.46 4.75
C THR A 119 -65.25 -2.49 5.74
N GLY A 120 -66.56 -2.42 5.99
CA GLY A 120 -67.20 -3.28 6.99
C GLY A 120 -67.16 -2.73 8.42
N TYR A 121 -66.49 -1.61 8.63
CA TYR A 121 -66.39 -0.98 9.96
C TYR A 121 -67.69 -0.29 10.36
N THR A 122 -68.02 -0.34 11.65
CA THR A 122 -69.18 0.40 12.17
C THR A 122 -68.73 1.65 12.89
N THR A 123 -69.11 2.81 12.34
CA THR A 123 -68.78 4.09 12.94
C THR A 123 -69.94 4.52 13.81
N VAL A 124 -69.66 4.87 15.06
CA VAL A 124 -70.71 5.30 16.00
C VAL A 124 -70.60 6.78 16.34
N ASN A 125 -69.52 7.16 17.01
CA ASN A 125 -69.32 8.56 17.38
C ASN A 125 -67.97 9.02 16.88
N MET A 126 -67.72 10.32 17.00
CA MET A 126 -66.67 10.93 16.23
C MET A 126 -66.37 12.34 16.69
N MET A 127 -65.09 12.67 16.70
CA MET A 127 -64.65 14.04 16.75
C MET A 127 -64.01 14.29 15.41
N ALA A 128 -64.23 15.48 14.86
CA ALA A 128 -63.68 15.82 13.55
C ALA A 128 -63.27 17.27 13.56
N ILE A 129 -62.15 17.55 12.90
CA ILE A 129 -61.55 18.87 12.91
C ILE A 129 -60.83 19.11 11.58
N PRO A 130 -60.98 20.32 11.01
CA PRO A 130 -60.29 20.61 9.76
C PRO A 130 -58.91 21.25 10.02
N ILE A 131 -57.91 20.82 9.27
CA ILE A 131 -56.60 21.45 9.31
C ILE A 131 -56.54 22.46 8.17
N THR A 132 -56.34 23.72 8.51
CA THR A 132 -56.43 24.80 7.54
C THR A 132 -55.09 25.49 7.27
N GLN A 133 -55.00 26.12 6.10
CA GLN A 133 -53.93 27.07 5.77
C GLN A 133 -54.64 28.27 5.16
N GLY A 134 -54.73 29.36 5.93
CA GLY A 134 -55.49 30.54 5.50
C GLY A 134 -56.93 30.16 5.23
N LYS A 135 -57.45 30.56 4.08
CA LYS A 135 -58.85 30.30 3.73
C LYS A 135 -59.09 28.93 3.07
N GLU A 136 -58.06 28.09 3.01
CA GLU A 136 -58.13 26.79 2.31
C GLU A 136 -57.81 25.63 3.25
N VAL A 137 -58.52 24.51 3.09
CA VAL A 137 -58.39 23.34 3.94
C VAL A 137 -57.43 22.29 3.35
N LEU A 138 -56.57 21.75 4.20
CA LEU A 138 -55.54 20.78 3.82
C LEU A 138 -55.93 19.34 4.18
N ALA A 139 -56.63 19.19 5.30
CA ALA A 139 -57.01 17.87 5.75
C ALA A 139 -58.17 17.93 6.73
N VAL A 140 -58.75 16.77 7.00
CA VAL A 140 -59.69 16.59 8.10
C VAL A 140 -59.21 15.38 8.90
N VAL A 141 -59.11 15.54 10.21
CA VAL A 141 -58.63 14.49 11.11
C VAL A 141 -59.77 14.11 12.02
N MET A 142 -59.96 12.82 12.24
CA MET A 142 -60.96 12.38 13.20
C MET A 142 -60.52 11.25 14.12
N ALA A 143 -61.13 11.26 15.33
CA ALA A 143 -61.03 10.17 16.29
C ALA A 143 -62.38 9.48 16.32
N LEU A 144 -62.37 8.19 15.99
CA LEU A 144 -63.59 7.44 15.93
C LEU A 144 -63.76 6.53 17.13
N ASN A 145 -65.02 6.29 17.51
CA ASN A 145 -65.41 5.29 18.49
C ASN A 145 -64.69 5.30 19.84
N LYS A 146 -65.19 6.15 20.73
CA LYS A 146 -64.73 6.17 22.12
C LYS A 146 -64.97 4.81 22.75
N LEU A 147 -63.91 4.26 23.35
CA LEU A 147 -63.90 2.90 23.87
C LEU A 147 -64.46 2.75 25.29
N ASN A 148 -64.32 3.78 26.12
CA ASN A 148 -64.65 3.67 27.56
C ASN A 148 -65.74 4.65 28.00
N ALA A 149 -66.68 4.92 27.10
CA ALA A 149 -67.79 5.83 27.38
C ALA A 149 -68.64 5.93 26.12
N SER A 150 -69.87 6.39 26.31
CA SER A 150 -70.85 6.41 25.23
C SER A 150 -70.50 7.41 24.15
N GLU A 151 -69.66 8.39 24.49
CA GLU A 151 -69.25 9.44 23.55
C GLU A 151 -67.97 10.14 24.02
N PHE A 152 -67.35 10.91 23.13
CA PHE A 152 -66.19 11.71 23.50
C PHE A 152 -66.61 12.89 24.37
N SER A 153 -65.84 13.16 25.42
CA SER A 153 -66.19 14.16 26.42
C SER A 153 -65.83 15.57 25.95
N LYS A 154 -66.27 16.57 26.69
CA LYS A 154 -65.81 17.94 26.48
C LYS A 154 -64.30 17.98 26.71
N GLU A 155 -63.86 17.38 27.80
CA GLU A 155 -62.44 17.31 28.14
C GLU A 155 -61.64 16.68 27.00
N ASP A 156 -62.17 15.60 26.43
CA ASP A 156 -61.58 14.96 25.25
C ASP A 156 -61.40 15.94 24.08
N GLU A 157 -62.37 16.83 23.88
CA GLU A 157 -62.25 17.87 22.86
C GLU A 157 -61.00 18.69 23.09
N GLU A 158 -60.73 18.99 24.36
CA GLU A 158 -59.60 19.86 24.72
C GLU A 158 -58.26 19.22 24.38
N VAL A 159 -58.16 17.90 24.54
CA VAL A 159 -56.91 17.17 24.30
C VAL A 159 -56.65 17.04 22.78
N PHE A 160 -57.64 16.50 22.08
CA PHE A 160 -57.67 16.49 20.63
C PHE A 160 -57.25 17.82 20.01
N LYS A 161 -57.89 18.91 20.45
CA LYS A 161 -57.56 20.24 19.94
C LYS A 161 -56.11 20.63 20.25
N LYS A 162 -55.65 20.24 21.44
CA LYS A 162 -54.28 20.50 21.88
C LYS A 162 -53.26 19.85 20.92
N TYR A 163 -53.47 18.57 20.57
CA TYR A 163 -52.55 17.84 19.68
C TYR A 163 -52.72 18.20 18.21
N LEU A 164 -53.81 18.87 17.87
CA LEU A 164 -54.07 19.21 16.49
C LEU A 164 -53.52 20.59 16.09
N ASN A 165 -53.07 21.38 17.06
CA ASN A 165 -52.19 22.52 16.75
C ASN A 165 -50.87 22.03 16.17
N PHE A 166 -50.36 20.94 16.73
CA PHE A 166 -49.09 20.35 16.30
C PHE A 166 -49.20 19.75 14.91
N ILE A 167 -50.23 18.93 14.69
CA ILE A 167 -50.43 18.30 13.39
C ILE A 167 -50.53 19.39 12.33
N SER A 168 -51.35 20.39 12.59
CA SER A 168 -51.46 21.57 11.74
C SER A 168 -50.09 22.09 11.36
N LEU A 169 -49.26 22.38 12.37
CA LEU A 169 -47.91 22.89 12.11
C LEU A 169 -47.17 21.97 11.14
N VAL A 170 -47.19 20.68 11.46
CA VAL A 170 -46.49 19.69 10.66
C VAL A 170 -47.02 19.64 9.23
N LEU A 171 -48.35 19.71 9.06
CA LEU A 171 -48.95 19.74 7.72
C LEU A 171 -48.77 21.08 7.01
N ARG A 172 -47.56 21.63 7.12
CA ARG A 172 -47.18 22.83 6.38
C ARG A 172 -45.67 22.72 6.13
N ARG B 2 -55.79 -9.02 18.34
CA ARG B 2 -55.86 -7.85 19.27
C ARG B 2 -55.16 -6.63 18.64
N LEU B 3 -55.55 -6.32 17.40
CA LEU B 3 -54.81 -5.43 16.47
C LEU B 3 -53.96 -4.32 17.09
N GLU B 4 -54.60 -3.24 17.56
CA GLU B 4 -53.84 -2.05 17.98
C GLU B 4 -52.90 -2.32 19.15
N GLU B 5 -53.04 -3.45 19.84
CA GLU B 5 -52.07 -3.80 20.88
C GLU B 5 -50.82 -4.36 20.23
N CYS B 6 -51.00 -5.19 19.21
CA CYS B 6 -49.86 -5.76 18.50
C CYS B 6 -49.02 -4.67 17.90
N ASN B 7 -49.67 -3.66 17.35
CA ASN B 7 -48.97 -2.59 16.70
C ASN B 7 -48.28 -1.70 17.71
N ILE B 8 -49.02 -1.32 18.77
CA ILE B 8 -48.45 -0.43 19.79
C ILE B 8 -47.20 -1.06 20.41
N LEU B 9 -47.30 -2.33 20.80
CA LEU B 9 -46.17 -3.02 21.42
C LEU B 9 -44.98 -3.18 20.47
N PHE B 10 -45.24 -3.65 19.25
CA PHE B 10 -44.15 -3.83 18.28
C PHE B 10 -43.42 -2.51 17.99
N GLU B 11 -44.17 -1.44 17.77
CA GLU B 11 -43.60 -0.14 17.41
C GLU B 11 -42.79 0.43 18.58
N LEU B 12 -43.42 0.44 19.74
CA LEU B 12 -42.75 0.67 21.02
C LEU B 12 -41.38 -0.01 21.11
N LEU B 13 -41.30 -1.30 20.75
CA LEU B 13 -40.06 -2.07 20.90
C LEU B 13 -38.98 -1.69 19.89
N THR B 14 -39.38 -0.98 18.82
CA THR B 14 -38.43 -0.47 17.84
C THR B 14 -37.83 0.88 18.27
N GLU B 15 -38.34 1.45 19.37
CA GLU B 15 -37.84 2.72 19.90
C GLU B 15 -36.81 2.54 21.04
N ILE B 16 -36.44 1.30 21.36
CA ILE B 16 -35.63 0.99 22.54
C ILE B 16 -34.17 0.76 22.15
N GLN B 17 -33.29 1.69 22.49
CA GLN B 17 -31.87 1.57 22.13
C GLN B 17 -31.20 0.34 22.76
N ASP B 18 -30.44 -0.36 21.92
CA ASP B 18 -29.52 -1.42 22.32
C ASP B 18 -28.52 -0.90 23.39
N GLU B 19 -28.92 -0.89 24.66
CA GLU B 19 -28.15 -0.21 25.71
C GLU B 19 -28.25 -0.80 27.14
N ALA B 20 -29.31 -0.46 27.86
CA ALA B 20 -29.30 -0.56 29.33
C ALA B 20 -29.52 -2.01 29.86
N GLY B 21 -30.43 -2.28 30.80
CA GLY B 21 -31.41 -1.33 31.34
C GLY B 21 -32.60 -1.12 30.42
N SER B 22 -32.56 -1.74 29.24
CA SER B 22 -33.60 -1.62 28.24
C SER B 22 -34.90 -2.27 28.70
N MET B 23 -34.82 -3.22 29.63
CA MET B 23 -36.01 -3.89 30.16
C MET B 23 -36.89 -2.93 30.97
N GLU B 24 -36.27 -1.93 31.58
CA GLU B 24 -37.02 -0.88 32.27
C GLU B 24 -37.40 0.27 31.32
N LYS B 25 -36.59 0.50 30.30
CA LYS B 25 -37.00 1.44 29.25
C LYS B 25 -38.23 0.92 28.50
N ILE B 26 -38.38 -0.41 28.44
CA ILE B 26 -39.55 -1.05 27.86
C ILE B 26 -40.77 -0.82 28.74
N VAL B 27 -40.61 -1.05 30.04
CA VAL B 27 -41.74 -0.87 30.96
C VAL B 27 -42.15 0.59 30.89
N HIS B 28 -41.18 1.49 30.98
CA HIS B 28 -41.44 2.91 30.84
C HIS B 28 -42.29 3.19 29.60
N LYS B 29 -41.85 2.73 28.44
CA LYS B 29 -42.53 3.11 27.19
C LYS B 29 -43.94 2.55 27.15
N THR B 30 -44.10 1.32 27.59
CA THR B 30 -45.41 0.72 27.78
C THR B 30 -46.27 1.62 28.66
N LEU B 31 -45.73 2.08 29.79
CA LEU B 31 -46.49 2.93 30.70
C LEU B 31 -46.91 4.23 30.02
N GLN B 32 -45.99 4.82 29.24
CA GLN B 32 -46.30 6.02 28.46
C GLN B 32 -47.50 5.79 27.55
N ARG B 33 -47.59 4.60 26.96
CA ARG B 33 -48.71 4.27 26.09
C ARG B 33 -50.01 4.03 26.89
N LEU B 34 -49.89 3.42 28.06
CA LEU B 34 -51.04 3.24 28.94
C LEU B 34 -51.63 4.60 29.34
N SER B 35 -50.76 5.57 29.65
CA SER B 35 -51.22 6.92 29.98
C SER B 35 -52.16 7.45 28.90
N GLN B 36 -51.75 7.29 27.65
CA GLN B 36 -52.55 7.75 26.51
C GLN B 36 -53.88 7.00 26.45
N LEU B 37 -53.81 5.68 26.55
CA LEU B 37 -55.00 4.84 26.36
C LEU B 37 -56.01 5.05 27.50
N LEU B 38 -55.54 5.28 28.72
CA LEU B 38 -56.41 5.50 29.88
C LEU B 38 -56.68 6.99 30.18
N ALA B 39 -56.06 7.90 29.44
CA ALA B 39 -56.09 9.32 29.80
C ALA B 39 -55.74 9.44 31.28
N ALA B 40 -54.66 8.79 31.69
CA ALA B 40 -54.15 8.87 33.04
C ALA B 40 -53.10 9.97 33.10
N ASP B 41 -53.13 10.77 34.16
CA ASP B 41 -52.22 11.90 34.31
C ASP B 41 -50.78 11.42 34.35
N ARG B 42 -50.56 10.29 35.01
CA ARG B 42 -49.27 9.63 34.97
C ARG B 42 -49.40 8.18 35.40
N CYS B 43 -48.37 7.41 35.08
CA CYS B 43 -48.21 6.08 35.64
C CYS B 43 -46.88 6.01 36.37
N SER B 44 -46.76 5.04 37.27
CA SER B 44 -45.57 4.84 38.06
C SER B 44 -45.29 3.36 38.31
N MET B 45 -44.07 3.06 38.71
CA MET B 45 -43.74 1.72 39.18
C MET B 45 -42.91 1.78 40.45
N PHE B 46 -43.28 0.91 41.39
CA PHE B 46 -42.53 0.67 42.61
C PHE B 46 -41.94 -0.71 42.45
N ILE B 47 -40.64 -0.83 42.70
CA ILE B 47 -40.01 -2.12 42.75
C ILE B 47 -40.33 -2.71 44.11
N CYS B 48 -40.40 -4.02 44.17
CA CYS B 48 -40.61 -4.70 45.43
C CYS B 48 -39.48 -5.71 45.64
N ARG B 49 -38.77 -5.56 46.75
CA ARG B 49 -37.66 -6.44 47.10
C ARG B 49 -37.71 -6.72 48.59
N SER B 50 -36.80 -7.55 49.08
CA SER B 50 -36.74 -7.85 50.51
C SER B 50 -35.33 -7.90 51.09
N ARG B 51 -35.28 -7.79 52.41
CA ARG B 51 -34.03 -7.78 53.15
C ARG B 51 -34.19 -8.69 54.38
N ASN B 52 -33.71 -9.93 54.24
CA ASN B 52 -33.78 -10.96 55.29
C ASN B 52 -35.21 -11.44 55.58
N GLY B 53 -36.01 -11.59 54.52
CA GLY B 53 -37.40 -12.00 54.65
C GLY B 53 -38.37 -10.84 54.86
N ILE B 54 -37.82 -9.63 55.02
CA ILE B 54 -38.62 -8.42 55.19
C ILE B 54 -38.84 -7.75 53.83
N PRO B 55 -40.04 -7.89 53.26
CA PRO B 55 -40.24 -7.18 51.99
C PRO B 55 -40.41 -5.68 52.20
N GLU B 56 -40.24 -4.94 51.11
CA GLU B 56 -40.48 -3.50 51.07
C GLU B 56 -40.69 -3.08 49.63
N VAL B 57 -41.25 -1.88 49.48
CA VAL B 57 -41.66 -1.35 48.19
C VAL B 57 -41.01 0.01 47.99
N ALA B 58 -40.42 0.25 46.82
CA ALA B 58 -39.59 1.46 46.62
C ALA B 58 -39.86 2.16 45.29
N THR B 59 -39.78 3.49 45.29
CA THR B 59 -39.94 4.27 44.07
C THR B 59 -38.84 3.93 43.06
N ARG B 60 -39.21 3.93 41.78
CA ARG B 60 -38.40 3.39 40.70
C ARG B 60 -38.64 4.21 39.42
N LEU B 61 -39.89 4.23 38.98
CA LEU B 61 -40.33 5.11 37.88
C LEU B 61 -41.51 5.96 38.39
N LEU B 62 -41.34 7.27 38.40
CA LEU B 62 -42.43 8.19 38.71
C LEU B 62 -42.72 9.11 37.54
N ASN B 63 -43.96 9.58 37.49
CA ASN B 63 -44.33 10.65 36.57
C ASN B 63 -44.13 10.27 35.10
N VAL B 64 -44.52 9.04 34.78
CA VAL B 64 -44.44 8.56 33.43
C VAL B 64 -45.68 9.07 32.65
N THR B 65 -45.44 9.49 31.42
CA THR B 65 -46.29 10.42 30.72
C THR B 65 -45.93 10.29 29.24
N PRO B 66 -46.84 10.64 28.32
CA PRO B 66 -46.46 10.43 26.92
C PRO B 66 -45.31 11.29 26.40
N THR B 67 -44.98 12.37 27.09
CA THR B 67 -43.92 13.29 26.68
C THR B 67 -42.82 13.34 27.74
N SER B 68 -42.70 12.27 28.51
CA SER B 68 -41.80 12.24 29.64
C SER B 68 -40.51 11.52 29.30
N LYS B 69 -39.40 11.98 29.87
CA LYS B 69 -38.11 11.39 29.57
C LYS B 69 -37.81 10.29 30.58
N PHE B 70 -37.19 9.21 30.11
CA PHE B 70 -36.90 8.07 30.97
C PHE B 70 -35.92 8.46 32.08
N GLU B 71 -34.84 9.15 31.72
CA GLU B 71 -33.85 9.55 32.73
C GLU B 71 -34.41 10.55 33.76
N ASP B 72 -35.49 11.25 33.40
CA ASP B 72 -36.21 12.07 34.35
C ASP B 72 -37.16 11.24 35.22
N ASN B 73 -37.69 10.15 34.68
CA ASN B 73 -38.64 9.29 35.42
C ASN B 73 -37.96 8.25 36.31
N LEU B 74 -36.78 7.78 35.91
CA LEU B 74 -36.02 6.82 36.70
C LEU B 74 -35.65 7.42 38.04
N VAL B 75 -36.04 6.77 39.13
CA VAL B 75 -35.67 7.24 40.46
C VAL B 75 -34.21 6.92 40.73
N ASN B 76 -33.46 7.91 41.23
CA ASN B 76 -32.05 7.73 41.56
C ASN B 76 -31.92 6.85 42.81
N PRO B 77 -31.27 5.67 42.68
CA PRO B 77 -31.17 4.71 43.79
C PRO B 77 -30.88 5.36 45.15
N ASP B 78 -30.07 6.41 45.16
CA ASP B 78 -29.75 7.12 46.41
C ASP B 78 -30.99 7.76 47.03
N LYS B 79 -31.88 8.29 46.18
CA LYS B 79 -33.00 9.10 46.65
C LYS B 79 -34.36 8.40 46.53
N GLU B 80 -34.38 7.09 46.76
CA GLU B 80 -35.59 6.31 46.55
C GLU B 80 -36.38 6.13 47.84
N THR B 81 -37.66 6.45 47.79
CA THR B 81 -38.53 6.35 48.95
C THR B 81 -38.99 4.90 49.14
N VAL B 82 -38.64 4.33 50.28
CA VAL B 82 -38.95 2.94 50.63
C VAL B 82 -40.13 2.88 51.62
N PHE B 83 -41.04 1.94 51.42
CA PHE B 83 -42.17 1.72 52.31
C PHE B 83 -42.14 0.29 52.82
N PRO B 84 -42.49 0.07 54.09
CA PRO B 84 -42.82 -1.28 54.51
C PRO B 84 -44.21 -1.58 53.99
N LEU B 85 -44.56 -2.86 53.83
CA LEU B 85 -45.83 -3.19 53.17
C LEU B 85 -47.09 -2.87 53.97
N ASP B 86 -46.94 -2.54 55.26
CA ASP B 86 -48.07 -2.08 56.08
C ASP B 86 -48.27 -0.55 56.03
N ILE B 87 -47.60 0.11 55.08
CA ILE B 87 -47.80 1.55 54.84
C ILE B 87 -48.01 1.79 53.34
N GLY B 88 -49.14 2.36 52.96
CA GLY B 88 -49.41 2.71 51.57
C GLY B 88 -50.29 1.72 50.82
N ILE B 89 -51.00 2.23 49.83
CA ILE B 89 -51.75 1.38 48.91
C ILE B 89 -50.78 0.52 48.11
N ALA B 90 -49.64 1.10 47.74
CA ALA B 90 -48.63 0.37 46.98
C ALA B 90 -48.19 -0.84 47.79
N GLY B 91 -47.83 -0.60 49.05
CA GLY B 91 -47.42 -1.68 49.95
C GLY B 91 -48.54 -2.68 50.19
N TRP B 92 -49.77 -2.18 50.23
CA TRP B 92 -50.91 -3.06 50.44
C TRP B 92 -51.13 -3.98 49.24
N VAL B 93 -50.97 -3.44 48.03
CA VAL B 93 -51.09 -4.22 46.81
C VAL B 93 -50.06 -5.34 46.80
N ALA B 94 -48.84 -5.01 47.24
CA ALA B 94 -47.72 -5.95 47.31
C ALA B 94 -48.02 -7.03 48.32
N HIS B 95 -48.61 -6.63 49.44
CA HIS B 95 -48.94 -7.57 50.50
C HIS B 95 -50.04 -8.55 50.08
N THR B 96 -51.13 -8.02 49.54
CA THR B 96 -52.31 -8.83 49.23
C THR B 96 -52.19 -9.51 47.87
N LYS B 97 -51.32 -9.02 47.01
CA LYS B 97 -51.17 -9.53 45.64
C LYS B 97 -52.48 -9.36 44.86
N LYS B 98 -53.22 -8.29 45.18
CA LYS B 98 -54.52 -8.00 44.56
C LYS B 98 -54.48 -6.71 43.74
N PHE B 99 -55.31 -6.69 42.69
CA PHE B 99 -55.57 -5.48 41.91
C PHE B 99 -56.57 -4.57 42.64
N PHE B 100 -56.42 -3.26 42.51
CA PHE B 100 -57.38 -2.30 43.09
C PHE B 100 -57.63 -1.13 42.16
N ASN B 101 -58.91 -0.79 42.00
CA ASN B 101 -59.30 0.42 41.32
C ASN B 101 -59.82 1.37 42.38
N ILE B 102 -58.97 2.26 42.86
CA ILE B 102 -59.35 3.15 43.96
C ILE B 102 -59.88 4.45 43.39
N PRO B 103 -61.16 4.76 43.63
CA PRO B 103 -61.76 5.97 43.09
C PRO B 103 -61.47 7.24 43.89
N ASP B 104 -61.16 7.12 45.17
CA ASP B 104 -60.86 8.29 46.00
C ASP B 104 -59.90 7.97 47.15
N VAL B 105 -58.62 8.31 46.97
CA VAL B 105 -57.61 7.87 47.94
C VAL B 105 -57.89 8.38 49.36
N LYS B 106 -58.54 9.53 49.48
CA LYS B 106 -58.93 10.08 50.79
C LYS B 106 -59.96 9.22 51.54
N LYS B 107 -60.63 8.30 50.86
CA LYS B 107 -61.59 7.40 51.50
C LYS B 107 -61.06 5.95 51.59
N ASN B 108 -59.76 5.80 51.32
CA ASN B 108 -59.09 4.50 51.41
C ASN B 108 -57.97 4.58 52.43
N ASN B 109 -58.23 4.11 53.65
CA ASN B 109 -57.13 3.82 54.57
C ASN B 109 -56.22 2.86 53.83
N HIS B 110 -54.96 2.75 54.27
CA HIS B 110 -53.86 2.21 53.45
C HIS B 110 -53.20 3.36 52.75
N PHE B 111 -53.97 4.27 52.17
CA PHE B 111 -53.35 5.41 51.51
C PHE B 111 -52.36 6.07 52.45
N SER B 112 -51.14 6.29 51.95
CA SER B 112 -50.08 7.04 52.63
C SER B 112 -49.81 8.31 51.86
N ASP B 113 -49.84 9.45 52.54
CA ASP B 113 -49.66 10.73 51.87
C ASP B 113 -48.22 11.22 51.93
N TYR B 114 -47.27 10.33 52.27
CA TYR B 114 -45.89 10.75 52.45
C TYR B 114 -45.26 11.29 51.15
N LEU B 115 -45.45 10.58 50.04
CA LEU B 115 -44.90 11.03 48.76
C LEU B 115 -45.56 12.31 48.28
N ASP B 116 -46.87 12.46 48.53
CA ASP B 116 -47.59 13.68 48.16
C ASP B 116 -46.97 14.90 48.87
N LYS B 117 -46.63 14.72 50.16
CA LYS B 117 -46.02 15.77 50.96
C LYS B 117 -44.63 16.13 50.43
N LYS B 118 -43.82 15.10 50.13
CA LYS B 118 -42.46 15.32 49.63
C LYS B 118 -42.46 15.90 48.22
N THR B 119 -43.11 15.23 47.30
CA THR B 119 -43.09 15.66 45.89
C THR B 119 -43.97 16.89 45.59
N GLY B 120 -44.98 17.12 46.43
CA GLY B 120 -45.96 18.19 46.18
C GLY B 120 -47.13 17.80 45.29
N TYR B 121 -47.12 16.58 44.76
CA TYR B 121 -48.20 16.08 43.89
C TYR B 121 -49.45 15.73 44.68
N THR B 122 -50.62 15.98 44.11
CA THR B 122 -51.89 15.56 44.73
C THR B 122 -52.42 14.32 44.04
N THR B 123 -52.48 13.22 44.80
CA THR B 123 -53.01 11.97 44.29
C THR B 123 -54.47 11.88 44.66
N VAL B 124 -55.33 11.60 43.68
CA VAL B 124 -56.78 11.50 43.91
C VAL B 124 -57.28 10.07 43.75
N ASN B 125 -57.21 9.54 42.55
CA ASN B 125 -57.66 8.18 42.29
C ASN B 125 -56.55 7.39 41.63
N MET B 126 -56.77 6.09 41.50
CA MET B 126 -55.66 5.20 41.26
C MET B 126 -56.13 3.81 40.87
N MET B 127 -55.42 3.22 39.93
CA MET B 127 -55.48 1.79 39.70
C MET B 127 -54.13 1.28 40.10
N ALA B 128 -54.09 0.11 40.74
CA ALA B 128 -52.83 -0.46 41.20
C ALA B 128 -52.90 -1.96 41.03
N ILE B 129 -51.77 -2.53 40.63
CA ILE B 129 -51.69 -3.95 40.30
C ILE B 129 -50.29 -4.47 40.63
N PRO B 130 -50.20 -5.66 41.24
CA PRO B 130 -48.89 -6.22 41.54
C PRO B 130 -48.37 -7.11 40.40
N ILE B 131 -47.09 -6.98 40.08
CA ILE B 131 -46.46 -7.86 39.12
C ILE B 131 -45.77 -8.97 39.90
N THR B 132 -46.17 -10.21 39.66
CA THR B 132 -45.72 -11.34 40.46
C THR B 132 -44.83 -12.32 39.69
N GLN B 133 -44.03 -13.07 40.43
CA GLN B 133 -43.32 -14.25 39.93
C GLN B 133 -43.55 -15.33 40.98
N GLY B 134 -44.42 -16.29 40.66
CA GLY B 134 -44.81 -17.32 41.63
C GLY B 134 -45.41 -16.67 42.87
N LYS B 135 -44.95 -17.06 44.04
CA LYS B 135 -45.49 -16.55 45.30
C LYS B 135 -44.85 -15.23 45.77
N GLU B 136 -43.98 -14.64 44.94
CA GLU B 136 -43.22 -13.43 45.31
C GLU B 136 -43.49 -12.28 44.35
N VAL B 137 -43.57 -11.06 44.89
CA VAL B 137 -43.88 -9.86 44.12
C VAL B 137 -42.63 -9.10 43.67
N LEU B 138 -42.63 -8.67 42.41
CA LEU B 138 -41.49 -7.99 41.78
C LEU B 138 -41.70 -6.47 41.70
N ALA B 139 -42.95 -6.06 41.49
CA ALA B 139 -43.25 -4.66 41.36
C ALA B 139 -44.71 -4.37 41.62
N VAL B 140 -45.03 -3.09 41.77
CA VAL B 140 -46.41 -2.60 41.76
C VAL B 140 -46.46 -1.46 40.75
N VAL B 141 -47.42 -1.50 39.85
CA VAL B 141 -47.59 -0.49 38.81
C VAL B 141 -48.90 0.21 39.04
N MET B 142 -48.91 1.53 38.92
CA MET B 142 -50.16 2.27 39.02
C MET B 142 -50.35 3.36 37.97
N ALA B 143 -51.64 3.60 37.66
CA ALA B 143 -52.08 4.73 36.86
C ALA B 143 -52.78 5.70 37.79
N LEU B 144 -52.25 6.92 37.87
CA LEU B 144 -52.79 7.90 38.76
C LEU B 144 -53.62 8.95 38.03
N ASN B 145 -54.64 9.48 38.71
CA ASN B 145 -55.41 10.63 38.28
C ASN B 145 -55.99 10.60 36.87
N LYS B 146 -57.16 9.98 36.76
CA LYS B 146 -57.92 10.00 35.52
C LYS B 146 -58.26 11.43 35.16
N LEU B 147 -57.95 11.80 33.91
CA LEU B 147 -58.05 13.17 33.44
C LEU B 147 -59.44 13.58 32.93
N ASN B 148 -60.20 12.63 32.40
CA ASN B 148 -61.47 12.95 31.71
C ASN B 148 -62.69 12.28 32.35
N ALA B 149 -62.65 12.12 33.67
CA ALA B 149 -63.73 11.50 34.42
C ALA B 149 -63.32 11.46 35.89
N SER B 150 -64.32 11.30 36.75
CA SER B 150 -64.11 11.38 38.19
C SER B 150 -63.28 10.23 38.72
N GLU B 151 -63.24 9.12 37.96
CA GLU B 151 -62.50 7.92 38.36
C GLU B 151 -62.21 7.02 37.15
N PHE B 152 -61.32 6.05 37.33
CA PHE B 152 -61.05 5.06 36.29
C PHE B 152 -62.23 4.09 36.17
N SER B 153 -62.60 3.77 34.94
CA SER B 153 -63.79 2.97 34.66
C SER B 153 -63.51 1.48 34.83
N LYS B 154 -64.56 0.67 34.79
CA LYS B 154 -64.41 -0.78 34.72
C LYS B 154 -63.66 -1.11 33.42
N GLU B 155 -64.09 -0.52 32.33
CA GLU B 155 -63.46 -0.71 31.02
C GLU B 155 -61.97 -0.39 31.08
N ASP B 156 -61.63 0.72 31.75
CA ASP B 156 -60.23 1.09 31.99
C ASP B 156 -59.45 -0.01 32.71
N GLU B 157 -60.08 -0.69 33.66
CA GLU B 157 -59.46 -1.83 34.33
C GLU B 157 -59.03 -2.87 33.31
N GLU B 158 -59.90 -3.09 32.32
CA GLU B 158 -59.66 -4.14 31.32
C GLU B 158 -58.44 -3.84 30.46
N VAL B 159 -58.22 -2.56 30.15
CA VAL B 159 -57.11 -2.14 29.28
C VAL B 159 -55.77 -2.22 30.05
N PHE B 160 -55.74 -1.56 31.20
CA PHE B 160 -54.65 -1.68 32.16
C PHE B 160 -54.21 -3.13 32.37
N LYS B 161 -55.16 -4.00 32.68
CA LYS B 161 -54.86 -5.42 32.89
C LYS B 161 -54.29 -6.08 31.62
N LYS B 162 -54.82 -5.68 30.47
CA LYS B 162 -54.37 -6.18 29.18
C LYS B 162 -52.87 -5.86 28.96
N TYR B 163 -52.47 -4.61 29.21
CA TYR B 163 -51.07 -4.19 29.01
C TYR B 163 -50.13 -4.65 30.12
N LEU B 164 -50.69 -5.09 31.24
CA LEU B 164 -49.87 -5.51 32.36
C LEU B 164 -49.52 -7.00 32.34
N ASN B 165 -50.15 -7.78 31.45
CA ASN B 165 -49.62 -9.10 31.09
C ASN B 165 -48.26 -8.96 30.41
N PHE B 166 -48.14 -7.95 29.56
CA PHE B 166 -46.91 -7.70 28.81
C PHE B 166 -45.79 -7.23 29.73
N ILE B 167 -46.09 -6.23 30.57
CA ILE B 167 -45.09 -5.71 31.49
C ILE B 167 -44.57 -6.85 32.36
N SER B 168 -45.49 -7.62 32.91
CA SER B 168 -45.17 -8.83 33.67
C SER B 168 -44.14 -9.66 32.92
N LEU B 169 -44.46 -10.03 31.67
CA LEU B 169 -43.54 -10.83 30.86
C LEU B 169 -42.16 -10.19 30.84
N VAL B 170 -42.14 -8.91 30.52
CA VAL B 170 -40.89 -8.17 30.39
C VAL B 170 -40.12 -8.15 31.72
N LEU B 171 -40.82 -7.96 32.85
CA LEU B 171 -40.18 -7.99 34.17
C LEU B 171 -39.81 -9.40 34.62
N ARG B 172 -39.27 -10.19 33.69
CA ARG B 172 -38.73 -11.50 33.99
C ARG B 172 -37.59 -11.75 32.99
N GLN C 1 -41.42 4.62 13.02
CA GLN C 1 -40.98 3.28 13.29
C GLN C 1 -40.26 2.75 12.06
N LYS C 2 -40.67 3.23 10.90
CA LYS C 2 -40.11 2.81 9.62
C LYS C 2 -38.82 3.58 9.38
N LEU C 3 -38.93 4.88 9.47
CA LEU C 3 -37.80 5.77 9.37
C LEU C 3 -36.64 5.31 10.27
N LYS C 4 -36.95 4.99 11.54
CA LYS C 4 -35.93 4.56 12.50
C LYS C 4 -35.32 3.25 12.02
N CYS C 5 -36.12 2.49 11.30
CA CYS C 5 -35.73 1.18 10.82
C CYS C 5 -34.84 1.20 9.58
N GLU C 6 -34.99 2.21 8.71
CA GLU C 6 -34.14 2.29 7.53
C GLU C 6 -32.84 2.97 7.85
N CYS C 7 -32.50 3.02 9.12
CA CYS C 7 -31.25 3.64 9.44
C CYS C 7 -30.47 2.55 10.03
N GLN C 8 -31.05 1.86 11.00
CA GLN C 8 -30.36 0.72 11.58
C GLN C 8 -29.98 -0.15 10.41
N ALA C 9 -30.85 -0.11 9.39
CA ALA C 9 -30.66 -0.82 8.13
C ALA C 9 -29.37 -0.33 7.55
N LEU C 10 -29.37 0.93 7.16
CA LEU C 10 -28.19 1.58 6.63
C LEU C 10 -26.97 1.52 7.58
N LEU C 11 -27.21 1.64 8.88
CA LEU C 11 -26.11 1.61 9.84
C LEU C 11 -25.44 0.30 9.57
N GLN C 12 -26.26 -0.75 9.52
CA GLN C 12 -25.75 -2.08 9.20
C GLN C 12 -24.92 -2.13 7.94
N VAL C 13 -25.58 -1.79 6.83
CA VAL C 13 -24.99 -1.81 5.52
C VAL C 13 -23.77 -0.92 5.43
N ALA C 14 -23.77 0.21 6.13
CA ALA C 14 -22.57 1.05 6.11
C ALA C 14 -21.46 0.21 6.63
N LYS C 15 -21.71 -0.42 7.76
CA LYS C 15 -20.70 -1.25 8.38
C LYS C 15 -20.36 -2.54 7.62
N ASN C 16 -21.01 -2.79 6.50
CA ASN C 16 -20.70 -4.01 5.76
C ASN C 16 -19.94 -3.72 4.50
N LEU C 17 -20.24 -2.58 3.91
CA LEU C 17 -19.51 -2.12 2.73
C LEU C 17 -18.11 -1.64 3.20
N PHE C 18 -18.00 -1.09 4.41
CA PHE C 18 -16.71 -0.62 4.92
C PHE C 18 -15.71 -1.69 5.44
N THR C 19 -16.20 -2.92 5.58
CA THR C 19 -15.40 -4.07 5.93
C THR C 19 -14.86 -4.79 4.70
N HIS C 20 -15.00 -4.15 3.52
CA HIS C 20 -14.50 -4.67 2.26
C HIS C 20 -13.85 -3.61 1.39
N LEU C 21 -13.20 -2.63 1.99
CA LEU C 21 -12.50 -1.63 1.18
C LEU C 21 -11.32 -2.32 0.51
N ASP C 22 -10.97 -3.50 1.06
CA ASP C 22 -9.91 -4.44 0.60
C ASP C 22 -10.06 -4.84 -0.84
N ASP C 23 -11.30 -5.15 -1.19
CA ASP C 23 -11.64 -5.73 -2.44
C ASP C 23 -12.77 -5.07 -3.18
N VAL C 24 -12.42 -4.24 -4.14
CA VAL C 24 -13.42 -3.54 -4.90
C VAL C 24 -14.34 -4.54 -5.55
N SER C 25 -13.91 -5.78 -5.62
CA SER C 25 -14.70 -6.80 -6.29
C SER C 25 -15.73 -7.38 -5.34
N VAL C 26 -15.32 -7.58 -4.10
CA VAL C 26 -16.20 -8.13 -3.10
C VAL C 26 -17.12 -7.01 -2.73
N LEU C 27 -16.52 -5.84 -2.59
CA LEU C 27 -17.27 -4.66 -2.19
C LEU C 27 -18.34 -4.42 -3.24
N LEU C 28 -17.91 -4.39 -4.50
CA LEU C 28 -18.86 -4.19 -5.56
C LEU C 28 -20.02 -5.16 -5.47
N GLN C 29 -19.77 -6.37 -4.95
CA GLN C 29 -20.80 -7.38 -4.81
C GLN C 29 -21.76 -7.02 -3.70
N GLU C 30 -21.16 -6.61 -2.59
CA GLU C 30 -21.90 -6.23 -1.39
C GLU C 30 -22.93 -5.17 -1.75
N ILE C 31 -22.44 -4.14 -2.43
CA ILE C 31 -23.27 -3.04 -2.88
C ILE C 31 -24.49 -3.58 -3.60
N ILE C 32 -24.29 -4.61 -4.42
CA ILE C 32 -25.40 -5.24 -5.16
C ILE C 32 -26.36 -5.98 -4.25
N THR C 33 -25.85 -6.92 -3.45
CA THR C 33 -26.68 -7.66 -2.51
C THR C 33 -27.46 -6.62 -1.73
N GLU C 34 -26.76 -5.91 -0.85
CA GLU C 34 -27.37 -4.87 -0.04
C GLU C 34 -28.37 -4.00 -0.79
N ALA C 35 -28.00 -3.49 -1.96
CA ALA C 35 -28.88 -2.61 -2.73
C ALA C 35 -30.15 -3.31 -3.15
N ARG C 36 -30.09 -4.61 -3.27
CA ARG C 36 -31.24 -5.40 -3.68
C ARG C 36 -32.22 -5.67 -2.54
N ASN C 37 -31.71 -5.90 -1.34
CA ASN C 37 -32.56 -6.15 -0.17
C ASN C 37 -33.15 -4.87 0.38
N LEU C 38 -32.35 -3.80 0.32
CA LEU C 38 -32.78 -2.51 0.82
C LEU C 38 -34.00 -2.05 0.04
N SER C 39 -33.88 -2.04 -1.28
CA SER C 39 -35.00 -1.65 -2.08
C SER C 39 -35.94 -2.84 -2.35
N ASN C 40 -35.41 -4.06 -2.27
CA ASN C 40 -36.18 -5.28 -2.56
C ASN C 40 -36.34 -5.42 -4.08
N ALA C 41 -35.21 -5.40 -4.79
CA ALA C 41 -35.23 -5.51 -6.24
C ALA C 41 -35.06 -6.96 -6.65
N GLU C 42 -35.50 -7.30 -7.88
CA GLU C 42 -35.33 -8.65 -8.41
C GLU C 42 -33.82 -8.79 -8.73
N ILE C 43 -33.26 -7.69 -9.23
CA ILE C 43 -31.87 -7.67 -9.64
C ILE C 43 -31.20 -6.28 -9.69
N CYS C 44 -29.95 -6.22 -9.23
CA CYS C 44 -29.15 -5.00 -9.36
C CYS C 44 -27.84 -5.24 -10.13
N SER C 45 -27.49 -4.27 -10.97
CA SER C 45 -26.25 -4.32 -11.70
C SER C 45 -25.55 -2.99 -11.37
N VAL C 46 -24.24 -3.01 -11.31
CA VAL C 46 -23.53 -1.79 -10.97
C VAL C 46 -22.46 -1.43 -11.99
N PHE C 47 -22.51 -0.19 -12.47
CA PHE C 47 -21.56 0.30 -13.46
C PHE C 47 -20.57 1.31 -12.89
N LEU C 48 -19.30 1.10 -13.20
CA LEU C 48 -18.32 2.04 -12.73
C LEU C 48 -17.80 2.74 -13.93
N LEU C 49 -17.99 4.05 -13.95
CA LEU C 49 -17.50 4.89 -15.04
C LEU C 49 -16.00 4.64 -15.25
N ASP C 50 -15.65 4.27 -16.48
CA ASP C 50 -14.25 4.09 -16.88
C ASP C 50 -13.95 5.10 -17.98
N GLN C 51 -13.80 6.35 -17.55
CA GLN C 51 -13.52 7.45 -18.44
C GLN C 51 -14.71 7.95 -19.23
N ASN C 52 -14.90 7.41 -20.43
CA ASN C 52 -16.01 7.80 -21.27
C ASN C 52 -16.94 6.60 -21.49
N GLU C 53 -17.00 5.71 -20.51
CA GLU C 53 -17.84 4.54 -20.65
C GLU C 53 -18.13 3.82 -19.33
N LEU C 54 -19.26 3.11 -19.31
CA LEU C 54 -19.71 2.37 -18.15
C LEU C 54 -19.23 0.92 -18.19
N VAL C 55 -18.66 0.46 -17.08
CA VAL C 55 -18.18 -0.90 -17.00
C VAL C 55 -18.80 -1.59 -15.81
N ALA C 56 -19.88 -2.33 -16.05
CA ALA C 56 -20.49 -3.13 -15.00
C ALA C 56 -20.06 -4.52 -15.37
N LYS C 57 -18.86 -4.88 -14.92
CA LYS C 57 -18.30 -6.20 -15.21
C LYS C 57 -19.33 -7.20 -14.71
N VAL C 58 -19.85 -6.90 -13.52
CA VAL C 58 -20.87 -7.72 -12.87
C VAL C 58 -21.93 -8.33 -13.81
N SER C 68 -18.44 -14.56 -13.49
CA SER C 68 -18.31 -13.10 -13.57
C SER C 68 -17.53 -12.66 -14.80
N TYR C 69 -18.12 -11.76 -15.58
CA TYR C 69 -17.48 -11.23 -16.80
C TYR C 69 -17.28 -9.71 -16.74
N GLU C 70 -16.84 -9.15 -17.85
CA GLU C 70 -16.61 -7.71 -17.95
C GLU C 70 -17.46 -7.10 -19.07
N ILE C 71 -18.28 -6.10 -18.71
CA ILE C 71 -19.21 -5.44 -19.65
C ILE C 71 -19.00 -3.94 -19.84
N ARG C 72 -18.35 -3.56 -20.94
CA ARG C 72 -18.13 -2.16 -21.27
C ARG C 72 -19.35 -1.68 -22.03
N ILE C 73 -19.38 -0.39 -22.31
CA ILE C 73 -20.48 0.22 -23.02
C ILE C 73 -20.36 1.73 -22.94
N PRO C 74 -20.99 2.48 -23.88
CA PRO C 74 -20.81 3.93 -23.81
C PRO C 74 -21.47 4.55 -22.60
N ALA C 75 -20.69 5.39 -21.91
CA ALA C 75 -21.09 6.10 -20.69
C ALA C 75 -22.40 6.92 -20.77
N ASP C 76 -22.81 7.30 -21.98
CA ASP C 76 -24.03 8.10 -22.22
C ASP C 76 -25.18 7.32 -22.89
N GLN C 77 -24.95 6.05 -23.13
CA GLN C 77 -25.93 5.20 -23.78
C GLN C 77 -26.90 4.53 -22.84
N GLY C 78 -28.16 4.47 -23.28
CA GLY C 78 -29.26 3.84 -22.56
C GLY C 78 -29.62 4.48 -21.24
N ILE C 79 -30.24 3.70 -20.35
CA ILE C 79 -30.62 4.19 -19.04
C ILE C 79 -29.36 4.65 -18.28
N ALA C 80 -28.50 3.68 -17.99
CA ALA C 80 -27.24 3.90 -17.31
C ALA C 80 -26.52 5.15 -17.82
N GLY C 81 -26.34 5.24 -19.13
CA GLY C 81 -25.70 6.38 -19.75
C GLY C 81 -26.36 7.71 -19.42
N HIS C 82 -27.68 7.76 -19.49
CA HIS C 82 -28.38 9.00 -19.18
C HIS C 82 -28.08 9.42 -17.75
N VAL C 83 -28.51 8.57 -16.83
CA VAL C 83 -28.34 8.76 -15.38
C VAL C 83 -26.90 9.13 -15.07
N ALA C 84 -25.97 8.48 -15.76
CA ALA C 84 -24.56 8.75 -15.55
C ALA C 84 -24.18 10.13 -16.09
N THR C 85 -24.78 10.44 -17.22
CA THR C 85 -24.55 11.70 -17.89
C THR C 85 -25.14 12.82 -17.03
N THR C 86 -26.45 12.71 -16.77
CA THR C 86 -27.20 13.71 -16.02
C THR C 86 -26.92 13.83 -14.51
N GLY C 87 -26.37 12.76 -13.92
CA GLY C 87 -26.06 12.73 -12.50
C GLY C 87 -27.27 12.79 -11.58
N GLN C 88 -28.44 12.42 -12.10
CA GLN C 88 -29.68 12.43 -11.31
C GLN C 88 -30.51 11.14 -11.47
N ILE C 89 -30.99 10.62 -10.35
CA ILE C 89 -31.80 9.40 -10.30
C ILE C 89 -32.81 9.33 -11.46
N LEU C 90 -33.40 8.15 -11.65
CA LEU C 90 -34.42 7.95 -12.68
C LEU C 90 -35.36 6.82 -12.30
N ASN C 91 -36.65 7.12 -12.10
CA ASN C 91 -37.60 6.06 -11.74
C ASN C 91 -38.53 5.69 -12.87
N ILE C 92 -38.75 4.39 -13.01
CA ILE C 92 -39.58 3.80 -14.06
C ILE C 92 -40.62 2.86 -13.45
N PRO C 93 -41.91 3.14 -13.72
CA PRO C 93 -43.16 2.43 -13.40
C PRO C 93 -43.23 1.21 -14.33
N ASP C 94 -43.31 1.48 -15.64
CA ASP C 94 -43.25 0.45 -16.70
C ASP C 94 -42.03 0.87 -17.51
N ALA C 95 -41.25 -0.13 -17.95
CA ALA C 95 -40.02 0.12 -18.70
C ALA C 95 -40.28 0.28 -20.19
N TYR C 96 -41.43 -0.24 -20.61
CA TYR C 96 -41.87 -0.26 -21.99
C TYR C 96 -42.50 1.06 -22.46
N ARG C 112 -38.36 -11.07 -17.93
CA ARG C 112 -39.35 -10.73 -16.91
C ARG C 112 -39.20 -9.29 -16.46
N THR C 113 -39.00 -8.38 -17.41
CA THR C 113 -38.84 -6.95 -17.10
C THR C 113 -40.04 -6.39 -16.33
N ARG C 114 -40.13 -5.06 -16.35
CA ARG C 114 -41.19 -4.25 -15.75
C ARG C 114 -40.64 -2.87 -15.41
N ASN C 115 -40.26 -2.66 -14.15
CA ASN C 115 -39.73 -1.37 -13.72
C ASN C 115 -38.21 -1.34 -13.55
N ILE C 116 -37.67 -0.14 -13.40
CA ILE C 116 -36.24 0.08 -13.20
C ILE C 116 -35.98 1.35 -12.42
N LEU C 117 -35.32 1.19 -11.27
CA LEU C 117 -34.85 2.34 -10.51
C LEU C 117 -33.35 2.37 -10.74
N CYS C 118 -32.88 3.47 -11.31
CA CYS C 118 -31.45 3.61 -11.59
C CYS C 118 -30.92 4.89 -10.97
N PHE C 119 -29.78 4.78 -10.30
CA PHE C 119 -29.20 5.93 -9.64
C PHE C 119 -27.68 6.08 -9.80
N PRO C 120 -27.20 7.33 -9.76
CA PRO C 120 -25.80 7.75 -9.90
C PRO C 120 -24.96 7.41 -8.68
N ILE C 121 -23.65 7.61 -8.76
CA ILE C 121 -22.78 7.36 -7.61
C ILE C 121 -22.00 8.59 -7.12
N LYS C 122 -21.31 9.26 -8.03
CA LYS C 122 -20.62 10.51 -7.70
C LYS C 122 -19.72 10.48 -6.46
N ASN C 123 -18.63 11.26 -6.54
CA ASN C 123 -17.64 11.31 -5.49
C ASN C 123 -17.76 12.56 -4.65
N GLU C 124 -16.72 12.80 -3.84
CA GLU C 124 -16.66 13.91 -2.91
C GLU C 124 -17.24 15.19 -3.44
N ASN C 125 -17.05 15.41 -4.74
CA ASN C 125 -17.59 16.59 -5.39
C ASN C 125 -19.05 16.37 -5.76
N GLN C 126 -19.26 15.63 -6.82
CA GLN C 126 -20.59 15.31 -7.26
C GLN C 126 -20.35 14.72 -8.60
N GLU C 127 -19.10 14.30 -8.76
CA GLU C 127 -18.69 13.63 -9.98
C GLU C 127 -19.21 12.19 -10.02
N VAL C 128 -20.30 11.93 -10.75
CA VAL C 128 -20.82 10.58 -10.91
C VAL C 128 -19.62 9.69 -11.25
N ILE C 129 -19.35 8.73 -10.38
CA ILE C 129 -18.20 7.85 -10.52
C ILE C 129 -18.61 6.43 -10.93
N GLY C 130 -19.91 6.17 -10.88
CA GLY C 130 -20.50 4.87 -11.18
C GLY C 130 -22.01 5.01 -11.18
N VAL C 131 -22.71 3.94 -11.49
CA VAL C 131 -24.15 3.98 -11.60
C VAL C 131 -24.72 2.61 -11.30
N ALA C 132 -25.88 2.57 -10.66
CA ALA C 132 -26.52 1.29 -10.39
C ALA C 132 -28.01 1.26 -10.73
N GLU C 133 -28.45 0.15 -11.31
CA GLU C 133 -29.86 0.00 -11.63
C GLU C 133 -30.52 -1.25 -11.06
N LEU C 134 -31.69 -1.04 -10.46
CA LEU C 134 -32.46 -2.13 -9.89
C LEU C 134 -33.63 -2.40 -10.81
N VAL C 135 -33.91 -3.68 -11.02
CA VAL C 135 -35.00 -4.06 -11.88
C VAL C 135 -36.12 -4.82 -11.17
N ASN C 136 -37.35 -4.43 -11.49
CA ASN C 136 -38.53 -5.10 -10.99
C ASN C 136 -38.62 -5.13 -9.49
N LYS C 137 -39.75 -4.62 -9.00
CA LYS C 137 -40.03 -4.63 -7.58
C LYS C 137 -40.68 -5.95 -7.15
N ILE C 138 -40.29 -6.44 -5.97
CA ILE C 138 -40.87 -7.65 -5.41
C ILE C 138 -42.01 -7.15 -4.53
N ASN C 139 -43.18 -7.76 -4.66
CA ASN C 139 -44.39 -7.33 -3.96
C ASN C 139 -44.67 -5.88 -4.29
N GLY C 140 -44.91 -5.58 -5.57
CA GLY C 140 -45.15 -4.19 -5.92
C GLY C 140 -45.23 -3.81 -7.38
N PRO C 141 -45.88 -2.68 -7.64
CA PRO C 141 -46.03 -2.20 -9.02
C PRO C 141 -44.77 -1.53 -9.53
N TRP C 142 -44.03 -0.90 -8.63
CA TRP C 142 -42.82 -0.15 -8.98
C TRP C 142 -41.90 0.16 -7.80
N PHE C 143 -41.34 1.37 -7.82
CA PHE C 143 -40.45 1.80 -6.76
C PHE C 143 -41.04 2.94 -5.95
N SER C 144 -41.29 2.65 -4.67
CA SER C 144 -41.84 3.64 -3.74
C SER C 144 -41.02 4.88 -3.91
N LYS C 145 -41.68 6.03 -4.07
CA LYS C 145 -40.95 7.28 -4.20
C LYS C 145 -40.15 7.52 -2.92
N PHE C 146 -40.24 6.54 -2.03
CA PHE C 146 -39.48 6.48 -0.78
C PHE C 146 -38.25 5.62 -1.14
N ASP C 147 -38.49 4.65 -2.01
CA ASP C 147 -37.42 3.83 -2.54
C ASP C 147 -36.78 4.78 -3.53
N GLU C 148 -35.97 5.71 -3.04
CA GLU C 148 -35.34 6.69 -3.91
C GLU C 148 -34.48 7.51 -2.99
N ASP C 149 -35.10 7.99 -1.91
CA ASP C 149 -34.39 8.75 -0.89
C ASP C 149 -33.61 7.74 -0.07
N LEU C 150 -34.13 6.51 -0.05
CA LEU C 150 -33.48 5.41 0.62
C LEU C 150 -32.36 4.98 -0.31
N ALA C 151 -32.63 4.95 -1.59
CA ALA C 151 -31.60 4.60 -2.55
C ALA C 151 -30.53 5.69 -2.60
N THR C 152 -30.94 6.93 -2.47
CA THR C 152 -29.99 8.03 -2.48
C THR C 152 -29.16 7.94 -1.21
N ALA C 153 -29.81 7.58 -0.11
CA ALA C 153 -29.11 7.50 1.16
C ALA C 153 -27.98 6.51 0.99
N PHE C 154 -28.34 5.29 0.60
CA PHE C 154 -27.42 4.19 0.36
C PHE C 154 -26.31 4.67 -0.57
N SER C 155 -26.74 5.25 -1.68
CA SER C 155 -25.85 5.69 -2.73
C SER C 155 -24.75 6.62 -2.30
N ILE C 156 -24.83 7.12 -1.08
CA ILE C 156 -23.77 8.00 -0.56
C ILE C 156 -22.71 7.06 -0.08
N TYR C 157 -23.11 5.97 0.55
CA TYR C 157 -22.17 5.07 1.09
C TYR C 157 -21.48 4.25 0.02
N CYS C 158 -22.15 4.09 -1.11
CA CYS C 158 -21.56 3.40 -2.25
C CYS C 158 -20.44 4.23 -2.89
N GLY C 159 -20.68 5.53 -3.04
CA GLY C 159 -19.72 6.47 -3.61
C GLY C 159 -18.55 6.65 -2.68
N ILE C 160 -18.81 6.78 -1.39
CA ILE C 160 -17.77 6.89 -0.36
C ILE C 160 -16.89 5.68 -0.39
N SER C 161 -17.48 4.50 -0.39
CA SER C 161 -16.72 3.27 -0.37
C SER C 161 -16.04 2.90 -1.69
N ILE C 162 -16.72 3.10 -2.81
CA ILE C 162 -16.09 2.78 -4.09
C ILE C 162 -14.90 3.69 -4.25
N ALA C 163 -15.10 4.97 -4.03
CA ALA C 163 -14.03 5.95 -4.17
C ALA C 163 -12.75 5.56 -3.42
N HIS C 164 -12.87 5.21 -2.16
CA HIS C 164 -11.67 4.86 -1.45
C HIS C 164 -11.18 3.53 -1.90
N SER C 165 -12.09 2.59 -2.08
CA SER C 165 -11.76 1.21 -2.52
C SER C 165 -10.91 1.11 -3.77
N LEU C 166 -11.20 1.98 -4.75
CA LEU C 166 -10.42 2.05 -5.98
C LEU C 166 -9.11 2.75 -5.69
N LEU C 167 -9.19 3.87 -5.02
CA LEU C 167 -8.03 4.64 -4.68
C LEU C 167 -7.00 3.87 -3.89
N TYR C 168 -7.40 2.70 -3.39
CA TYR C 168 -6.54 1.85 -2.55
C TYR C 168 -5.99 0.74 -3.42
N LYS C 169 -6.75 0.36 -4.43
CA LYS C 169 -6.25 -0.61 -5.37
C LYS C 169 -5.06 0.03 -6.08
N LYS C 170 -5.27 1.20 -6.67
CA LYS C 170 -4.23 1.94 -7.41
C LYS C 170 -2.88 1.91 -6.73
N VAL C 171 -2.87 2.13 -5.42
CA VAL C 171 -1.64 2.08 -4.62
C VAL C 171 -1.08 0.66 -4.59
N ASN C 172 -1.80 -0.24 -3.97
CA ASN C 172 -1.37 -1.61 -3.93
C ASN C 172 -0.89 -2.15 -5.28
N GLU C 173 -1.54 -1.79 -6.37
CA GLU C 173 -1.08 -2.23 -7.68
C GLU C 173 0.31 -1.67 -7.87
N ALA C 174 0.39 -0.34 -7.97
CA ALA C 174 1.65 0.38 -8.17
C ALA C 174 2.74 -0.11 -7.27
N GLN C 175 2.52 0.08 -5.98
CA GLN C 175 3.47 -0.28 -4.95
C GLN C 175 4.00 -1.69 -5.15
N TYR C 176 3.20 -2.54 -5.78
CA TYR C 176 3.60 -3.93 -6.01
C TYR C 176 4.65 -3.92 -7.12
N ARG C 177 4.29 -3.36 -8.28
CA ARG C 177 5.19 -3.20 -9.42
C ARG C 177 6.50 -2.59 -8.91
N SER C 178 6.42 -1.72 -7.92
CA SER C 178 7.60 -1.01 -7.39
C SER C 178 8.58 -1.98 -6.82
N HIS C 179 8.10 -3.07 -6.24
CA HIS C 179 9.02 -4.01 -5.59
C HIS C 179 9.39 -5.17 -6.48
N LEU C 180 8.53 -5.48 -7.45
CA LEU C 180 8.77 -6.54 -8.43
C LEU C 180 10.11 -6.18 -8.99
N ALA C 181 10.27 -4.86 -9.21
CA ALA C 181 11.48 -4.23 -9.70
C ALA C 181 12.53 -4.25 -8.63
N ASN C 182 12.21 -3.75 -7.44
CA ASN C 182 13.21 -3.76 -6.40
C ASN C 182 13.69 -5.14 -6.05
N GLU C 183 12.89 -6.18 -6.14
CA GLU C 183 13.52 -7.45 -5.81
C GLU C 183 14.52 -7.80 -6.90
N MET C 184 14.40 -7.15 -8.05
CA MET C 184 15.35 -7.36 -9.14
C MET C 184 16.76 -6.89 -8.76
N MET C 185 16.88 -5.74 -8.08
CA MET C 185 18.18 -5.23 -7.60
C MET C 185 18.69 -6.16 -6.52
N GLN D 1 -36.23 6.35 23.47
CA GLN D 1 -35.84 7.57 22.84
C GLN D 1 -34.35 7.76 23.03
N LYS D 2 -33.83 7.25 24.12
CA LYS D 2 -32.42 7.38 24.49
C LYS D 2 -31.65 6.30 23.74
N LEU D 3 -32.09 5.07 23.90
CA LEU D 3 -31.53 3.95 23.20
C LEU D 3 -31.40 4.24 21.69
N LYS D 4 -32.47 4.76 21.08
CA LYS D 4 -32.47 5.07 19.65
C LYS D 4 -31.42 6.13 19.36
N CYS D 5 -31.19 6.97 20.35
CA CYS D 5 -30.27 8.08 20.23
C CYS D 5 -28.80 7.71 20.36
N GLU D 6 -28.48 6.67 21.13
CA GLU D 6 -27.08 6.24 21.25
C GLU D 6 -26.70 5.33 20.14
N CYS D 7 -27.45 5.34 19.05
CA CYS D 7 -27.09 4.50 17.97
C CYS D 7 -26.80 5.44 16.88
N GLN D 8 -27.72 6.36 16.63
CA GLN D 8 -27.47 7.37 15.61
C GLN D 8 -26.13 7.99 16.00
N ALA D 9 -25.91 8.04 17.31
CA ALA D 9 -24.68 8.52 17.91
C ALA D 9 -23.56 7.68 17.35
N LEU D 10 -23.57 6.41 17.73
CA LEU D 10 -22.60 5.45 17.24
C LEU D 10 -22.57 5.34 15.71
N LEU D 11 -23.73 5.44 15.06
CA LEU D 11 -23.78 5.31 13.60
C LEU D 11 -22.85 6.41 13.14
N GLN D 12 -23.06 7.60 13.67
CA GLN D 12 -22.19 8.73 13.37
C GLN D 12 -20.72 8.43 13.54
N VAL D 13 -20.37 8.12 14.79
CA VAL D 13 -19.00 7.86 15.19
C VAL D 13 -18.42 6.70 14.41
N ALA D 14 -19.21 5.70 14.08
CA ALA D 14 -18.66 4.60 13.27
C ALA D 14 -18.18 5.22 12.00
N LYS D 15 -19.03 6.02 11.40
CA LYS D 15 -18.69 6.65 10.15
C LYS D 15 -17.60 7.73 10.25
N ASN D 16 -17.07 7.99 11.44
CA ASN D 16 -16.04 9.02 11.57
C ASN D 16 -14.70 8.41 11.82
N LEU D 17 -14.70 7.29 12.54
CA LEU D 17 -13.49 6.56 12.79
C LEU D 17 -13.10 5.82 11.48
N PHE D 18 -14.09 5.41 10.68
CA PHE D 18 -13.80 4.72 9.41
C PHE D 18 -13.31 5.58 8.21
N THR D 19 -13.43 6.90 8.37
CA THR D 19 -12.93 7.87 7.41
C THR D 19 -11.49 8.29 7.73
N HIS D 20 -10.85 7.57 8.66
CA HIS D 20 -9.47 7.80 9.04
C HIS D 20 -8.67 6.52 9.22
N LEU D 21 -8.96 5.50 8.43
CA LEU D 21 -8.17 4.27 8.53
C LEU D 21 -6.77 4.59 7.99
N ASP D 22 -6.69 5.71 7.25
CA ASP D 22 -5.47 6.32 6.64
C ASP D 22 -4.37 6.56 7.65
N ASP D 23 -4.80 7.11 8.78
CA ASP D 23 -3.91 7.61 9.80
C ASP D 23 -4.20 7.14 11.19
N VAL D 24 -3.47 6.13 11.62
CA VAL D 24 -3.66 5.60 12.94
C VAL D 24 -3.50 6.70 13.96
N SER D 25 -2.88 7.79 13.55
CA SER D 25 -2.61 8.87 14.47
C SER D 25 -3.82 9.80 14.58
N VAL D 26 -4.46 10.03 13.46
CA VAL D 26 -5.63 10.89 13.44
C VAL D 26 -6.73 10.07 14.00
N LEU D 27 -6.76 8.81 13.58
CA LEU D 27 -7.79 7.89 14.01
C LEU D 27 -7.70 7.80 15.52
N LEU D 28 -6.50 7.51 16.01
CA LEU D 28 -6.33 7.41 17.43
C LEU D 28 -6.87 8.63 18.15
N GLN D 29 -6.82 9.79 17.51
CA GLN D 29 -7.31 11.03 18.10
C GLN D 29 -8.82 11.03 18.14
N GLU D 30 -9.40 10.62 17.01
CA GLU D 30 -10.85 10.58 16.84
C GLU D 30 -11.45 9.75 17.96
N ILE D 31 -10.88 8.57 18.14
CA ILE D 31 -11.31 7.64 19.16
C ILE D 31 -11.39 8.36 20.51
N ILE D 32 -10.40 9.20 20.77
CA ILE D 32 -10.36 9.98 22.03
C ILE D 32 -11.46 11.03 22.09
N THR D 33 -11.52 11.91 21.09
CA THR D 33 -12.57 12.93 21.04
C THR D 33 -13.88 12.20 21.23
N GLU D 34 -14.28 11.46 20.22
CA GLU D 34 -15.52 10.69 20.26
C GLU D 34 -15.78 9.99 21.59
N ALA D 35 -14.78 9.27 22.11
CA ALA D 35 -14.95 8.54 23.37
C ALA D 35 -15.24 9.45 24.54
N ARG D 36 -14.80 10.69 24.43
CA ARG D 36 -15.00 11.66 25.48
C ARG D 36 -16.39 12.29 25.47
N ASN D 37 -16.93 12.53 24.28
CA ASN D 37 -18.28 13.10 24.16
C ASN D 37 -19.36 12.07 24.38
N LEU D 38 -19.09 10.85 23.92
CA LEU D 38 -20.04 9.77 24.05
C LEU D 38 -20.30 9.52 25.53
N SER D 39 -19.23 9.31 26.28
CA SER D 39 -19.41 9.10 27.69
C SER D 39 -19.49 10.43 28.46
N ASN D 40 -18.93 11.49 27.88
CA ASN D 40 -18.88 12.82 28.53
C ASN D 40 -17.80 12.80 29.61
N ALA D 41 -16.58 12.45 29.21
CA ALA D 41 -15.47 12.38 30.15
C ALA D 41 -14.70 13.70 30.14
N GLU D 42 -13.98 13.98 31.22
CA GLU D 42 -13.14 15.18 31.30
C GLU D 42 -11.94 14.92 30.36
N ILE D 43 -11.50 13.68 30.36
CA ILE D 43 -10.34 13.28 29.57
C ILE D 43 -10.23 11.78 29.23
N CYS D 44 -9.82 11.49 28.00
CA CYS D 44 -9.53 10.12 27.59
C CYS D 44 -8.10 9.95 27.08
N SER D 45 -7.48 8.83 27.45
CA SER D 45 -6.16 8.51 26.98
C SER D 45 -6.30 7.11 26.37
N VAL D 46 -5.54 6.82 25.32
CA VAL D 46 -5.66 5.53 24.70
C VAL D 46 -4.32 4.81 24.58
N PHE D 47 -4.28 3.57 25.06
CA PHE D 47 -3.08 2.75 25.02
C PHE D 47 -3.14 1.62 24.01
N LEU D 48 -2.09 1.49 23.22
CA LEU D 48 -2.07 0.41 22.27
C LEU D 48 -1.01 -0.53 22.73
N LEU D 49 -1.43 -1.75 23.01
CA LEU D 49 -0.51 -2.80 23.41
C LEU D 49 0.62 -2.94 22.40
N ASP D 50 1.86 -2.80 22.88
CA ASP D 50 3.06 -3.00 22.05
C ASP D 50 3.82 -4.19 22.64
N GLN D 51 3.30 -5.37 22.38
CA GLN D 51 3.88 -6.60 22.86
C GLN D 51 3.63 -6.90 24.32
N ASN D 52 4.54 -6.48 25.18
CA ASN D 52 4.42 -6.70 26.60
C ASN D 52 4.30 -5.36 27.33
N GLU D 53 3.73 -4.37 26.65
CA GLU D 53 3.60 -3.06 27.26
C GLU D 53 2.61 -2.14 26.55
N LEU D 54 2.08 -1.20 27.32
CA LEU D 54 1.10 -0.23 26.85
C LEU D 54 1.76 1.05 26.36
N VAL D 55 1.39 1.49 25.16
CA VAL D 55 1.95 2.70 24.61
C VAL D 55 0.83 3.66 24.24
N ALA D 56 0.54 4.60 25.14
CA ALA D 56 -0.44 5.63 24.86
C ALA D 56 0.43 6.84 24.62
N LYS D 57 0.91 6.96 23.39
CA LYS D 57 1.78 8.06 23.01
C LYS D 57 1.02 9.33 23.37
N VAL D 58 -0.26 9.31 23.02
CA VAL D 58 -1.17 10.40 23.30
C VAL D 58 -0.96 11.13 24.64
N SER D 68 2.41 16.36 21.16
CA SER D 68 2.20 14.93 21.26
C SER D 68 3.50 14.17 21.51
N TYR D 69 3.52 13.35 22.55
CA TYR D 69 4.68 12.54 22.91
C TYR D 69 4.41 11.04 22.86
N GLU D 70 5.39 10.25 23.30
CA GLU D 70 5.25 8.81 23.34
C GLU D 70 5.43 8.27 24.77
N ILE D 71 4.42 7.55 25.26
CA ILE D 71 4.41 7.01 26.63
C ILE D 71 4.32 5.49 26.75
N ARG D 72 5.46 4.85 27.01
CA ARG D 72 5.51 3.40 27.19
C ARG D 72 5.22 3.13 28.66
N ILE D 73 5.10 1.85 29.00
CA ILE D 73 4.83 1.44 30.35
C ILE D 73 4.48 -0.04 30.36
N PRO D 74 4.63 -0.73 31.51
CA PRO D 74 4.34 -2.16 31.48
C PRO D 74 2.87 -2.47 31.26
N ALA D 75 2.62 -3.38 30.33
CA ALA D 75 1.28 -3.82 29.92
C ALA D 75 0.35 -4.33 31.04
N ASP D 76 0.94 -4.74 32.17
CA ASP D 76 0.18 -5.25 33.33
C ASP D 76 0.16 -4.33 34.55
N GLN D 77 0.79 -3.17 34.39
CA GLN D 77 0.89 -2.20 35.47
C GLN D 77 -0.25 -1.22 35.54
N GLY D 78 -0.68 -0.92 36.77
CA GLY D 78 -1.74 0.03 37.08
C GLY D 78 -3.11 -0.35 36.56
N ILE D 79 -3.97 0.65 36.39
CA ILE D 79 -5.31 0.42 35.88
C ILE D 79 -5.23 -0.23 34.49
N ALA D 80 -4.69 0.55 33.55
CA ALA D 80 -4.49 0.13 32.17
C ALA D 80 -3.97 -1.31 32.08
N GLY D 81 -2.88 -1.59 32.79
CA GLY D 81 -2.30 -2.92 32.82
C GLY D 81 -3.27 -4.01 33.25
N HIS D 82 -4.03 -3.77 34.31
CA HIS D 82 -4.99 -4.76 34.76
C HIS D 82 -5.99 -5.06 33.65
N VAL D 83 -6.75 -4.03 33.30
CA VAL D 83 -7.78 -4.09 32.26
C VAL D 83 -7.23 -4.73 31.01
N ALA D 84 -6.00 -4.41 30.68
CA ALA D 84 -5.34 -4.96 29.50
C ALA D 84 -5.04 -6.45 29.69
N THR D 85 -4.62 -6.75 30.92
CA THR D 85 -4.27 -8.10 31.30
C THR D 85 -5.56 -8.94 31.32
N THR D 86 -6.53 -8.50 32.12
CA THR D 86 -7.79 -9.20 32.31
C THR D 86 -8.78 -9.19 31.13
N GLY D 87 -8.65 -8.23 30.23
CA GLY D 87 -9.52 -8.11 29.07
C GLY D 87 -10.97 -7.76 29.41
N GLN D 88 -11.20 -7.20 30.60
CA GLN D 88 -12.55 -6.82 31.03
C GLN D 88 -12.63 -5.42 31.62
N ILE D 89 -13.65 -4.66 31.22
CA ILE D 89 -13.88 -3.30 31.68
C ILE D 89 -13.61 -3.13 33.17
N LEU D 90 -13.53 -1.88 33.63
CA LEU D 90 -13.33 -1.58 35.05
C LEU D 90 -13.93 -0.21 35.40
N ASN D 91 -14.94 -0.18 36.28
CA ASN D 91 -15.53 1.11 36.66
C ASN D 91 -15.15 1.53 38.07
N ILE D 92 -14.86 2.83 38.19
CA ILE D 92 -14.44 3.46 39.43
C ILE D 92 -15.31 4.68 39.74
N PRO D 93 -15.97 4.68 40.91
CA PRO D 93 -16.79 5.69 41.58
C PRO D 93 -15.83 6.78 42.10
N ASP D 94 -14.97 6.38 43.04
CA ASP D 94 -13.88 7.22 43.57
C ASP D 94 -12.63 6.45 43.21
N ALA D 95 -11.59 7.17 42.81
CA ALA D 95 -10.33 6.56 42.37
C ALA D 95 -9.40 6.29 43.55
N TYR D 96 -9.66 7.01 44.64
CA TYR D 96 -8.87 6.97 45.86
C TYR D 96 -9.21 5.78 46.77
N ARG D 112 -7.22 17.08 39.48
CA ARG D 112 -8.67 17.09 39.61
C ARG D 112 -9.26 15.72 39.35
N THR D 113 -8.64 14.69 39.90
CA THR D 113 -9.11 13.31 39.73
C THR D 113 -10.57 13.14 40.21
N ARG D 114 -10.92 11.87 40.42
CA ARG D 114 -12.22 11.40 40.91
C ARG D 114 -12.46 9.98 40.42
N ASN D 115 -13.24 9.84 39.34
CA ASN D 115 -13.55 8.52 38.79
C ASN D 115 -12.76 8.17 37.54
N ILE D 116 -12.83 6.90 37.17
CA ILE D 116 -12.16 6.38 35.96
C ILE D 116 -12.90 5.20 35.39
N LEU D 117 -13.32 5.33 34.14
CA LEU D 117 -13.89 4.21 33.41
C LEU D 117 -12.82 3.80 32.42
N CYS D 118 -12.36 2.56 32.54
CA CYS D 118 -11.31 2.06 31.66
C CYS D 118 -11.76 0.77 30.99
N PHE D 119 -11.55 0.70 29.67
CA PHE D 119 -11.97 -0.46 28.93
C PHE D 119 -10.96 -0.98 27.90
N PRO D 120 -10.99 -2.28 27.63
CA PRO D 120 -10.13 -3.04 26.70
C PRO D 120 -10.46 -2.75 25.24
N ILE D 121 -9.64 -3.26 24.32
CA ILE D 121 -9.94 -3.09 22.89
C ILE D 121 -10.12 -4.39 22.11
N LYS D 122 -9.16 -5.31 22.25
CA LYS D 122 -9.29 -6.63 21.63
C LYS D 122 -9.67 -6.67 20.15
N ASN D 123 -9.14 -7.67 19.46
CA ASN D 123 -9.34 -7.83 18.03
C ASN D 123 -10.35 -8.91 17.71
N GLU D 124 -10.38 -9.27 16.43
CA GLU D 124 -11.33 -10.26 15.90
C GLU D 124 -11.58 -11.43 16.81
N ASN D 125 -10.53 -11.84 17.52
CA ASN D 125 -10.65 -12.93 18.46
C ASN D 125 -11.22 -12.43 19.79
N GLN D 126 -10.36 -11.79 20.57
CA GLN D 126 -10.77 -11.22 21.82
C GLN D 126 -9.47 -10.87 22.44
N GLU D 127 -8.48 -10.76 21.56
CA GLU D 127 -7.15 -10.37 21.96
C GLU D 127 -7.08 -8.86 22.23
N VAL D 128 -7.15 -8.45 23.50
CA VAL D 128 -7.01 -7.04 23.86
C VAL D 128 -5.81 -6.49 23.09
N ILE D 129 -6.08 -5.53 22.22
CA ILE D 129 -5.06 -4.96 21.34
C ILE D 129 -4.66 -3.54 21.77
N GLY D 130 -5.43 -2.99 22.70
CA GLY D 130 -5.25 -1.63 23.21
C GLY D 130 -6.20 -1.43 24.37
N VAL D 131 -6.13 -0.26 24.99
CA VAL D 131 -6.94 0.02 26.16
C VAL D 131 -7.19 1.51 26.26
N ALA D 132 -8.37 1.90 26.72
CA ALA D 132 -8.67 3.31 26.91
C ALA D 132 -9.30 3.64 28.25
N GLU D 133 -8.87 4.75 28.84
CA GLU D 133 -9.44 5.18 30.10
C GLU D 133 -9.98 6.61 30.12
N LEU D 134 -11.20 6.75 30.64
CA LEU D 134 -11.84 8.05 30.74
C LEU D 134 -11.78 8.47 32.18
N VAL D 135 -11.50 9.74 32.41
CA VAL D 135 -11.42 10.25 33.76
C VAL D 135 -12.45 11.33 34.07
N ASN D 136 -13.05 11.21 35.25
CA ASN D 136 -13.99 12.18 35.75
C ASN D 136 -15.17 12.41 34.86
N LYS D 137 -16.35 12.23 35.45
CA LYS D 137 -17.59 12.48 34.74
C LYS D 137 -18.00 13.96 34.82
N ILE D 138 -18.53 14.48 33.72
CA ILE D 138 -19.02 15.86 33.67
C ILE D 138 -20.50 15.74 34.01
N ASN D 139 -20.97 16.59 34.93
CA ASN D 139 -22.34 16.54 35.43
C ASN D 139 -22.60 15.14 36.01
N GLY D 140 -21.86 14.77 37.06
CA GLY D 140 -22.08 13.43 37.59
C GLY D 140 -21.12 12.91 38.63
N PRO D 141 -21.57 11.94 39.42
CA PRO D 141 -20.75 11.35 40.48
C PRO D 141 -19.75 10.34 39.91
N TRP D 142 -20.14 9.67 38.83
CA TRP D 142 -19.30 8.63 38.22
C TRP D 142 -19.72 8.26 36.79
N PHE D 143 -19.64 6.95 36.50
CA PHE D 143 -20.01 6.47 35.19
C PHE D 143 -21.26 5.60 35.23
N SER D 144 -22.31 6.09 34.57
CA SER D 144 -23.58 5.39 34.49
C SER D 144 -23.25 3.96 34.09
N LYS D 145 -23.81 2.99 34.81
CA LYS D 145 -23.56 1.59 34.48
C LYS D 145 -24.09 1.35 33.08
N PHE D 146 -24.59 2.41 32.46
CA PHE D 146 -25.06 2.44 31.08
C PHE D 146 -23.84 2.94 30.29
N ASP D 147 -23.08 3.82 30.94
CA ASP D 147 -21.84 4.31 30.38
C ASP D 147 -20.93 3.13 30.62
N GLU D 148 -21.03 2.11 29.79
CA GLU D 148 -20.22 0.91 29.98
C GLU D 148 -20.59 0.03 28.81
N ASP D 149 -21.90 -0.17 28.63
CA ASP D 149 -22.43 -0.94 27.51
C ASP D 149 -22.31 -0.04 26.30
N LEU D 150 -22.36 1.27 26.56
CA LEU D 150 -22.20 2.25 25.52
C LEU D 150 -20.72 2.30 25.21
N ALA D 151 -19.91 2.24 26.25
CA ALA D 151 -18.48 2.23 26.05
C ALA D 151 -18.04 0.93 25.38
N THR D 152 -18.68 -0.18 25.74
CA THR D 152 -18.36 -1.45 25.13
C THR D 152 -18.79 -1.40 23.68
N ALA D 153 -19.93 -0.78 23.42
CA ALA D 153 -20.46 -0.71 22.07
C ALA D 153 -19.40 -0.03 21.22
N PHE D 154 -19.03 1.17 21.63
CA PHE D 154 -18.02 2.01 20.97
C PHE D 154 -16.76 1.18 20.78
N SER D 155 -16.32 0.58 21.87
CA SER D 155 -15.10 -0.18 21.91
C SER D 155 -14.96 -1.27 20.90
N ILE D 156 -16.06 -1.60 20.22
CA ILE D 156 -16.01 -2.63 19.18
C ILE D 156 -15.50 -1.91 17.96
N TYR D 157 -15.97 -0.69 17.77
CA TYR D 157 -15.58 0.03 16.59
C TYR D 157 -14.16 0.53 16.69
N CYS D 158 -13.68 0.70 17.91
CA CYS D 158 -12.29 1.10 18.11
C CYS D 158 -11.32 -0.04 17.76
N GLY D 159 -11.67 -1.26 18.18
CA GLY D 159 -10.88 -2.45 17.92
C GLY D 159 -10.90 -2.79 16.44
N ILE D 160 -12.08 -2.69 15.83
CA ILE D 160 -12.24 -2.92 14.38
C ILE D 160 -11.39 -1.96 13.60
N SER D 161 -11.48 -0.68 13.94
CA SER D 161 -10.72 0.33 13.22
C SER D 161 -9.23 0.38 13.52
N ILE D 162 -8.83 0.19 14.77
CA ILE D 162 -7.41 0.22 15.09
C ILE D 162 -6.79 -0.96 14.38
N ALA D 163 -7.39 -2.13 14.53
CA ALA D 163 -6.86 -3.33 13.91
C ALA D 163 -6.55 -3.17 12.41
N HIS D 164 -7.49 -2.64 11.65
CA HIS D 164 -7.22 -2.50 10.25
C HIS D 164 -6.25 -1.38 10.03
N SER D 165 -6.45 -0.27 10.74
CA SER D 165 -5.59 0.91 10.63
C SER D 165 -4.10 0.66 10.79
N LEU D 166 -3.74 -0.23 11.72
CA LEU D 166 -2.36 -0.62 11.94
C LEU D 166 -1.95 -1.56 10.83
N LEU D 167 -2.78 -2.55 10.58
CA LEU D 167 -2.51 -3.52 9.54
C LEU D 167 -2.29 -2.90 8.18
N TYR D 168 -2.64 -1.63 8.03
CA TYR D 168 -2.54 -0.91 6.76
C TYR D 168 -1.29 -0.07 6.80
N LYS D 169 -0.90 0.35 7.98
CA LYS D 169 0.35 1.07 8.10
C LYS D 169 1.47 0.09 7.72
N LYS D 170 1.51 -1.07 8.39
CA LYS D 170 2.52 -2.11 8.15
C LYS D 170 2.84 -2.31 6.69
N VAL D 171 1.79 -2.37 5.86
CA VAL D 171 1.96 -2.51 4.41
C VAL D 171 2.62 -1.27 3.82
N ASN D 172 1.92 -0.15 3.87
CA ASN D 172 2.49 1.08 3.38
C ASN D 172 3.93 1.32 3.81
N GLU D 173 4.27 1.00 5.06
CA GLU D 173 5.65 1.16 5.52
C GLU D 173 6.51 0.27 4.64
N ALA D 174 6.31 -1.04 4.77
CA ALA D 174 7.05 -2.04 4.02
C ALA D 174 7.15 -1.73 2.56
N GLN D 175 6.00 -1.70 1.92
CA GLN D 175 5.89 -1.45 0.51
C GLN D 175 6.69 -0.23 0.08
N TYR D 176 6.89 0.69 1.00
CA TYR D 176 7.64 1.92 0.71
C TYR D 176 9.12 1.53 0.63
N ARG D 177 9.64 0.93 1.71
CA ARG D 177 11.01 0.45 1.79
C ARG D 177 11.28 -0.40 0.52
N SER D 178 10.27 -1.11 0.03
CA SER D 178 10.42 -1.99 -1.14
C SER D 178 10.82 -1.21 -2.35
N HIS D 179 10.35 0.01 -2.46
CA HIS D 179 10.64 0.78 -3.67
C HIS D 179 11.82 1.71 -3.50
N LEU D 180 12.10 2.10 -2.26
CA LEU D 180 13.24 2.95 -1.92
C LEU D 180 14.41 2.22 -2.54
N ALA D 181 14.34 0.89 -2.38
CA ALA D 181 15.31 -0.05 -2.92
C ALA D 181 15.14 -0.15 -4.42
N ASN D 182 13.93 -0.42 -4.88
CA ASN D 182 13.75 -0.51 -6.31
C ASN D 182 14.11 0.75 -7.04
N GLU D 183 13.93 1.93 -6.48
CA GLU D 183 14.37 3.04 -7.30
C GLU D 183 15.89 3.02 -7.39
N MET D 184 16.54 2.29 -6.48
CA MET D 184 17.99 2.14 -6.53
C MET D 184 18.45 1.41 -7.80
N MET D 185 17.73 0.35 -8.21
CA MET D 185 18.04 -0.39 -9.45
C MET D 185 17.76 0.52 -10.63
N SER E 2 -10.15 8.42 -37.67
CA SER E 2 -8.74 8.00 -37.72
C SER E 2 -7.76 9.08 -37.26
N HIS E 3 -7.87 10.23 -37.90
CA HIS E 3 -7.21 11.46 -37.48
C HIS E 3 -7.81 11.87 -36.15
N MET E 4 -9.04 11.41 -35.94
CA MET E 4 -9.84 11.78 -34.79
C MET E 4 -9.37 11.04 -33.54
N GLU E 5 -9.18 9.75 -33.66
CA GLU E 5 -8.69 8.97 -32.54
C GLU E 5 -7.28 9.42 -32.17
N GLU E 6 -6.49 9.73 -33.19
CA GLU E 6 -5.16 10.26 -32.97
C GLU E 6 -5.19 11.50 -32.09
N THR E 7 -6.11 12.43 -32.39
CA THR E 7 -6.08 13.76 -31.78
C THR E 7 -6.60 13.78 -30.35
N ARG E 8 -7.59 12.94 -30.06
CA ARG E 8 -8.05 12.77 -28.69
C ARG E 8 -6.99 12.06 -27.89
N GLU E 9 -6.24 11.21 -28.56
CA GLU E 9 -5.14 10.48 -27.90
C GLU E 9 -4.16 11.45 -27.32
N LEU E 10 -3.99 12.58 -28.00
CA LEU E 10 -3.12 13.64 -27.51
C LEU E 10 -3.76 14.38 -26.35
N GLN E 11 -5.06 14.64 -26.46
CA GLN E 11 -5.79 15.28 -25.36
C GLN E 11 -5.57 14.47 -24.09
N SER E 12 -5.97 13.21 -24.12
CA SER E 12 -5.88 12.35 -22.94
C SER E 12 -4.46 12.21 -22.43
N LEU E 13 -3.49 12.16 -23.34
CA LEU E 13 -2.11 11.97 -22.94
C LEU E 13 -1.52 13.24 -22.31
N ALA E 14 -1.70 14.37 -22.98
CA ALA E 14 -1.09 15.62 -22.52
C ALA E 14 -1.83 16.22 -21.32
N ALA E 15 -2.42 15.35 -20.49
CA ALA E 15 -3.22 15.79 -19.37
C ALA E 15 -3.25 14.76 -18.26
N ALA E 16 -2.63 13.61 -18.50
CA ALA E 16 -2.53 12.57 -17.50
C ALA E 16 -1.27 12.79 -16.66
N VAL E 17 -1.31 12.34 -15.42
CA VAL E 17 -0.15 12.41 -14.56
C VAL E 17 0.84 11.33 -14.94
N VAL E 18 2.10 11.73 -15.09
CA VAL E 18 3.16 10.79 -15.36
C VAL E 18 3.62 10.20 -14.02
N PRO E 19 3.41 8.89 -13.82
CA PRO E 19 3.83 8.22 -12.58
C PRO E 19 5.34 8.25 -12.42
N SER E 20 5.83 7.93 -11.22
CA SER E 20 7.27 7.96 -10.97
C SER E 20 7.97 6.82 -11.68
N ALA E 21 9.28 6.91 -11.80
CA ALA E 21 10.04 5.86 -12.43
C ALA E 21 9.97 4.61 -11.59
N GLN E 22 9.92 4.79 -10.28
CA GLN E 22 9.82 3.67 -9.35
C GLN E 22 8.52 2.94 -9.64
N THR E 23 7.43 3.70 -9.67
CA THR E 23 6.11 3.16 -9.94
C THR E 23 6.12 2.35 -11.22
N LEU E 24 6.81 2.86 -12.23
CA LEU E 24 6.78 2.29 -13.56
C LEU E 24 7.80 1.15 -13.75
N LYS E 25 8.60 0.91 -12.72
CA LYS E 25 9.63 -0.12 -12.78
C LYS E 25 10.46 -0.06 -14.06
N ILE E 26 10.64 1.14 -14.61
CA ILE E 26 11.45 1.30 -15.82
C ILE E 26 12.95 1.39 -15.51
N THR E 27 13.27 1.38 -14.22
CA THR E 27 14.65 1.46 -13.79
C THR E 27 15.26 0.06 -13.84
N ASP E 28 14.43 -0.93 -14.18
CA ASP E 28 14.83 -2.32 -14.11
C ASP E 28 15.28 -2.92 -15.44
N PHE E 29 16.38 -3.66 -15.40
CA PHE E 29 16.87 -4.39 -16.58
C PHE E 29 15.99 -5.59 -16.89
N SER E 30 15.11 -5.91 -15.93
CA SER E 30 14.30 -7.11 -15.96
C SER E 30 12.87 -6.75 -16.29
N PHE E 31 12.72 -5.55 -16.84
CA PHE E 31 11.43 -4.92 -17.08
C PHE E 31 10.73 -5.50 -18.29
N SER E 32 9.39 -5.49 -18.26
CA SER E 32 8.56 -6.03 -19.33
C SER E 32 7.38 -5.12 -19.65
N ASP E 33 6.97 -5.13 -20.91
CA ASP E 33 5.90 -4.24 -21.37
C ASP E 33 4.62 -5.00 -21.64
N PHE E 34 4.73 -6.32 -21.76
CA PHE E 34 3.62 -7.22 -22.07
C PHE E 34 2.27 -6.74 -21.53
N GLU E 35 2.25 -6.24 -20.28
CA GLU E 35 1.00 -5.90 -19.59
C GLU E 35 0.63 -4.42 -19.63
N LEU E 36 1.51 -3.58 -20.18
CA LEU E 36 1.20 -2.17 -20.33
C LEU E 36 0.24 -1.91 -21.48
N SER E 37 -0.47 -0.79 -21.40
CA SER E 37 -1.33 -0.34 -22.48
C SER E 37 -0.46 0.48 -23.39
N ASP E 38 -1.03 0.97 -24.48
CA ASP E 38 -0.32 1.91 -25.34
C ASP E 38 -0.07 3.22 -24.63
N LEU E 39 -1.11 3.72 -23.98
CA LEU E 39 -1.02 5.00 -23.31
C LEU E 39 0.05 4.95 -22.24
N GLU E 40 0.18 3.81 -21.58
CA GLU E 40 1.14 3.67 -20.49
C GLU E 40 2.56 3.79 -21.01
N THR E 41 2.85 3.08 -22.09
CA THR E 41 4.18 3.13 -22.67
C THR E 41 4.58 4.57 -22.98
N ALA E 42 3.71 5.30 -23.65
CA ALA E 42 3.97 6.70 -23.91
C ALA E 42 4.32 7.44 -22.63
N LEU E 43 3.62 7.12 -21.54
CA LEU E 43 3.81 7.81 -20.27
C LEU E 43 5.18 7.57 -19.72
N CYS E 44 5.59 6.30 -19.74
CA CYS E 44 6.96 5.92 -19.38
C CYS E 44 7.98 6.76 -20.10
N THR E 45 7.89 6.76 -21.42
CA THR E 45 8.70 7.62 -22.28
C THR E 45 8.85 9.05 -21.76
N ILE E 46 7.73 9.67 -21.38
CA ILE E 46 7.75 11.02 -20.86
C ILE E 46 8.54 11.08 -19.54
N ARG E 47 8.31 10.08 -18.69
CA ARG E 47 9.06 9.93 -17.46
C ARG E 47 10.54 9.77 -17.74
N MET E 48 10.86 9.06 -18.80
CA MET E 48 12.25 8.90 -19.24
C MET E 48 12.91 10.25 -19.51
N PHE E 49 12.34 10.99 -20.45
CA PHE E 49 12.85 12.32 -20.80
C PHE E 49 12.95 13.19 -19.57
N THR E 50 11.92 13.13 -18.74
CA THR E 50 11.84 13.94 -17.53
C THR E 50 12.98 13.64 -16.56
N ASP E 51 13.20 12.35 -16.29
CA ASP E 51 14.13 11.96 -15.24
C ASP E 51 15.57 11.97 -15.71
N LEU E 52 15.76 12.17 -17.00
CA LEU E 52 17.08 12.38 -17.54
C LEU E 52 17.39 13.88 -17.63
N ASN E 53 16.47 14.69 -17.08
CA ASN E 53 16.60 16.14 -17.10
C ASN E 53 16.53 16.75 -18.49
N LEU E 54 16.23 15.92 -19.48
CA LEU E 54 16.18 16.41 -20.84
C LEU E 54 15.08 17.45 -20.98
N VAL E 55 13.99 17.25 -20.28
CA VAL E 55 12.82 18.10 -20.44
C VAL E 55 13.06 19.52 -19.99
N GLN E 56 13.77 19.65 -18.87
CA GLN E 56 14.04 20.96 -18.29
C GLN E 56 15.25 21.66 -18.92
N ASN E 57 16.28 20.89 -19.24
CA ASN E 57 17.49 21.48 -19.76
C ASN E 57 17.38 21.91 -21.21
N PHE E 58 16.29 21.51 -21.87
CA PHE E 58 16.08 21.84 -23.27
C PHE E 58 14.68 22.41 -23.54
N GLN E 59 14.11 23.02 -22.50
CA GLN E 59 12.93 23.85 -22.65
C GLN E 59 11.84 23.18 -23.49
N MET E 60 11.61 21.90 -23.23
CA MET E 60 10.57 21.18 -23.94
C MET E 60 9.21 21.48 -23.35
N LYS E 61 8.22 21.68 -24.20
CA LYS E 61 6.87 21.96 -23.75
C LYS E 61 6.13 20.64 -23.70
N HIS E 62 5.43 20.36 -22.59
CA HIS E 62 4.72 19.10 -22.44
C HIS E 62 3.89 18.80 -23.68
N GLU E 63 3.21 19.83 -24.17
CA GLU E 63 2.38 19.72 -25.36
C GLU E 63 3.13 19.06 -26.52
N VAL E 64 4.27 19.65 -26.84
CA VAL E 64 5.07 19.24 -27.99
C VAL E 64 5.58 17.81 -27.85
N LEU E 65 6.34 17.56 -26.81
CA LEU E 65 6.88 16.23 -26.56
C LEU E 65 5.84 15.17 -26.78
N CYS E 66 4.66 15.40 -26.22
CA CYS E 66 3.55 14.48 -26.32
C CYS E 66 3.17 14.20 -27.76
N ARG E 67 2.98 15.27 -28.53
CA ARG E 67 2.67 15.10 -29.95
C ARG E 67 3.74 14.24 -30.61
N TRP E 68 4.98 14.69 -30.51
CA TRP E 68 6.11 13.95 -31.04
C TRP E 68 6.10 12.46 -30.70
N ILE E 69 6.16 12.15 -29.41
CA ILE E 69 6.09 10.76 -28.98
C ILE E 69 5.00 10.00 -29.72
N LEU E 70 3.79 10.54 -29.69
CA LEU E 70 2.65 9.92 -30.32
C LEU E 70 2.94 9.66 -31.79
N SER E 71 3.65 10.59 -32.41
CA SER E 71 3.94 10.53 -33.84
C SER E 71 4.83 9.35 -34.14
N VAL E 72 5.87 9.22 -33.37
CA VAL E 72 6.76 8.08 -33.49
C VAL E 72 5.98 6.77 -33.33
N LYS E 73 5.12 6.73 -32.32
CA LYS E 73 4.29 5.55 -32.04
C LYS E 73 3.53 5.12 -33.28
N LYS E 74 2.88 6.09 -33.93
CA LYS E 74 2.01 5.82 -35.07
C LYS E 74 2.80 5.53 -36.34
N ASN E 75 4.11 5.69 -36.28
CA ASN E 75 4.96 5.50 -37.45
C ASN E 75 5.70 4.19 -37.40
N TYR E 76 5.41 3.41 -36.37
CA TYR E 76 5.80 2.03 -36.38
C TYR E 76 4.62 1.22 -36.89
N ARG E 77 4.93 0.25 -37.75
CA ARG E 77 3.90 -0.58 -38.37
C ARG E 77 3.36 -1.64 -37.41
N LYS E 78 2.04 -1.70 -37.33
CA LYS E 78 1.34 -2.58 -36.43
C LYS E 78 1.44 -4.02 -36.93
N ASN E 79 1.21 -4.21 -38.23
CA ASN E 79 1.22 -5.52 -38.86
C ASN E 79 2.58 -6.23 -38.80
N VAL E 80 3.61 -5.50 -38.37
CA VAL E 80 4.96 -6.05 -38.32
C VAL E 80 5.30 -6.72 -37.00
N ALA E 81 5.71 -7.98 -37.08
CA ALA E 81 5.76 -8.89 -35.94
C ALA E 81 6.58 -8.43 -34.73
N TYR E 82 7.89 -8.23 -34.90
CA TYR E 82 8.76 -7.83 -33.79
C TYR E 82 9.15 -6.36 -33.86
N HIS E 83 9.44 -5.89 -35.08
CA HIS E 83 9.93 -4.54 -35.30
C HIS E 83 8.82 -3.51 -35.35
N ASN E 84 8.01 -3.50 -34.29
CA ASN E 84 6.96 -2.51 -34.09
C ASN E 84 7.37 -1.56 -32.97
N TRP E 85 6.42 -0.74 -32.52
CA TRP E 85 6.68 0.28 -31.52
C TRP E 85 7.21 -0.26 -30.19
N ARG E 86 6.70 -1.43 -29.79
CA ARG E 86 7.12 -2.02 -28.52
C ARG E 86 8.60 -2.40 -28.53
N HIS E 87 9.17 -2.55 -29.72
CA HIS E 87 10.61 -2.78 -29.82
C HIS E 87 11.40 -1.49 -29.57
N ALA E 88 10.99 -0.41 -30.22
CA ALA E 88 11.61 0.90 -30.04
C ALA E 88 11.50 1.31 -28.57
N PHE E 89 10.36 1.01 -27.98
CA PHE E 89 10.11 1.31 -26.60
C PHE E 89 10.97 0.49 -25.62
N ASN E 90 10.99 -0.84 -25.79
CA ASN E 90 11.82 -1.74 -24.98
C ASN E 90 13.32 -1.45 -25.08
N THR E 91 13.70 -0.83 -26.19
CA THR E 91 15.07 -0.46 -26.45
C THR E 91 15.39 0.79 -25.66
N ALA E 92 14.52 1.78 -25.79
CA ALA E 92 14.70 3.05 -25.11
C ALA E 92 14.67 2.86 -23.59
N GLN E 93 13.92 1.87 -23.13
CA GLN E 93 13.85 1.62 -21.70
C GLN E 93 15.13 0.96 -21.22
N CYS E 94 15.65 0.06 -22.04
CA CYS E 94 16.95 -0.53 -21.77
C CYS E 94 17.97 0.59 -21.72
N MET E 95 17.99 1.39 -22.77
CA MET E 95 18.84 2.58 -22.84
C MET E 95 18.69 3.42 -21.59
N PHE E 96 17.46 3.67 -21.17
CA PHE E 96 17.22 4.44 -19.96
C PHE E 96 17.77 3.73 -18.73
N ALA E 97 17.50 2.44 -18.62
CA ALA E 97 17.98 1.66 -17.49
C ALA E 97 19.51 1.68 -17.42
N ALA E 98 20.14 1.60 -18.60
CA ALA E 98 21.59 1.65 -18.70
C ALA E 98 22.17 2.91 -18.08
N LEU E 99 21.59 4.06 -18.42
CA LEU E 99 22.07 5.36 -17.95
C LEU E 99 21.88 5.58 -16.46
N LYS E 100 20.79 5.03 -15.93
CA LYS E 100 20.43 5.20 -14.53
C LYS E 100 21.06 4.11 -13.67
N ALA E 101 20.44 2.94 -13.62
CA ALA E 101 20.92 1.86 -12.78
C ALA E 101 22.34 1.42 -13.16
N GLY E 102 22.61 1.34 -14.46
CA GLY E 102 23.94 0.99 -14.93
C GLY E 102 24.92 2.11 -14.71
N LYS E 103 24.41 3.29 -14.38
CA LYS E 103 25.22 4.46 -14.05
C LYS E 103 26.17 4.84 -15.18
N ILE E 104 25.63 5.47 -16.20
CA ILE E 104 26.44 5.96 -17.31
C ILE E 104 26.22 7.46 -17.53
N GLN E 105 25.03 7.90 -17.20
CA GLN E 105 24.69 9.31 -17.22
C GLN E 105 25.90 10.14 -16.77
N ASN E 106 26.45 9.79 -15.61
CA ASN E 106 27.59 10.49 -15.02
C ASN E 106 28.85 10.43 -15.87
N LYS E 107 28.75 9.81 -17.05
CA LYS E 107 29.91 9.63 -17.92
C LYS E 107 29.78 10.37 -19.23
N LEU E 108 28.63 10.98 -19.48
CA LEU E 108 28.45 11.71 -20.73
C LEU E 108 27.53 12.92 -20.66
N THR E 109 27.63 13.75 -21.70
CA THR E 109 27.02 15.06 -21.74
C THR E 109 25.52 14.98 -21.92
N ASP E 110 24.88 16.13 -21.71
CA ASP E 110 23.44 16.21 -21.86
C ASP E 110 23.05 16.12 -23.33
N LEU E 111 23.91 16.63 -24.19
CA LEU E 111 23.66 16.53 -25.62
C LEU E 111 23.69 15.08 -26.07
N GLU E 112 24.58 14.29 -25.47
CA GLU E 112 24.69 12.90 -25.82
C GLU E 112 23.51 12.09 -25.31
N ILE E 113 23.12 12.32 -24.06
CA ILE E 113 21.98 11.60 -23.49
C ILE E 113 20.70 11.82 -24.31
N LEU E 114 20.41 13.08 -24.62
CA LEU E 114 19.25 13.44 -25.42
C LEU E 114 19.24 12.70 -26.74
N ALA E 115 20.40 12.71 -27.40
CA ALA E 115 20.56 12.08 -28.70
C ALA E 115 20.35 10.57 -28.66
N LEU E 116 20.86 9.93 -27.62
CA LEU E 116 20.73 8.49 -27.48
C LEU E 116 19.28 8.09 -27.32
N LEU E 117 18.56 8.86 -26.53
CA LEU E 117 17.16 8.56 -26.24
C LEU E 117 16.31 8.73 -27.48
N ILE E 118 16.46 9.87 -28.14
CA ILE E 118 15.73 10.13 -29.35
C ILE E 118 16.06 9.09 -30.38
N ALA E 119 17.33 8.72 -30.48
CA ALA E 119 17.77 7.70 -31.43
C ALA E 119 17.16 6.33 -31.11
N ALA E 120 17.32 5.88 -29.87
CA ALA E 120 16.81 4.59 -29.42
C ALA E 120 15.34 4.40 -29.76
N LEU E 121 14.58 5.48 -29.61
CA LEU E 121 13.16 5.48 -29.86
C LEU E 121 12.80 5.32 -31.32
N SER E 122 13.65 5.85 -32.19
CA SER E 122 13.34 5.91 -33.62
C SER E 122 14.28 5.09 -34.53
N HIS E 123 15.09 4.23 -33.91
CA HIS E 123 16.12 3.52 -34.65
C HIS E 123 15.58 2.55 -35.70
N ASP E 124 14.28 2.28 -35.68
CA ASP E 124 13.70 1.32 -36.64
C ASP E 124 12.44 1.84 -37.33
N LEU E 125 12.26 3.16 -37.38
CA LEU E 125 10.99 3.70 -37.88
C LEU E 125 10.61 3.12 -39.23
N ASP E 126 9.32 2.82 -39.39
CA ASP E 126 8.78 2.35 -40.67
C ASP E 126 9.45 1.07 -41.13
N HIS E 127 10.03 0.33 -40.19
CA HIS E 127 10.61 -0.96 -40.52
C HIS E 127 9.49 -1.83 -41.07
N ARG E 128 9.73 -2.41 -42.24
CA ARG E 128 8.73 -3.18 -42.93
C ARG E 128 8.99 -4.67 -42.77
N GLY E 129 9.53 -5.07 -41.63
CA GLY E 129 9.64 -6.46 -41.27
C GLY E 129 10.52 -7.29 -42.18
N VAL E 130 11.64 -6.74 -42.57
CA VAL E 130 12.53 -7.40 -43.51
C VAL E 130 13.92 -6.80 -43.37
N ASN E 131 14.94 -7.64 -43.50
CA ASN E 131 16.32 -7.20 -43.29
C ASN E 131 16.99 -6.51 -44.50
N ASN E 132 18.09 -5.82 -44.23
CA ASN E 132 18.83 -5.13 -45.27
C ASN E 132 19.17 -6.07 -46.41
N SER E 133 19.51 -7.31 -46.06
CA SER E 133 19.90 -8.32 -47.04
C SER E 133 18.81 -8.53 -48.08
N TYR E 134 17.58 -8.63 -47.61
CA TYR E 134 16.47 -8.90 -48.50
C TYR E 134 16.22 -7.73 -49.46
N ILE E 135 16.07 -6.54 -48.89
CA ILE E 135 15.71 -5.36 -49.67
C ILE E 135 16.75 -5.13 -50.75
N GLN E 136 17.98 -5.49 -50.44
CA GLN E 136 19.06 -5.35 -51.40
C GLN E 136 18.88 -6.34 -52.54
N ARG E 137 18.65 -7.60 -52.18
CA ARG E 137 18.56 -8.68 -53.16
C ARG E 137 17.27 -8.65 -53.99
N SER E 138 16.27 -7.93 -53.50
CA SER E 138 15.01 -7.81 -54.22
C SER E 138 14.91 -6.48 -54.99
N GLU E 139 16.01 -5.75 -55.04
CA GLU E 139 16.05 -4.46 -55.72
C GLU E 139 14.85 -3.59 -55.36
N HIS E 140 14.68 -3.36 -54.06
CA HIS E 140 13.73 -2.39 -53.58
C HIS E 140 14.27 -1.02 -53.95
N PRO E 141 13.39 -0.06 -54.22
CA PRO E 141 13.80 1.29 -54.63
C PRO E 141 14.59 1.98 -53.53
N LEU E 142 14.43 1.49 -52.31
CA LEU E 142 15.15 2.00 -51.15
C LEU E 142 16.62 1.63 -51.25
N ALA E 143 16.90 0.55 -51.97
CA ALA E 143 18.27 0.11 -52.20
C ALA E 143 18.91 0.95 -53.28
N GLN E 144 18.09 1.43 -54.21
CA GLN E 144 18.55 2.30 -55.28
C GLN E 144 18.89 3.65 -54.70
N LEU E 145 18.10 4.07 -53.72
CA LEU E 145 18.30 5.35 -53.07
C LEU E 145 19.53 5.39 -52.17
N TYR E 146 19.61 4.46 -51.22
CA TYR E 146 20.72 4.45 -50.26
C TYR E 146 21.75 3.40 -50.59
N CYS E 147 22.98 3.65 -50.15
CA CYS E 147 24.12 2.81 -50.50
C CYS E 147 24.29 1.65 -49.53
N HIS E 148 24.84 1.97 -48.36
CA HIS E 148 25.05 1.00 -47.29
C HIS E 148 24.15 1.34 -46.13
N SER E 149 23.89 0.36 -45.25
CA SER E 149 23.01 0.55 -44.10
C SER E 149 21.67 1.10 -44.55
N ILE E 150 21.19 0.59 -45.67
CA ILE E 150 19.95 1.04 -46.29
C ILE E 150 18.80 1.35 -45.33
N MET E 151 18.34 0.34 -44.59
CA MET E 151 17.20 0.54 -43.70
C MET E 151 17.47 1.58 -42.66
N GLU E 152 18.64 1.49 -42.06
CA GLU E 152 19.05 2.41 -41.00
C GLU E 152 19.12 3.87 -41.49
N HIS E 153 19.49 4.07 -42.75
CA HIS E 153 19.45 5.39 -43.33
C HIS E 153 18.01 5.87 -43.40
N HIS E 154 17.11 4.96 -43.75
CA HIS E 154 15.69 5.27 -43.86
C HIS E 154 15.10 5.59 -42.50
N HIS E 155 15.38 4.75 -41.50
CA HIS E 155 14.89 4.97 -40.14
C HIS E 155 15.20 6.41 -39.73
N PHE E 156 16.38 6.88 -40.10
CA PHE E 156 16.82 8.23 -39.77
C PHE E 156 16.11 9.29 -40.59
N ASP E 157 16.02 9.07 -41.90
CA ASP E 157 15.27 9.96 -42.78
C ASP E 157 13.92 10.24 -42.14
N GLN E 158 13.37 9.23 -41.48
CA GLN E 158 12.05 9.30 -40.86
C GLN E 158 12.08 10.10 -39.57
N CYS E 159 12.93 9.67 -38.65
CA CYS E 159 13.20 10.39 -37.41
C CYS E 159 13.25 11.91 -37.62
N LEU E 160 14.02 12.29 -38.64
CA LEU E 160 14.27 13.67 -38.94
C LEU E 160 13.04 14.35 -39.54
N MET E 161 12.33 13.62 -40.39
CA MET E 161 11.11 14.13 -40.96
C MET E 161 10.15 14.53 -39.85
N ILE E 162 10.10 13.70 -38.82
CA ILE E 162 9.17 13.92 -37.72
C ILE E 162 9.57 15.07 -36.81
N LEU E 163 10.86 15.21 -36.58
CA LEU E 163 11.38 16.30 -35.76
C LEU E 163 11.20 17.65 -36.41
N ASN E 164 11.07 17.65 -37.74
CA ASN E 164 10.86 18.88 -38.48
C ASN E 164 9.37 19.15 -38.66
N SER E 165 8.55 18.17 -38.29
CA SER E 165 7.10 18.34 -38.29
C SER E 165 6.69 19.43 -37.32
N PRO E 166 5.58 20.13 -37.62
CA PRO E 166 5.09 21.24 -36.82
C PRO E 166 4.48 20.76 -35.51
N GLY E 167 4.87 21.35 -34.39
CA GLY E 167 4.41 20.91 -33.09
C GLY E 167 5.05 19.60 -32.68
N ASN E 168 6.18 19.29 -33.30
CA ASN E 168 6.93 18.10 -32.94
C ASN E 168 8.39 18.44 -32.69
N GLN E 169 8.75 19.70 -32.98
CA GLN E 169 10.10 20.18 -32.75
C GLN E 169 10.41 20.17 -31.27
N ILE E 170 10.68 18.98 -30.74
CA ILE E 170 11.05 18.84 -29.34
C ILE E 170 12.45 19.40 -29.15
N LEU E 171 13.14 19.63 -30.26
CA LEU E 171 14.46 20.21 -30.19
C LEU E 171 14.45 21.73 -30.32
N SER E 172 13.29 22.29 -30.61
CA SER E 172 13.17 23.72 -30.93
C SER E 172 13.96 24.60 -29.97
N GLY E 173 14.17 24.11 -28.74
CA GLY E 173 14.83 24.91 -27.72
C GLY E 173 16.35 25.01 -27.81
N LEU E 174 16.96 24.26 -28.72
CA LEU E 174 18.41 24.18 -28.79
C LEU E 174 19.02 25.29 -29.61
N SER E 175 20.19 25.74 -29.18
CA SER E 175 20.96 26.67 -29.99
C SER E 175 21.25 25.97 -31.30
N ILE E 176 21.44 26.74 -32.36
CA ILE E 176 21.63 26.16 -33.68
C ILE E 176 22.84 25.23 -33.69
N GLU E 177 23.87 25.58 -32.91
CA GLU E 177 25.06 24.75 -32.77
C GLU E 177 24.73 23.43 -32.06
N GLU E 178 24.00 23.52 -30.97
CA GLU E 178 23.54 22.33 -30.26
C GLU E 178 22.77 21.43 -31.22
N TYR E 179 21.60 21.90 -31.64
CA TYR E 179 20.82 21.20 -32.66
C TYR E 179 21.73 20.50 -33.68
N LYS E 180 22.57 21.31 -34.34
CA LYS E 180 23.43 20.81 -35.39
C LYS E 180 24.25 19.56 -35.02
N THR E 181 24.79 19.52 -33.80
CA THR E 181 25.63 18.39 -33.42
C THR E 181 24.83 17.24 -32.81
N THR E 182 23.71 17.57 -32.19
CA THR E 182 22.78 16.55 -31.70
C THR E 182 22.41 15.67 -32.86
N LEU E 183 21.93 16.28 -33.93
CA LEU E 183 21.52 15.57 -35.13
C LEU E 183 22.63 14.67 -35.66
N LYS E 184 23.87 15.18 -35.59
CA LYS E 184 25.01 14.43 -36.05
C LYS E 184 25.10 13.11 -35.27
N ILE E 185 25.15 13.23 -33.95
CA ILE E 185 25.16 12.07 -33.06
C ILE E 185 23.98 11.11 -33.29
N ILE E 186 22.78 11.67 -33.49
CA ILE E 186 21.61 10.84 -33.71
C ILE E 186 21.78 10.03 -34.98
N LYS E 187 22.31 10.66 -36.01
CA LYS E 187 22.57 9.94 -37.25
C LYS E 187 23.52 8.80 -36.99
N GLN E 188 24.63 9.09 -36.31
CA GLN E 188 25.60 8.07 -35.94
C GLN E 188 24.99 6.93 -35.12
N ALA E 189 24.12 7.28 -34.18
CA ALA E 189 23.48 6.29 -33.33
C ALA E 189 22.61 5.31 -34.13
N ILE E 190 21.66 5.86 -34.89
CA ILE E 190 20.76 5.02 -35.66
C ILE E 190 21.51 4.12 -36.63
N LEU E 191 22.52 4.65 -37.30
CA LEU E 191 23.27 3.85 -38.26
C LEU E 191 23.99 2.71 -37.56
N ALA E 192 24.47 2.99 -36.36
CA ALA E 192 25.16 2.00 -35.53
C ALA E 192 24.34 0.73 -35.26
N THR E 193 23.01 0.83 -35.35
CA THR E 193 22.12 -0.31 -35.10
C THR E 193 22.06 -1.26 -36.31
N ASP E 194 22.83 -0.92 -37.34
CA ASP E 194 23.12 -1.85 -38.41
C ASP E 194 24.12 -2.89 -37.91
N LEU E 195 23.67 -4.14 -37.85
CA LEU E 195 24.45 -5.26 -37.34
C LEU E 195 25.78 -5.42 -38.06
N ALA E 196 25.81 -5.01 -39.32
CA ALA E 196 26.99 -5.14 -40.14
C ALA E 196 28.09 -4.22 -39.65
N LEU E 197 27.70 -3.02 -39.19
CA LEU E 197 28.66 -2.05 -38.67
C LEU E 197 29.11 -2.49 -37.32
N TYR E 198 28.19 -3.05 -36.55
CA TYR E 198 28.54 -3.55 -35.24
C TYR E 198 29.66 -4.56 -35.40
N ILE E 199 29.55 -5.40 -36.42
CA ILE E 199 30.55 -6.43 -36.63
C ILE E 199 31.87 -5.86 -37.15
N LYS E 200 31.76 -4.94 -38.11
CA LYS E 200 32.94 -4.38 -38.77
C LYS E 200 33.67 -3.38 -37.89
N ARG E 201 33.17 -3.16 -36.68
CA ARG E 201 33.75 -2.17 -35.77
C ARG E 201 34.06 -2.74 -34.38
N ARG E 202 33.25 -3.68 -33.91
CA ARG E 202 33.40 -4.20 -32.55
C ARG E 202 34.80 -4.69 -32.23
N GLY E 203 35.49 -5.29 -33.19
CA GLY E 203 36.83 -5.81 -32.93
C GLY E 203 37.73 -4.78 -32.27
N GLU E 204 37.87 -3.65 -32.96
CA GLU E 204 38.56 -2.46 -32.45
C GLU E 204 38.29 -2.25 -30.96
N PHE E 205 37.01 -2.12 -30.64
CA PHE E 205 36.52 -1.80 -29.30
C PHE E 205 36.76 -2.91 -28.26
N PHE E 206 36.70 -4.16 -28.70
CA PHE E 206 36.91 -5.32 -27.82
C PHE E 206 38.35 -5.41 -27.32
N GLU E 207 39.25 -4.75 -28.05
CA GLU E 207 40.66 -4.77 -27.73
C GLU E 207 41.05 -3.70 -26.71
N LEU E 208 40.60 -2.48 -26.95
CA LEU E 208 40.83 -1.42 -25.99
C LEU E 208 40.33 -1.88 -24.62
N ILE E 209 39.24 -2.63 -24.61
CA ILE E 209 38.75 -3.23 -23.39
C ILE E 209 39.79 -4.25 -22.94
N ARG E 210 40.00 -5.27 -23.78
CA ARG E 210 40.93 -6.35 -23.47
C ARG E 210 42.23 -5.82 -22.87
N LYS E 211 42.81 -4.82 -23.53
CA LYS E 211 44.11 -4.28 -23.15
C LYS E 211 44.03 -3.22 -22.04
N ASN E 212 42.92 -3.17 -21.32
CA ASN E 212 42.78 -2.22 -20.23
C ASN E 212 43.19 -0.80 -20.66
N GLN E 213 42.98 -0.50 -21.94
CA GLN E 213 43.35 0.79 -22.50
C GLN E 213 42.13 1.66 -22.73
N PHE E 214 40.99 1.03 -22.93
CA PHE E 214 39.77 1.77 -23.22
C PHE E 214 39.50 2.90 -22.24
N ASN E 215 39.20 4.08 -22.80
CA ASN E 215 39.03 5.28 -22.00
C ASN E 215 38.04 6.26 -22.64
N LEU E 216 36.99 6.61 -21.91
CA LEU E 216 35.93 7.45 -22.46
C LEU E 216 36.42 8.80 -22.93
N GLU E 217 37.23 9.45 -22.11
CA GLU E 217 37.70 10.81 -22.38
C GLU E 217 38.02 10.99 -23.86
N ASP E 218 38.71 10.02 -24.43
CA ASP E 218 39.06 10.08 -25.84
C ASP E 218 37.80 10.27 -26.65
N PRO E 219 37.71 11.40 -27.35
CA PRO E 219 36.59 11.72 -28.23
C PRO E 219 36.23 10.54 -29.12
N HIS E 220 37.16 10.04 -29.91
CA HIS E 220 36.84 8.91 -30.78
C HIS E 220 36.43 7.65 -30.03
N GLN E 221 37.26 7.22 -29.06
CA GLN E 221 36.91 6.07 -28.24
C GLN E 221 35.47 6.16 -27.71
N LYS E 222 35.01 7.37 -27.42
CA LYS E 222 33.65 7.58 -26.91
C LYS E 222 32.60 7.25 -27.97
N GLU E 223 32.68 7.91 -29.11
CA GLU E 223 31.67 7.74 -30.14
C GLU E 223 31.59 6.32 -30.69
N LEU E 224 32.68 5.57 -30.57
CA LEU E 224 32.69 4.16 -30.90
C LEU E 224 31.81 3.47 -29.88
N PHE E 225 32.13 3.69 -28.61
CA PHE E 225 31.36 3.13 -27.52
C PHE E 225 29.86 3.44 -27.66
N LEU E 226 29.55 4.65 -28.12
CA LEU E 226 28.16 5.05 -28.32
C LEU E 226 27.47 4.18 -29.32
N ALA E 227 28.21 3.80 -30.36
CA ALA E 227 27.72 2.82 -31.30
C ALA E 227 27.45 1.51 -30.57
N MET E 228 28.47 1.01 -29.88
CA MET E 228 28.33 -0.25 -29.17
C MET E 228 27.13 -0.27 -28.21
N LEU E 229 26.86 0.88 -27.60
CA LEU E 229 25.76 1.02 -26.64
C LEU E 229 24.41 0.89 -27.32
N MET E 230 24.30 1.48 -28.49
CA MET E 230 23.13 1.33 -29.32
C MET E 230 22.82 -0.14 -29.57
N THR E 231 23.73 -0.86 -30.23
CA THR E 231 23.58 -2.30 -30.39
C THR E 231 23.16 -2.97 -29.07
N ALA E 232 23.93 -2.75 -28.01
CA ALA E 232 23.59 -3.29 -26.70
C ALA E 232 22.11 -3.22 -26.35
N CYS E 233 21.48 -2.08 -26.57
CA CYS E 233 20.07 -1.91 -26.23
C CYS E 233 19.13 -2.45 -27.30
N ASP E 234 19.55 -2.32 -28.56
CA ASP E 234 18.78 -2.72 -29.74
C ASP E 234 18.39 -4.20 -29.67
N LEU E 235 19.25 -5.01 -29.07
CA LEU E 235 18.92 -6.42 -28.87
C LEU E 235 18.94 -6.88 -27.40
N SER E 236 18.70 -5.93 -26.50
CA SER E 236 18.63 -6.20 -25.06
C SER E 236 17.59 -7.27 -24.74
N ALA E 237 16.68 -7.50 -25.68
CA ALA E 237 15.61 -8.47 -25.49
C ALA E 237 16.18 -9.82 -25.08
N ILE E 238 17.37 -10.12 -25.58
CA ILE E 238 18.03 -11.38 -25.35
C ILE E 238 18.53 -11.52 -23.90
N THR E 239 18.43 -10.44 -23.13
CA THR E 239 18.90 -10.43 -21.75
C THR E 239 17.74 -10.44 -20.77
N LYS E 240 16.58 -10.86 -21.25
CA LYS E 240 15.38 -10.81 -20.43
C LYS E 240 15.16 -12.13 -19.72
N PRO E 241 14.36 -12.11 -18.64
CA PRO E 241 13.91 -13.34 -17.96
C PRO E 241 13.40 -14.33 -18.98
N TRP E 242 13.58 -15.61 -18.70
CA TRP E 242 13.28 -16.63 -19.69
C TRP E 242 11.88 -16.54 -20.29
N PRO E 243 10.86 -16.37 -19.44
CA PRO E 243 9.47 -16.30 -19.88
C PRO E 243 9.24 -15.17 -20.87
N ILE E 244 10.01 -14.11 -20.72
CA ILE E 244 9.92 -12.99 -21.63
C ILE E 244 10.72 -13.28 -22.89
N GLN E 245 11.98 -13.64 -22.70
CA GLN E 245 12.85 -13.99 -23.81
C GLN E 245 12.14 -15.03 -24.69
N GLN E 246 11.61 -16.05 -24.04
CA GLN E 246 10.75 -17.04 -24.65
C GLN E 246 9.85 -16.40 -25.70
N ARG E 247 9.00 -15.49 -25.24
CA ARG E 247 7.86 -14.96 -26.00
C ARG E 247 8.29 -13.96 -27.07
N ILE E 248 9.25 -13.10 -26.75
CA ILE E 248 9.76 -12.14 -27.73
C ILE E 248 10.57 -12.85 -28.82
N ALA E 249 11.16 -13.97 -28.49
CA ALA E 249 11.83 -14.78 -29.48
C ALA E 249 10.77 -15.39 -30.39
N GLU E 250 9.54 -15.48 -29.91
CA GLU E 250 8.44 -15.99 -30.72
C GLU E 250 8.05 -15.04 -31.83
N LEU E 251 8.26 -13.74 -31.59
CA LEU E 251 7.91 -12.71 -32.58
C LEU E 251 8.99 -12.60 -33.63
N VAL E 252 10.22 -12.47 -33.17
CA VAL E 252 11.34 -12.46 -34.08
C VAL E 252 11.16 -13.66 -34.98
N ALA E 253 10.78 -14.78 -34.38
CA ALA E 253 10.60 -16.01 -35.11
C ALA E 253 9.68 -15.78 -36.29
N THR E 254 8.45 -15.38 -35.97
CA THR E 254 7.42 -15.23 -36.97
C THR E 254 7.85 -14.28 -38.09
N GLU E 255 8.38 -13.12 -37.69
CA GLU E 255 8.77 -12.10 -38.65
C GLU E 255 9.80 -12.63 -39.63
N PHE E 256 10.76 -13.37 -39.10
CA PHE E 256 11.75 -14.02 -39.94
C PHE E 256 11.06 -14.93 -40.93
N TRP E 257 10.24 -15.83 -40.40
CA TRP E 257 9.61 -16.84 -41.23
C TRP E 257 8.78 -16.22 -42.32
N GLU E 258 8.16 -15.09 -42.00
CA GLU E 258 7.39 -14.29 -42.93
C GLU E 258 8.22 -13.81 -44.10
N GLN E 259 9.44 -13.35 -43.82
CA GLN E 259 10.41 -12.99 -44.85
C GLN E 259 10.82 -14.22 -45.67
N GLY E 260 11.06 -15.33 -44.97
CA GLY E 260 11.43 -16.58 -45.61
C GLY E 260 10.45 -16.98 -46.67
N ASP E 261 9.16 -16.75 -46.39
CA ASP E 261 8.10 -17.04 -47.34
C ASP E 261 8.26 -16.23 -48.61
N LEU E 262 8.45 -14.92 -48.45
CA LEU E 262 8.68 -14.02 -49.59
C LEU E 262 9.90 -14.40 -50.41
N GLU E 263 10.92 -14.90 -49.73
CA GLU E 263 12.15 -15.26 -50.41
C GLU E 263 11.89 -16.38 -51.41
N ARG E 264 11.03 -17.32 -51.07
CA ARG E 264 10.78 -18.39 -52.03
C ARG E 264 9.55 -18.18 -52.87
N THR E 265 8.76 -17.17 -52.54
CA THR E 265 7.55 -16.86 -53.32
C THR E 265 7.72 -15.76 -54.38
N VAL E 266 8.45 -14.70 -54.04
CA VAL E 266 8.72 -13.66 -55.02
C VAL E 266 10.17 -13.72 -55.53
N LEU E 267 11.07 -14.15 -54.65
CA LEU E 267 12.47 -14.19 -55.01
C LEU E 267 12.86 -15.51 -55.64
N GLN E 268 12.16 -16.56 -55.25
CA GLN E 268 12.42 -17.91 -55.76
C GLN E 268 13.80 -18.42 -55.34
N GLN E 269 14.23 -18.00 -54.15
CA GLN E 269 15.48 -18.45 -53.56
C GLN E 269 15.16 -19.25 -52.32
N GLN E 270 16.15 -19.94 -51.76
CA GLN E 270 15.96 -20.62 -50.49
C GLN E 270 16.46 -19.71 -49.39
N PRO E 271 15.64 -19.55 -48.34
CA PRO E 271 15.93 -18.68 -47.21
C PRO E 271 16.98 -19.32 -46.35
N ILE E 272 17.71 -18.54 -45.58
CA ILE E 272 18.58 -19.12 -44.60
C ILE E 272 17.68 -19.87 -43.67
N PRO E 273 18.20 -20.91 -43.02
CA PRO E 273 17.44 -21.72 -42.07
C PRO E 273 16.74 -20.85 -41.01
N MET E 274 17.39 -19.77 -40.61
CA MET E 274 16.89 -18.93 -39.54
C MET E 274 15.56 -18.28 -39.93
N MET E 275 15.30 -18.21 -41.23
CA MET E 275 14.08 -17.58 -41.71
C MET E 275 13.29 -18.59 -42.53
N ASP E 276 13.75 -19.84 -42.45
CA ASP E 276 13.09 -20.97 -43.10
C ASP E 276 12.04 -21.54 -42.15
N ARG E 277 10.80 -21.09 -42.34
CA ARG E 277 9.69 -21.50 -41.50
C ARG E 277 9.67 -22.97 -41.16
N ASN E 278 9.99 -23.83 -42.12
CA ASN E 278 10.01 -25.28 -41.91
C ASN E 278 10.98 -25.77 -40.85
N LYS E 279 12.03 -25.01 -40.61
CA LYS E 279 13.12 -25.43 -39.73
C LYS E 279 12.94 -24.95 -38.31
N ARG E 280 11.71 -24.60 -37.95
CA ARG E 280 11.39 -24.06 -36.64
C ARG E 280 11.98 -24.88 -35.50
N ASP E 281 12.37 -26.12 -35.78
CA ASP E 281 12.91 -27.01 -34.76
C ASP E 281 14.43 -26.88 -34.57
N GLU E 282 15.03 -25.97 -35.34
CA GLU E 282 16.46 -25.69 -35.25
C GLU E 282 16.65 -24.28 -34.74
N LEU E 283 15.57 -23.73 -34.22
CA LEU E 283 15.55 -22.42 -33.61
C LEU E 283 16.64 -22.34 -32.54
N PRO E 284 16.50 -23.15 -31.47
CA PRO E 284 17.28 -22.97 -30.24
C PRO E 284 18.78 -22.97 -30.45
N LYS E 285 19.27 -23.80 -31.38
CA LYS E 285 20.71 -23.85 -31.65
C LYS E 285 21.08 -22.62 -32.46
N LEU E 286 20.18 -22.19 -33.33
CA LEU E 286 20.41 -20.99 -34.09
C LEU E 286 20.46 -19.80 -33.15
N GLN E 287 19.61 -19.82 -32.14
CA GLN E 287 19.65 -18.84 -31.06
C GLN E 287 20.97 -18.91 -30.30
N VAL E 288 21.38 -20.11 -29.93
CA VAL E 288 22.65 -20.30 -29.23
C VAL E 288 23.80 -19.70 -30.02
N GLY E 289 23.94 -20.12 -31.28
CA GLY E 289 25.04 -19.68 -32.11
C GLY E 289 25.08 -18.17 -32.25
N PHE E 290 23.90 -17.56 -32.28
CA PHE E 290 23.77 -16.12 -32.44
C PHE E 290 24.21 -15.40 -31.18
N ILE E 291 23.74 -15.89 -30.04
CA ILE E 291 24.11 -15.34 -28.74
C ILE E 291 25.61 -15.39 -28.56
N ASP E 292 26.19 -16.52 -28.93
CA ASP E 292 27.64 -16.70 -28.89
C ASP E 292 28.32 -15.72 -29.82
N PHE E 293 27.91 -15.75 -31.07
CA PHE E 293 28.50 -14.91 -32.10
C PHE E 293 28.33 -13.41 -31.85
N VAL E 294 27.16 -12.99 -31.41
CA VAL E 294 26.87 -11.58 -31.42
C VAL E 294 26.82 -10.96 -30.04
N CYS E 295 26.38 -11.73 -29.04
CA CYS E 295 25.89 -11.11 -27.82
C CYS E 295 26.83 -11.15 -26.63
N THR E 296 26.99 -12.33 -26.01
CA THR E 296 27.84 -12.45 -24.83
C THR E 296 29.08 -11.59 -25.00
N GLN E 297 29.82 -11.85 -26.06
CA GLN E 297 30.93 -11.02 -26.47
C GLN E 297 30.74 -9.54 -26.07
N LEU E 298 29.60 -8.96 -26.46
CA LEU E 298 29.34 -7.52 -26.30
C LEU E 298 28.95 -7.09 -24.90
N TYR E 299 28.09 -7.86 -24.25
CA TYR E 299 27.63 -7.49 -22.93
C TYR E 299 28.73 -7.65 -21.90
N GLU E 300 29.64 -8.57 -22.16
CA GLU E 300 30.85 -8.69 -21.35
C GLU E 300 31.56 -7.35 -21.34
N ALA E 301 31.95 -6.93 -22.54
CA ALA E 301 32.61 -5.66 -22.74
C ALA E 301 31.92 -4.55 -21.96
N LEU E 302 30.63 -4.40 -22.20
CA LEU E 302 29.84 -3.35 -21.56
C LEU E 302 29.94 -3.32 -20.04
N THR E 303 30.20 -4.48 -19.44
CA THR E 303 30.31 -4.55 -17.99
C THR E 303 31.69 -4.08 -17.52
N HIS E 304 32.72 -4.42 -18.28
CA HIS E 304 34.04 -3.91 -17.98
C HIS E 304 34.05 -2.40 -17.94
N VAL E 305 33.23 -1.81 -18.81
CA VAL E 305 33.05 -0.36 -18.88
C VAL E 305 32.23 0.11 -17.71
N SER E 306 31.19 -0.63 -17.37
CA SER E 306 30.36 -0.31 -16.22
C SER E 306 29.88 -1.57 -15.53
N GLU E 307 30.28 -1.74 -14.28
CA GLU E 307 29.95 -2.96 -13.55
C GLU E 307 28.46 -3.11 -13.33
N ASP E 308 27.79 -2.01 -13.02
CA ASP E 308 26.36 -2.03 -12.71
C ASP E 308 25.54 -2.47 -13.91
N CYS E 309 26.20 -2.71 -15.04
CA CYS E 309 25.52 -3.15 -16.25
C CYS E 309 25.54 -4.66 -16.39
N PHE E 310 26.13 -5.31 -15.41
CA PHE E 310 26.23 -6.76 -15.39
C PHE E 310 24.91 -7.52 -15.54
N PRO E 311 23.81 -7.01 -14.97
CA PRO E 311 22.57 -7.77 -15.05
C PRO E 311 22.29 -8.20 -16.49
N LEU E 312 22.65 -7.33 -17.44
CA LEU E 312 22.51 -7.64 -18.85
C LEU E 312 23.29 -8.87 -19.24
N LEU E 313 24.55 -8.93 -18.82
CA LEU E 313 25.38 -10.10 -19.10
C LEU E 313 24.82 -11.32 -18.41
N ASP E 314 24.37 -11.15 -17.18
CA ASP E 314 23.84 -12.26 -16.44
C ASP E 314 22.62 -12.86 -17.15
N GLY E 315 21.61 -12.01 -17.41
CA GLY E 315 20.41 -12.43 -18.11
C GLY E 315 20.67 -13.02 -19.48
N CYS E 316 21.72 -12.57 -20.14
CA CYS E 316 22.08 -13.08 -21.45
C CYS E 316 22.53 -14.54 -21.41
N ARG E 317 23.63 -14.79 -20.71
CA ARG E 317 24.13 -16.15 -20.58
C ARG E 317 23.10 -17.08 -19.93
N LYS E 318 22.21 -16.51 -19.12
CA LYS E 318 21.17 -17.29 -18.46
C LYS E 318 20.21 -17.83 -19.49
N ASN E 319 19.90 -17.05 -20.52
CA ASN E 319 19.03 -17.50 -21.59
C ASN E 319 19.78 -18.43 -22.52
N ARG E 320 21.05 -18.11 -22.75
CA ARG E 320 21.87 -18.98 -23.57
C ARG E 320 21.80 -20.38 -22.99
N GLN E 321 21.97 -20.45 -21.68
CA GLN E 321 21.81 -21.70 -20.95
C GLN E 321 20.55 -22.46 -21.39
N LYS E 322 19.41 -21.78 -21.33
CA LYS E 322 18.12 -22.44 -21.58
C LYS E 322 17.89 -22.80 -23.04
N TRP E 323 18.40 -22.01 -23.97
CA TRP E 323 18.32 -22.36 -25.38
C TRP E 323 19.15 -23.58 -25.65
N GLN E 324 20.36 -23.62 -25.10
CA GLN E 324 21.24 -24.76 -25.32
C GLN E 324 20.55 -26.04 -24.88
N ALA E 325 20.00 -26.03 -23.67
CA ALA E 325 19.29 -27.19 -23.17
C ALA E 325 18.27 -27.64 -24.21
N LEU E 326 17.41 -26.72 -24.60
CA LEU E 326 16.38 -26.97 -25.60
C LEU E 326 16.93 -27.53 -26.89
N ALA E 327 18.01 -26.95 -27.38
CA ALA E 327 18.60 -27.41 -28.63
C ALA E 327 18.91 -28.90 -28.56
N GLU E 328 19.13 -29.40 -27.34
CA GLU E 328 19.40 -30.80 -27.11
C GLU E 328 18.10 -31.54 -26.77
N GLN E 329 16.98 -30.92 -27.14
CA GLN E 329 15.63 -31.37 -26.81
C GLN E 329 15.45 -31.67 -25.33
N GLU F 2 29.42 -4.13 -48.31
CA GLU F 2 29.44 -5.18 -47.30
C GLU F 2 30.44 -6.27 -47.66
N ALA F 3 31.71 -5.90 -47.65
CA ALA F 3 32.80 -6.84 -47.94
C ALA F 3 33.57 -7.23 -46.66
N PHE F 4 33.52 -8.52 -46.33
CA PHE F 4 34.18 -9.04 -45.14
C PHE F 4 35.09 -10.18 -45.55
N ASN F 5 35.95 -10.62 -44.64
CA ASN F 5 36.80 -11.79 -44.88
C ASN F 5 35.98 -13.01 -45.31
N HIS F 6 36.47 -13.75 -46.31
CA HIS F 6 35.72 -14.88 -46.89
C HIS F 6 35.45 -16.05 -45.92
N LEU F 7 36.26 -16.15 -44.87
CA LEU F 7 36.06 -17.17 -43.85
C LEU F 7 34.85 -16.84 -42.98
N GLU F 8 34.71 -15.56 -42.64
CA GLU F 8 33.55 -15.07 -41.90
C GLU F 8 32.22 -15.35 -42.61
N LEU F 9 32.21 -15.20 -43.92
CA LEU F 9 30.98 -15.13 -44.70
C LEU F 9 29.84 -16.08 -44.37
N HIS F 10 30.14 -17.35 -44.09
CA HIS F 10 29.05 -18.28 -43.81
C HIS F 10 28.27 -17.93 -42.54
N GLU F 11 28.99 -17.77 -41.43
CA GLU F 11 28.36 -17.36 -40.17
C GLU F 11 27.58 -16.06 -40.32
N LEU F 12 28.19 -15.09 -41.00
CA LEU F 12 27.55 -13.80 -41.21
C LEU F 12 26.19 -13.96 -41.83
N ALA F 13 26.11 -14.81 -42.85
CA ALA F 13 24.89 -14.97 -43.63
C ALA F 13 23.83 -15.81 -42.92
N GLN F 14 24.25 -16.83 -42.19
CA GLN F 14 23.30 -17.76 -41.58
C GLN F 14 22.52 -17.08 -40.46
N TYR F 15 23.10 -15.99 -39.97
CA TYR F 15 22.37 -15.01 -39.16
C TYR F 15 21.99 -13.93 -40.14
N GLY F 16 21.05 -13.07 -39.77
CA GLY F 16 20.46 -12.18 -40.76
C GLY F 16 21.33 -11.07 -41.33
N ILE F 17 22.63 -11.11 -41.04
CA ILE F 17 23.53 -10.01 -41.37
C ILE F 17 23.98 -9.97 -42.83
N ILE F 18 24.52 -8.82 -43.22
CA ILE F 18 25.07 -8.60 -44.57
C ILE F 18 24.01 -8.58 -45.69
N SER G 2 20.56 -9.79 32.78
CA SER G 2 21.55 -9.68 31.70
C SER G 2 21.58 -10.89 30.77
N HIS G 3 21.75 -12.05 31.38
CA HIS G 3 21.58 -13.34 30.74
C HIS G 3 20.11 -13.49 30.38
N MET G 4 19.29 -12.76 31.13
CA MET G 4 17.84 -12.83 31.03
C MET G 4 17.35 -12.09 29.79
N GLU G 5 17.83 -10.88 29.60
CA GLU G 5 17.44 -10.11 28.43
C GLU G 5 17.94 -10.82 27.16
N GLU G 6 19.13 -11.39 27.25
CA GLU G 6 19.67 -12.17 26.15
C GLU G 6 18.72 -13.28 25.74
N THR G 7 18.18 -14.01 26.72
CA THR G 7 17.45 -15.25 26.43
C THR G 7 16.04 -15.02 25.92
N ARG G 8 15.39 -13.96 26.39
CA ARG G 8 14.11 -13.56 25.85
C ARG G 8 14.30 -13.02 24.45
N GLU G 9 15.46 -12.42 24.23
CA GLU G 9 15.79 -11.88 22.91
C GLU G 9 15.74 -12.97 21.88
N LEU G 10 16.12 -14.17 22.30
CA LEU G 10 16.06 -15.34 21.43
C LEU G 10 14.63 -15.81 21.25
N GLN G 11 13.85 -15.79 22.33
CA GLN G 11 12.44 -16.15 22.24
C GLN G 11 11.77 -15.28 21.17
N SER G 12 11.83 -13.97 21.37
CA SER G 12 11.17 -13.04 20.46
C SER G 12 11.68 -13.16 19.03
N LEU G 13 12.98 -13.40 18.89
CA LEU G 13 13.56 -13.48 17.56
C LEU G 13 13.18 -14.77 16.83
N ALA G 14 13.34 -15.89 17.51
CA ALA G 14 13.10 -17.20 16.88
C ALA G 14 11.61 -17.50 16.73
N ALA G 15 10.80 -16.45 16.56
CA ALA G 15 9.36 -16.60 16.48
C ALA G 15 8.72 -15.48 15.69
N ALA G 16 9.53 -14.52 15.26
CA ALA G 16 9.05 -13.42 14.44
C ALA G 16 9.15 -13.82 12.97
N VAL G 17 8.27 -13.25 12.15
CA VAL G 17 8.31 -13.48 10.72
C VAL G 17 9.44 -12.68 10.11
N VAL G 18 10.25 -13.35 9.29
CA VAL G 18 11.31 -12.69 8.56
C VAL G 18 10.70 -12.08 7.29
N PRO G 19 10.70 -10.74 7.20
CA PRO G 19 10.15 -10.06 6.01
C PRO G 19 10.96 -10.39 4.76
N SER G 20 10.42 -10.07 3.59
CA SER G 20 11.10 -10.38 2.34
C SER G 20 12.32 -9.48 2.14
N ALA G 21 13.20 -9.87 1.24
CA ALA G 21 14.37 -9.07 0.96
C ALA G 21 13.95 -7.75 0.35
N GLN G 22 12.89 -7.79 -0.44
CA GLN G 22 12.36 -6.59 -1.07
C GLN G 22 11.94 -5.63 0.03
N THR G 23 11.12 -6.14 0.96
CA THR G 23 10.63 -5.36 2.08
C THR G 23 11.78 -4.71 2.82
N LEU G 24 12.87 -5.45 2.98
CA LEU G 24 13.98 -5.02 3.81
C LEU G 24 14.99 -4.15 3.04
N LYS G 25 14.75 -3.98 1.75
CA LYS G 25 15.66 -3.21 0.90
C LYS G 25 17.13 -3.57 1.10
N ILE G 26 17.40 -4.83 1.44
CA ILE G 26 18.78 -5.28 1.62
C ILE G 26 19.44 -5.66 0.29
N THR G 27 18.67 -5.59 -0.78
CA THR G 27 19.18 -5.91 -2.10
C THR G 27 19.88 -4.69 -2.67
N ASP G 28 19.84 -3.58 -1.92
CA ASP G 28 20.33 -2.30 -2.41
C ASP G 28 21.75 -1.95 -1.95
N PHE G 29 22.55 -1.46 -2.89
CA PHE G 29 23.90 -0.97 -2.57
C PHE G 29 23.84 0.35 -1.83
N SER G 30 22.65 0.94 -1.82
CA SER G 30 22.43 2.28 -1.30
C SER G 30 21.73 2.19 0.04
N PHE G 31 21.79 1.00 0.63
CA PHE G 31 21.05 0.65 1.82
C PHE G 31 21.66 1.24 3.08
N SER G 32 20.81 1.52 4.07
CA SER G 32 21.23 2.11 5.34
C SER G 32 20.55 1.45 6.53
N ASP G 33 21.25 1.42 7.65
CA ASP G 33 20.76 0.74 8.85
C ASP G 33 20.33 1.72 9.92
N PHE G 34 20.77 2.96 9.78
CA PHE G 34 20.52 4.04 10.73
C PHE G 34 19.17 3.92 11.45
N GLU G 35 18.11 3.56 10.72
CA GLU G 35 16.74 3.57 11.25
C GLU G 35 16.23 2.20 11.71
N LEU G 36 17.01 1.15 11.48
CA LEU G 36 16.63 -0.17 11.95
C LEU G 36 16.86 -0.34 13.45
N SER G 37 16.12 -1.27 14.05
CA SER G 37 16.32 -1.63 15.44
C SER G 37 17.37 -2.71 15.45
N ASP G 38 17.74 -3.16 16.63
CA ASP G 38 18.63 -4.32 16.74
C ASP G 38 17.97 -5.57 16.22
N LEU G 39 16.73 -5.77 16.64
CA LEU G 39 16.01 -6.97 16.27
C LEU G 39 15.86 -7.04 14.77
N GLU G 40 15.68 -5.89 14.13
CA GLU G 40 15.47 -5.85 12.69
C GLU G 40 16.72 -6.33 11.95
N THR G 41 17.87 -5.80 12.36
CA THR G 41 19.12 -6.20 11.73
C THR G 41 19.29 -7.71 11.76
N ALA G 42 19.10 -8.30 12.93
CA ALA G 42 19.16 -9.75 13.04
C ALA G 42 18.25 -10.41 12.02
N LEU G 43 17.07 -9.84 11.82
CA LEU G 43 16.07 -10.43 10.94
C LEU G 43 16.55 -10.42 9.51
N CYS G 44 17.09 -9.28 9.09
CA CYS G 44 17.73 -9.17 7.78
C CYS G 44 18.73 -10.27 7.55
N THR G 45 19.68 -10.39 8.47
CA THR G 45 20.65 -11.48 8.49
C THR G 45 20.03 -12.85 8.19
N ILE G 46 18.93 -13.18 8.86
CA ILE G 46 18.26 -14.44 8.64
C ILE G 46 17.73 -14.53 7.20
N ARG G 47 17.16 -13.43 6.73
CA ARG G 47 16.71 -13.32 5.35
C ARG G 47 17.87 -13.51 4.39
N MET G 48 19.03 -12.99 4.76
CA MET G 48 20.25 -13.18 3.97
C MET G 48 20.57 -14.66 3.78
N PHE G 49 20.78 -15.35 4.89
CA PHE G 49 21.07 -16.78 4.86
C PHE G 49 20.02 -17.53 4.08
N THR G 50 18.77 -17.17 4.33
CA THR G 50 17.62 -17.81 3.69
C THR G 50 17.65 -17.67 2.17
N ASP G 51 17.86 -16.44 1.70
CA ASP G 51 17.72 -16.15 0.28
C ASP G 51 18.96 -16.52 -0.51
N LEU G 52 20.01 -16.88 0.20
CA LEU G 52 21.19 -17.42 -0.44
C LEU G 52 21.13 -18.95 -0.46
N ASN G 53 19.98 -19.49 -0.04
CA ASN G 53 19.76 -20.93 0.01
C ASN G 53 20.64 -21.64 1.03
N LEU G 54 21.39 -20.87 1.81
CA LEU G 54 22.28 -21.47 2.77
C LEU G 54 21.49 -22.26 3.80
N VAL G 55 20.33 -21.76 4.16
CA VAL G 55 19.55 -22.36 5.23
C VAL G 55 19.06 -23.75 4.90
N GLN G 56 18.62 -23.91 3.65
CA GLN G 56 18.06 -25.19 3.21
C GLN G 56 19.14 -26.18 2.77
N ASN G 57 20.17 -25.69 2.12
CA ASN G 57 21.19 -26.57 1.59
C ASN G 57 22.13 -27.11 2.65
N PHE G 58 22.05 -26.56 3.85
CA PHE G 58 22.91 -26.97 4.96
C PHE G 58 22.13 -27.25 6.24
N GLN G 59 20.87 -27.62 6.07
CA GLN G 59 20.07 -28.19 7.15
C GLN G 59 20.19 -27.39 8.45
N MET G 60 20.11 -26.08 8.32
CA MET G 60 20.17 -25.23 9.50
C MET G 60 18.81 -25.17 10.18
N LYS G 61 18.81 -25.23 11.50
CA LYS G 61 17.58 -25.17 12.26
C LYS G 61 17.37 -23.73 12.66
N HIS G 62 16.16 -23.20 12.45
CA HIS G 62 15.87 -21.81 12.76
C HIS G 62 16.36 -21.46 14.16
N GLU G 63 16.10 -22.36 15.10
CA GLU G 63 16.51 -22.21 16.49
C GLU G 63 18.00 -21.84 16.59
N VAL G 64 18.82 -22.68 15.99
CA VAL G 64 20.27 -22.57 16.09
C VAL G 64 20.79 -21.28 15.47
N LEU G 65 20.51 -21.09 14.19
CA LEU G 65 20.94 -19.89 13.49
C LEU G 65 20.69 -18.66 14.32
N CYS G 66 19.49 -18.58 14.87
CA CYS G 66 19.08 -17.46 15.69
C CYS G 66 20.00 -17.25 16.88
N ARG G 67 20.24 -18.32 17.62
CA ARG G 67 21.16 -18.24 18.75
C ARG G 67 22.50 -17.70 18.28
N TRP G 68 23.10 -18.39 17.32
CA TRP G 68 24.35 -17.96 16.73
C TRP G 68 24.40 -16.47 16.37
N ILE G 69 23.53 -16.05 15.46
CA ILE G 69 23.46 -14.64 15.10
C ILE G 69 23.51 -13.75 16.32
N LEU G 70 22.63 -14.02 17.27
CA LEU G 70 22.54 -13.23 18.49
C LEU G 70 23.88 -13.19 19.19
N SER G 71 24.60 -14.31 19.14
CA SER G 71 25.86 -14.45 19.84
C SER G 71 26.90 -13.53 19.24
N VAL G 72 26.98 -13.55 17.93
CA VAL G 72 27.86 -12.63 17.22
C VAL G 72 27.54 -11.18 17.58
N LYS G 73 26.25 -10.85 17.58
CA LYS G 73 25.78 -9.51 17.91
C LYS G 73 26.35 -9.05 19.25
N LYS G 74 26.23 -9.92 20.25
CA LYS G 74 26.62 -9.59 21.62
C LYS G 74 28.13 -9.60 21.81
N ASN G 75 28.86 -10.03 20.79
CA ASN G 75 30.31 -10.14 20.88
C ASN G 75 31.00 -9.02 20.16
N TYR G 76 30.21 -8.10 19.64
CA TYR G 76 30.76 -6.85 19.21
C TYR G 76 30.59 -5.85 20.34
N ARG G 77 31.63 -5.06 20.57
CA ARG G 77 31.65 -4.10 21.66
C ARG G 77 30.81 -2.85 21.36
N LYS G 78 29.95 -2.51 22.30
CA LYS G 78 29.02 -1.42 22.17
C LYS G 78 29.78 -0.08 22.27
N ASN G 79 30.66 0.02 23.26
CA ASN G 79 31.42 1.22 23.52
C ASN G 79 32.36 1.63 22.39
N VAL G 80 32.52 0.75 21.40
CA VAL G 80 33.43 1.00 20.28
C VAL G 80 32.77 1.71 19.11
N ALA G 81 33.36 2.84 18.73
CA ALA G 81 32.72 3.82 17.86
C ALA G 81 32.21 3.32 16.51
N TYR G 82 33.09 2.83 15.65
CA TYR G 82 32.71 2.37 14.31
C TYR G 82 32.69 0.85 14.20
N HIS G 83 33.69 0.22 14.81
CA HIS G 83 33.87 -1.23 14.72
C HIS G 83 33.00 -2.00 15.70
N ASN G 84 31.70 -1.73 15.63
CA ASN G 84 30.69 -2.44 16.40
C ASN G 84 29.89 -3.34 15.47
N TRP G 85 28.79 -3.89 15.98
CA TRP G 85 27.97 -4.84 15.23
C TRP G 85 27.41 -4.29 13.92
N ARG G 86 27.04 -3.01 13.94
CA ARG G 86 26.46 -2.40 12.74
C ARG G 86 27.46 -2.34 11.59
N HIS G 87 28.74 -2.44 11.91
CA HIS G 87 29.75 -2.54 10.85
C HIS G 87 29.78 -3.92 10.22
N ALA G 88 29.79 -4.96 11.06
CA ALA G 88 29.75 -6.34 10.61
C ALA G 88 28.49 -6.58 9.78
N PHE G 89 27.40 -5.98 10.24
CA PHE G 89 26.13 -6.08 9.57
C PHE G 89 26.09 -5.36 8.21
N ASN G 90 26.52 -4.10 8.17
CA ASN G 90 26.60 -3.32 6.92
C ASN G 90 27.54 -3.93 5.88
N THR G 91 28.48 -4.72 6.37
CA THR G 91 29.45 -5.40 5.53
C THR G 91 28.78 -6.61 4.91
N ALA G 92 28.13 -7.40 5.75
CA ALA G 92 27.46 -8.60 5.30
C ALA G 92 26.33 -8.26 4.33
N GLN G 93 25.73 -7.08 4.50
CA GLN G 93 24.65 -6.68 3.61
C GLN G 93 25.21 -6.26 2.27
N CYS G 94 26.34 -5.59 2.31
CA CYS G 94 27.07 -5.26 1.09
C CYS G 94 27.42 -6.56 0.39
N MET G 95 28.06 -7.45 1.13
CA MET G 95 28.38 -8.80 0.66
C MET G 95 27.16 -9.46 0.05
N PHE G 96 26.04 -9.39 0.74
CA PHE G 96 24.80 -9.97 0.21
C PHE G 96 24.36 -9.28 -1.06
N ALA G 97 24.38 -7.95 -1.06
CA ALA G 97 23.99 -7.18 -2.23
C ALA G 97 24.87 -7.52 -3.43
N ALA G 98 26.17 -7.70 -3.16
CA ALA G 98 27.13 -8.07 -4.19
C ALA G 98 26.75 -9.36 -4.90
N LEU G 99 26.40 -10.37 -4.13
CA LEU G 99 26.06 -11.70 -4.67
C LEU G 99 24.77 -11.72 -5.46
N LYS G 100 23.82 -10.90 -5.03
CA LYS G 100 22.49 -10.85 -5.64
C LYS G 100 22.46 -9.84 -6.78
N ALA G 101 22.29 -8.57 -6.46
CA ALA G 101 22.18 -7.53 -7.47
C ALA G 101 23.44 -7.44 -8.35
N GLY G 102 24.61 -7.56 -7.72
CA GLY G 102 25.85 -7.54 -8.46
C GLY G 102 26.05 -8.82 -9.24
N LYS G 103 25.23 -9.83 -8.95
CA LYS G 103 25.24 -11.10 -9.65
C LYS G 103 26.60 -11.78 -9.62
N ILE G 104 26.91 -12.39 -8.48
CA ILE G 104 28.14 -13.15 -8.34
C ILE G 104 27.86 -14.58 -7.88
N GLN G 105 26.77 -14.72 -7.14
CA GLN G 105 26.28 -16.02 -6.73
C GLN G 105 26.51 -17.04 -7.86
N ASN G 106 26.04 -16.70 -9.05
CA ASN G 106 26.15 -17.56 -10.23
C ASN G 106 27.58 -17.86 -10.64
N LYS G 107 28.55 -17.35 -9.88
CA LYS G 107 29.96 -17.51 -10.21
C LYS G 107 30.72 -18.34 -9.20
N LEU G 108 30.07 -18.70 -8.10
CA LEU G 108 30.75 -19.51 -7.09
C LEU G 108 29.88 -20.48 -6.31
N THR G 109 30.55 -21.41 -5.64
CA THR G 109 29.92 -22.56 -5.02
C THR G 109 29.15 -22.18 -3.77
N ASP G 110 28.36 -23.14 -3.31
CA ASP G 110 27.57 -22.93 -2.11
C ASP G 110 28.46 -22.90 -0.88
N LEU G 111 29.54 -23.66 -0.92
CA LEU G 111 30.49 -23.66 0.18
C LEU G 111 31.15 -22.30 0.30
N GLU G 112 31.41 -21.66 -0.84
CA GLU G 112 32.05 -20.37 -0.84
C GLU G 112 31.11 -19.28 -0.35
N ILE G 113 29.87 -19.30 -0.83
CA ILE G 113 28.89 -18.30 -0.41
C ILE G 113 28.67 -18.32 1.11
N LEU G 114 28.46 -19.51 1.66
CA LEU G 114 28.27 -19.70 3.09
C LEU G 114 29.43 -19.11 3.87
N ALA G 115 30.65 -19.43 3.41
CA ALA G 115 31.87 -18.98 4.06
C ALA G 115 32.03 -17.47 4.05
N LEU G 116 31.69 -16.85 2.93
CA LEU G 116 31.81 -15.40 2.79
C LEU G 116 30.88 -14.69 3.75
N LEU G 117 29.67 -15.21 3.87
CA LEU G 117 28.65 -14.59 4.71
C LEU G 117 29.04 -14.70 6.18
N ILE G 118 29.39 -15.91 6.59
CA ILE G 118 29.80 -16.12 7.96
C ILE G 118 31.01 -15.28 8.26
N ALA G 119 31.94 -15.21 7.33
CA ALA G 119 33.15 -14.41 7.51
C ALA G 119 32.83 -12.91 7.63
N ALA G 120 32.08 -12.39 6.66
CA ALA G 120 31.70 -10.97 6.63
C ALA G 120 31.09 -10.51 7.95
N LEU G 121 30.28 -11.39 8.53
CA LEU G 121 29.60 -11.11 9.77
C LEU G 121 30.52 -11.02 10.96
N SER G 122 31.59 -11.81 10.94
CA SER G 122 32.47 -11.94 12.10
C SER G 122 33.91 -11.44 11.89
N HIS G 123 34.13 -10.71 10.79
CA HIS G 123 35.47 -10.31 10.41
C HIS G 123 36.15 -9.36 11.40
N ASP G 124 35.38 -8.82 12.35
CA ASP G 124 35.96 -7.86 13.30
C ASP G 124 35.60 -8.16 14.76
N LEU G 125 35.25 -9.41 15.06
CA LEU G 125 34.73 -9.72 16.40
C LEU G 125 35.64 -9.21 17.50
N ASP G 126 35.04 -8.66 18.55
CA ASP G 126 35.77 -8.22 19.74
C ASP G 126 36.81 -7.16 19.39
N HIS G 127 36.61 -6.47 18.28
CA HIS G 127 37.49 -5.37 17.93
C HIS G 127 37.41 -4.34 19.04
N ARG G 128 38.56 -3.94 19.55
CA ARG G 128 38.63 -3.05 20.68
C ARG G 128 38.99 -1.64 20.23
N GLY G 129 38.54 -1.26 19.05
CA GLY G 129 38.64 0.11 18.59
C GLY G 129 40.04 0.64 18.43
N VAL G 130 40.91 -0.18 17.88
CA VAL G 130 42.31 0.19 17.74
C VAL G 130 42.93 -0.68 16.66
N ASN G 131 43.84 -0.10 15.89
CA ASN G 131 44.44 -0.79 14.75
C ASN G 131 45.61 -1.74 15.08
N ASN G 132 45.94 -2.61 14.14
CA ASN G 132 47.04 -3.54 14.32
C ASN G 132 48.32 -2.82 14.70
N SER G 133 48.52 -1.65 14.09
CA SER G 133 49.72 -0.85 14.33
C SER G 133 49.89 -0.51 15.81
N TYR G 134 48.79 -0.11 16.42
CA TYR G 134 48.84 0.30 17.81
C TYR G 134 49.17 -0.88 18.73
N ILE G 135 48.39 -1.95 18.61
CA ILE G 135 48.51 -3.09 19.49
C ILE G 135 49.92 -3.65 19.43
N GLN G 136 50.52 -3.53 18.26
CA GLN G 136 51.88 -3.99 18.07
C GLN G 136 52.85 -3.11 18.83
N ARG G 137 52.70 -1.79 18.65
CA ARG G 137 53.62 -0.83 19.25
C ARG G 137 53.45 -0.66 20.76
N SER G 138 52.31 -1.10 21.28
CA SER G 138 52.05 -1.02 22.71
C SER G 138 52.30 -2.36 23.42
N GLU G 139 52.85 -3.32 22.69
CA GLU G 139 53.12 -4.65 23.22
C GLU G 139 51.92 -5.21 23.99
N HIS G 140 50.78 -5.25 23.30
CA HIS G 140 49.63 -5.95 23.81
C HIS G 140 49.95 -7.43 23.77
N PRO G 141 49.41 -8.21 24.71
CA PRO G 141 49.68 -9.65 24.80
C PRO G 141 49.19 -10.38 23.56
N LEU G 142 48.26 -9.75 22.85
CA LEU G 142 47.72 -10.27 21.61
C LEU G 142 48.78 -10.24 20.52
N ALA G 143 49.73 -9.32 20.67
CA ALA G 143 50.84 -9.21 19.73
C ALA G 143 51.87 -10.27 20.02
N GLN G 144 51.98 -10.65 21.29
CA GLN G 144 52.89 -11.70 21.71
C GLN G 144 52.37 -13.04 21.22
N LEU G 145 51.04 -13.18 21.23
CA LEU G 145 50.40 -14.39 20.79
C LEU G 145 50.46 -14.60 19.28
N TYR G 146 50.00 -13.62 18.51
CA TYR G 146 49.95 -13.76 17.06
C TYR G 146 51.06 -12.99 16.38
N CYS G 147 51.43 -13.45 15.19
CA CYS G 147 52.58 -12.91 14.47
C CYS G 147 52.19 -11.72 13.59
N HIS G 148 51.57 -12.03 12.46
CA HIS G 148 51.10 -11.03 11.51
C HIS G 148 49.58 -11.05 11.48
N SER G 149 48.97 -9.96 11.01
CA SER G 149 47.52 -9.83 10.96
C SER G 149 46.91 -10.13 12.32
N ILE G 150 47.58 -9.65 13.36
CA ILE G 150 47.19 -9.87 14.75
C ILE G 150 45.69 -9.84 15.03
N MET G 151 45.06 -8.69 14.80
CA MET G 151 43.64 -8.55 15.12
C MET G 151 42.80 -9.52 14.35
N GLU G 152 43.08 -9.62 13.06
CA GLU G 152 42.33 -10.49 12.16
C GLU G 152 42.44 -11.97 12.56
N HIS G 153 43.58 -12.37 13.11
CA HIS G 153 43.71 -13.71 13.65
C HIS G 153 42.77 -13.88 14.83
N HIS G 154 42.69 -12.83 15.66
CA HIS G 154 41.83 -12.84 16.84
C HIS G 154 40.36 -12.89 16.44
N HIS G 155 39.96 -12.04 15.50
CA HIS G 155 38.57 -12.01 15.02
C HIS G 155 38.15 -13.43 14.67
N PHE G 156 39.05 -14.17 14.06
CA PHE G 156 38.79 -15.55 13.64
C PHE G 156 38.75 -16.52 14.82
N ASP G 157 39.73 -16.41 15.71
CA ASP G 157 39.75 -17.21 16.93
C ASP G 157 38.37 -17.13 17.57
N GLN G 158 37.75 -15.96 17.46
CA GLN G 158 36.45 -15.69 18.07
C GLN G 158 35.32 -16.34 17.30
N CYS G 159 35.24 -16.01 16.02
CA CYS G 159 34.31 -16.64 15.09
C CYS G 159 34.18 -18.15 15.34
N LEU G 160 35.34 -18.78 15.45
CA LEU G 160 35.43 -20.22 15.59
C LEU G 160 34.98 -20.67 16.97
N MET G 161 35.35 -19.89 17.99
CA MET G 161 34.92 -20.19 19.33
C MET G 161 33.40 -20.26 19.39
N ILE G 162 32.76 -19.34 18.68
CA ILE G 162 31.31 -19.24 18.70
C ILE G 162 30.62 -20.36 17.93
N LEU G 163 31.21 -20.74 16.81
CA LEU G 163 30.68 -21.84 16.00
C LEU G 163 30.77 -23.18 16.70
N ASN G 164 31.70 -23.28 17.64
CA ASN G 164 31.87 -24.51 18.40
C ASN G 164 31.04 -24.47 19.68
N SER G 165 30.46 -23.30 19.97
CA SER G 165 29.53 -23.16 21.08
C SER G 165 28.31 -24.04 20.88
N PRO G 166 27.71 -24.51 21.98
CA PRO G 166 26.56 -25.41 21.94
C PRO G 166 25.29 -24.67 21.52
N GLY G 167 24.55 -25.23 20.56
CA GLY G 167 23.38 -24.57 20.04
C GLY G 167 23.74 -23.39 19.15
N ASN G 168 24.97 -23.39 18.66
CA ASN G 168 25.42 -22.36 17.74
C ASN G 168 26.05 -22.98 16.51
N GLN G 169 26.23 -24.30 16.55
CA GLN G 169 26.78 -25.04 15.42
C GLN G 169 25.85 -24.94 14.23
N ILE G 170 25.86 -23.79 13.57
CA ILE G 170 25.06 -23.59 12.38
C ILE G 170 25.66 -24.41 11.25
N LEU G 171 26.87 -24.89 11.46
CA LEU G 171 27.51 -25.73 10.47
C LEU G 171 27.28 -27.22 10.71
N SER G 172 26.67 -27.55 11.84
CA SER G 172 26.53 -28.94 12.27
C SER G 172 26.10 -29.87 11.15
N GLY G 173 25.41 -29.32 10.15
CA GLY G 173 24.87 -30.13 9.07
C GLY G 173 25.85 -30.56 7.98
N LEU G 174 27.07 -30.05 8.03
CA LEU G 174 28.03 -30.29 6.97
C LEU G 174 28.79 -31.58 7.14
N SER G 175 29.09 -32.23 6.02
CA SER G 175 29.98 -33.38 6.06
C SER G 175 31.31 -32.89 6.61
N ILE G 176 32.07 -33.79 7.22
CA ILE G 176 33.31 -33.40 7.87
C ILE G 176 34.26 -32.75 6.86
N GLU G 177 34.22 -33.23 5.62
CA GLU G 177 35.03 -32.66 4.54
C GLU G 177 34.57 -31.23 4.20
N GLU G 178 33.27 -31.06 4.06
CA GLU G 178 32.70 -29.73 3.84
C GLU G 178 33.15 -28.79 4.95
N TYR G 179 32.65 -29.04 6.15
CA TYR G 179 33.09 -28.29 7.33
C TYR G 179 34.57 -27.92 7.23
N LYS G 180 35.42 -28.94 7.09
CA LYS G 180 36.85 -28.75 7.07
C LYS G 180 37.34 -27.67 6.08
N THR G 181 36.76 -27.63 4.89
CA THR G 181 37.23 -26.67 3.89
C THR G 181 36.52 -25.31 3.99
N THR G 182 35.28 -25.33 4.47
CA THR G 182 34.56 -24.10 4.76
C THR G 182 35.40 -23.28 5.70
N LEU G 183 35.78 -23.88 6.81
CA LEU G 183 36.59 -23.22 7.82
C LEU G 183 37.87 -22.64 7.23
N LYS G 184 38.47 -23.39 6.30
CA LYS G 184 39.68 -22.94 5.65
C LYS G 184 39.42 -21.61 4.95
N ILE G 185 38.43 -21.60 4.08
CA ILE G 185 38.00 -20.39 3.38
C ILE G 185 37.66 -19.22 4.33
N ILE G 186 36.96 -19.54 5.42
CA ILE G 186 36.58 -18.50 6.37
C ILE G 186 37.82 -17.87 6.97
N LYS G 187 38.80 -18.71 7.30
CA LYS G 187 40.05 -18.18 7.83
C LYS G 187 40.68 -17.25 6.82
N GLN G 188 40.78 -17.70 5.57
CA GLN G 188 41.32 -16.88 4.50
C GLN G 188 40.56 -15.56 4.32
N ALA G 189 39.24 -15.62 4.41
CA ALA G 189 38.41 -14.43 4.25
C ALA G 189 38.69 -13.38 5.33
N ILE G 190 38.57 -13.79 6.59
CA ILE G 190 38.77 -12.86 7.69
C ILE G 190 40.16 -12.24 7.65
N LEU G 191 41.18 -13.04 7.37
CA LEU G 191 42.55 -12.51 7.34
C LEU G 191 42.70 -11.48 6.23
N ALA G 192 42.02 -11.75 5.12
CA ALA G 192 42.02 -10.85 3.96
C ALA G 192 41.58 -9.41 4.28
N THR G 193 40.82 -9.23 5.37
CA THR G 193 40.32 -7.91 5.77
C THR G 193 41.40 -7.10 6.49
N ASP G 194 42.59 -7.69 6.60
CA ASP G 194 43.78 -6.96 6.98
C ASP G 194 44.23 -6.11 5.79
N LEU G 195 44.18 -4.79 5.97
CA LEU G 195 44.50 -3.82 4.94
C LEU G 195 45.90 -4.01 4.38
N ALA G 196 46.79 -4.55 5.21
CA ALA G 196 48.17 -4.76 4.82
C ALA G 196 48.28 -5.84 3.76
N LEU G 197 47.43 -6.88 3.89
CA LEU G 197 47.42 -7.97 2.92
C LEU G 197 46.77 -7.50 1.67
N TYR G 198 45.74 -6.69 1.82
CA TYR G 198 45.07 -6.14 0.66
C TYR G 198 46.09 -5.42 -0.20
N ILE G 199 46.98 -4.68 0.46
CA ILE G 199 47.97 -3.91 -0.26
C ILE G 199 49.05 -4.80 -0.88
N LYS G 200 49.52 -5.76 -0.08
CA LYS G 200 50.62 -6.63 -0.49
C LYS G 200 50.20 -7.67 -1.52
N ARG G 201 48.92 -7.65 -1.89
CA ARG G 201 48.38 -8.64 -2.82
C ARG G 201 47.63 -8.01 -4.01
N ARG G 202 46.98 -6.89 -3.79
CA ARG G 202 46.15 -6.28 -4.82
C ARG G 202 46.87 -6.07 -6.15
N GLY G 203 48.16 -5.73 -6.11
CA GLY G 203 48.89 -5.48 -7.35
C GLY G 203 48.73 -6.61 -8.35
N GLU G 204 49.09 -7.81 -7.90
CA GLU G 204 48.88 -9.05 -8.63
C GLU G 204 47.54 -9.06 -9.37
N PHE G 205 46.48 -8.87 -8.59
CA PHE G 205 45.10 -8.94 -9.05
C PHE G 205 44.69 -7.82 -10.01
N PHE G 206 45.26 -6.63 -9.81
CA PHE G 206 44.96 -5.46 -10.65
C PHE G 206 45.48 -5.63 -12.07
N GLU G 207 46.45 -6.54 -12.22
CA GLU G 207 47.08 -6.78 -13.50
C GLU G 207 46.32 -7.80 -14.34
N LEU G 208 45.96 -8.91 -13.72
CA LEU G 208 45.15 -9.90 -14.41
C LEU G 208 43.91 -9.21 -14.96
N ILE G 209 43.38 -8.25 -14.22
CA ILE G 209 42.29 -7.44 -14.69
C ILE G 209 42.80 -6.62 -15.86
N ARG G 210 43.79 -5.76 -15.59
CA ARG G 210 44.35 -4.88 -16.61
C ARG G 210 44.58 -5.62 -17.92
N LYS G 211 45.23 -6.77 -17.84
CA LYS G 211 45.62 -7.54 -19.01
C LYS G 211 44.51 -8.44 -19.56
N ASN G 212 43.26 -8.18 -19.18
CA ASN G 212 42.15 -8.97 -19.67
C ASN G 212 42.43 -10.48 -19.57
N GLN G 213 43.21 -10.85 -18.55
CA GLN G 213 43.59 -12.24 -18.35
C GLN G 213 42.83 -12.85 -17.19
N PHE G 214 42.41 -12.01 -16.26
CA PHE G 214 41.72 -12.50 -15.07
C PHE G 214 40.57 -13.44 -15.38
N ASN G 215 40.55 -14.58 -14.68
CA ASN G 215 39.59 -15.63 -14.94
C ASN G 215 39.26 -16.44 -13.68
N LEU G 216 37.98 -16.48 -13.32
CA LEU G 216 37.57 -17.13 -12.08
C LEU G 216 37.94 -18.59 -12.01
N GLU G 217 37.68 -19.31 -13.09
CA GLU G 217 37.88 -20.77 -13.13
C GLU G 217 39.16 -21.15 -12.40
N ASP G 218 40.23 -20.41 -12.66
CA ASP G 218 41.50 -20.69 -12.01
C ASP G 218 41.30 -20.69 -10.52
N PRO G 219 41.53 -21.84 -9.89
CA PRO G 219 41.45 -22.00 -8.44
C PRO G 219 42.15 -20.86 -7.71
N HIS G 220 43.43 -20.65 -7.96
CA HIS G 220 44.14 -19.57 -7.26
C HIS G 220 43.58 -18.18 -7.57
N GLN G 221 43.45 -17.85 -8.86
CA GLN G 221 42.85 -16.58 -9.24
C GLN G 221 41.55 -16.30 -8.48
N LYS G 222 40.79 -17.35 -8.19
CA LYS G 222 39.52 -17.21 -7.47
C LYS G 222 39.75 -16.77 -6.02
N GLU G 223 40.52 -17.55 -5.29
CA GLU G 223 40.72 -17.28 -3.87
C GLU G 223 41.39 -15.93 -3.60
N LEU G 224 42.13 -15.42 -4.57
CA LEU G 224 42.68 -14.08 -4.52
C LEU G 224 41.51 -13.13 -4.57
N PHE G 225 40.70 -13.28 -5.61
CA PHE G 225 39.51 -12.46 -5.78
C PHE G 225 38.64 -12.46 -4.52
N LEU G 226 38.54 -13.61 -3.87
CA LEU G 226 37.75 -13.73 -2.64
C LEU G 226 38.27 -12.84 -1.57
N ALA G 227 39.59 -12.72 -1.50
CA ALA G 227 40.22 -11.77 -0.62
C ALA G 227 39.77 -10.37 -1.02
N MET G 228 39.98 -10.03 -2.28
CA MET G 228 39.63 -8.69 -2.77
C MET G 228 38.17 -8.33 -2.47
N LEU G 229 37.29 -9.33 -2.54
CA LEU G 229 35.85 -9.13 -2.31
C LEU G 229 35.57 -8.78 -0.86
N MET G 230 36.27 -9.45 0.03
CA MET G 230 36.20 -9.14 1.44
C MET G 230 36.51 -7.67 1.69
N THR G 231 37.73 -7.23 1.35
CA THR G 231 38.07 -5.82 1.42
C THR G 231 36.95 -4.94 0.83
N ALA G 232 36.57 -5.21 -0.41
CA ALA G 232 35.49 -4.49 -1.06
C ALA G 232 34.29 -4.20 -0.15
N CYS G 233 33.83 -5.20 0.59
CA CYS G 233 32.66 -5.04 1.45
C CYS G 233 33.01 -4.41 2.80
N ASP G 234 34.21 -4.75 3.30
CA ASP G 234 34.71 -4.32 4.60
C ASP G 234 34.73 -2.79 4.71
N LEU G 235 34.98 -2.13 3.59
CA LEU G 235 34.93 -0.67 3.57
C LEU G 235 33.92 -0.08 2.57
N SER G 236 32.88 -0.86 2.26
CA SER G 236 31.81 -0.44 1.37
C SER G 236 31.15 0.86 1.84
N ALA G 237 31.35 1.18 3.11
CA ALA G 237 30.76 2.37 3.71
C ALA G 237 31.09 3.60 2.87
N ILE G 238 32.26 3.58 2.27
CA ILE G 238 32.76 4.69 1.48
C ILE G 238 31.99 4.87 0.16
N THR G 239 31.12 3.91 -0.15
CA THR G 239 30.36 3.95 -1.40
C THR G 239 28.90 4.30 -1.15
N LYS G 240 28.64 4.91 0.00
CA LYS G 240 27.27 5.20 0.39
C LYS G 240 26.88 6.60 -0.03
N PRO G 241 25.56 6.86 -0.12
CA PRO G 241 25.03 8.21 -0.34
C PRO G 241 25.71 9.19 0.61
N TRP G 242 25.87 10.42 0.16
CA TRP G 242 26.66 11.37 0.92
C TRP G 242 26.23 11.52 2.39
N PRO G 243 24.92 11.66 2.63
CA PRO G 243 24.39 11.84 3.97
C PRO G 243 24.76 10.69 4.90
N ILE G 244 24.89 9.52 4.32
CA ILE G 244 25.29 8.36 5.09
C ILE G 244 26.79 8.35 5.26
N GLN G 245 27.51 8.45 4.14
CA GLN G 245 28.96 8.49 4.17
C GLN G 245 29.41 9.56 5.17
N GLN G 246 28.81 10.73 5.04
CA GLN G 246 28.95 11.81 6.00
C GLN G 246 29.06 11.27 7.42
N ARG G 247 27.99 10.62 7.86
CA ARG G 247 27.76 10.27 9.27
C ARG G 247 28.62 9.10 9.73
N ILE G 248 28.78 8.10 8.88
CA ILE G 248 29.64 6.95 9.22
C ILE G 248 31.11 7.36 9.24
N ALA G 249 31.46 8.36 8.46
CA ALA G 249 32.80 8.91 8.51
C ALA G 249 32.97 9.64 9.84
N GLU G 250 31.87 10.03 10.46
CA GLU G 250 31.92 10.68 11.77
C GLU G 250 32.32 9.72 12.86
N LEU G 251 31.99 8.44 12.69
CA LEU G 251 32.30 7.42 13.69
C LEU G 251 33.74 6.97 13.55
N VAL G 252 34.12 6.63 12.33
CA VAL G 252 35.50 6.30 12.08
C VAL G 252 36.33 7.41 12.67
N ALA G 253 35.88 8.64 12.46
CA ALA G 253 36.58 9.80 12.94
C ALA G 253 36.86 9.66 14.43
N THR G 254 35.78 9.56 15.19
CA THR G 254 35.87 9.53 16.63
C THR G 254 36.78 8.41 17.12
N GLU G 255 36.56 7.20 16.58
CA GLU G 255 37.31 6.03 16.99
C GLU G 255 38.80 6.24 16.79
N PHE G 256 39.15 6.80 15.65
CA PHE G 256 40.53 7.13 15.38
C PHE G 256 41.05 8.07 16.45
N TRP G 257 40.34 9.17 16.64
CA TRP G 257 40.79 10.21 17.55
C TRP G 257 40.98 9.67 18.95
N GLU G 258 40.11 8.74 19.31
CA GLU G 258 40.17 8.03 20.59
C GLU G 258 41.47 7.26 20.75
N GLN G 259 41.91 6.59 19.69
CA GLN G 259 43.21 5.93 19.66
C GLN G 259 44.36 6.96 19.75
N GLY G 260 44.21 8.06 19.01
CA GLY G 260 45.18 9.13 19.00
C GLY G 260 45.47 9.62 20.40
N ASP G 261 44.42 9.70 21.22
CA ASP G 261 44.54 10.11 22.60
C ASP G 261 45.43 9.16 23.39
N LEU G 262 45.15 7.87 23.27
CA LEU G 262 45.96 6.82 23.91
C LEU G 262 47.42 6.85 23.48
N GLU G 263 47.64 7.19 22.21
CA GLU G 263 48.98 7.22 21.69
C GLU G 263 49.83 8.25 22.41
N ARG G 264 49.24 9.39 22.75
CA ARG G 264 50.04 10.38 23.45
C ARG G 264 49.87 10.36 24.95
N THR G 265 48.92 9.58 25.44
CA THR G 265 48.71 9.46 26.89
C THR G 265 49.38 8.24 27.55
N VAL G 266 49.35 7.09 26.88
CA VAL G 266 50.04 5.92 27.42
C VAL G 266 51.32 5.63 26.63
N LEU G 267 51.30 5.94 25.35
CA LEU G 267 52.45 5.64 24.50
C LEU G 267 53.45 6.78 24.49
N GLN G 268 52.94 7.99 24.66
CA GLN G 268 53.78 9.19 24.66
C GLN G 268 54.41 9.43 23.29
N GLN G 269 53.69 9.05 22.24
CA GLN G 269 54.11 9.28 20.86
C GLN G 269 53.14 10.25 20.22
N GLN G 270 53.48 10.78 19.05
CA GLN G 270 52.54 11.60 18.31
C GLN G 270 51.81 10.72 17.32
N PRO G 271 50.47 10.84 17.28
CA PRO G 271 49.61 10.05 16.42
C PRO G 271 49.74 10.54 15.00
N ILE G 272 49.44 9.70 14.03
CA ILE G 272 49.36 10.17 12.68
C ILE G 272 48.25 11.19 12.69
N PRO G 273 48.30 12.15 11.77
CA PRO G 273 47.29 13.20 11.66
C PRO G 273 45.87 12.61 11.60
N MET G 274 45.73 11.46 10.95
CA MET G 274 44.43 10.86 10.72
C MET G 274 43.77 10.47 12.05
N MET G 275 44.59 10.33 13.10
CA MET G 275 44.06 9.93 14.39
C MET G 275 44.42 10.99 15.42
N ASP G 276 44.90 12.11 14.89
CA ASP G 276 45.23 13.29 15.69
C ASP G 276 43.99 14.16 15.83
N ARG G 277 43.27 13.97 16.94
CA ARG G 277 42.04 14.69 17.20
C ARG G 277 42.08 16.16 16.84
N ASN G 278 43.19 16.83 17.14
CA ASN G 278 43.35 18.26 16.84
C ASN G 278 43.25 18.64 15.37
N LYS G 279 43.55 17.69 14.50
CA LYS G 279 43.64 17.96 13.06
C LYS G 279 42.35 17.67 12.33
N ARG G 280 41.24 17.63 13.07
CA ARG G 280 39.94 17.31 12.52
C ARG G 280 39.62 18.09 11.26
N ASP G 281 40.33 19.18 11.02
CA ASP G 281 40.08 20.04 9.86
C ASP G 281 40.84 19.60 8.61
N GLU G 282 41.60 18.52 8.73
CA GLU G 282 42.35 17.95 7.62
C GLU G 282 41.78 16.59 7.28
N LEU G 283 40.60 16.33 7.83
CA LEU G 283 39.86 15.13 7.58
C LEU G 283 39.69 14.93 6.07
N PRO G 284 38.97 15.85 5.41
CA PRO G 284 38.48 15.63 4.05
C PRO G 284 39.56 15.29 3.03
N LYS G 285 40.74 15.90 3.18
CA LYS G 285 41.84 15.61 2.27
C LYS G 285 42.42 14.26 2.62
N LEU G 286 42.44 13.95 3.91
CA LEU G 286 42.90 12.66 4.34
C LEU G 286 41.96 11.58 3.82
N GLN G 287 40.68 11.88 3.81
CA GLN G 287 39.68 11.03 3.18
C GLN G 287 39.93 10.89 1.69
N VAL G 288 40.16 12.01 1.01
CA VAL G 288 40.44 12.00 -0.41
C VAL G 288 41.62 11.08 -0.72
N GLY G 289 42.76 11.34 -0.06
CA GLY G 289 43.97 10.59 -0.32
C GLY G 289 43.78 9.10 -0.11
N PHE G 290 42.94 8.76 0.87
CA PHE G 290 42.68 7.38 1.22
C PHE G 290 41.84 6.70 0.14
N ILE G 291 40.79 7.40 -0.28
CA ILE G 291 39.92 6.91 -1.34
C ILE G 291 40.71 6.66 -2.60
N ASP G 292 41.59 7.60 -2.92
CA ASP G 292 42.49 7.47 -4.07
C ASP G 292 43.41 6.28 -3.89
N PHE G 293 44.11 6.27 -2.77
CA PHE G 293 45.08 5.22 -2.47
C PHE G 293 44.46 3.82 -2.35
N VAL G 294 43.32 3.71 -1.70
CA VAL G 294 42.85 2.40 -1.34
C VAL G 294 41.64 1.95 -2.13
N CYS G 295 40.77 2.89 -2.51
CA CYS G 295 39.41 2.51 -2.86
C CYS G 295 39.09 2.47 -4.35
N THR G 296 38.98 3.64 -4.98
CA THR G 296 38.63 3.70 -6.40
C THR G 296 39.33 2.58 -7.14
N GLN G 297 40.65 2.57 -7.06
CA GLN G 297 41.47 1.49 -7.54
C GLN G 297 40.74 0.13 -7.52
N LEU G 298 40.21 -0.23 -6.35
CA LEU G 298 39.62 -1.56 -6.10
C LEU G 298 38.22 -1.76 -6.66
N TYR G 299 37.37 -0.76 -6.50
CA TYR G 299 36.00 -0.89 -6.97
C TYR G 299 35.93 -0.86 -8.48
N GLU G 300 36.88 -0.18 -9.10
CA GLU G 300 37.04 -0.24 -10.55
C GLU G 300 37.19 -1.70 -10.96
N ALA G 301 38.24 -2.31 -10.44
CA ALA G 301 38.53 -3.71 -10.69
C ALA G 301 37.28 -4.56 -10.56
N LEU G 302 36.63 -4.46 -9.40
CA LEU G 302 35.44 -5.25 -9.11
C LEU G 302 34.34 -5.14 -10.16
N THR G 303 34.29 -4.01 -10.87
CA THR G 303 33.28 -3.83 -11.89
C THR G 303 33.67 -4.53 -13.18
N HIS G 304 34.95 -4.49 -13.51
CA HIS G 304 35.42 -5.24 -14.66
C HIS G 304 35.08 -6.70 -14.54
N VAL G 305 35.11 -7.19 -13.30
CA VAL G 305 34.75 -8.57 -12.97
C VAL G 305 33.25 -8.73 -13.06
N SER G 306 32.51 -7.75 -12.56
CA SER G 306 31.06 -7.78 -12.64
C SER G 306 30.51 -6.38 -12.84
N GLU G 307 29.84 -6.17 -13.97
CA GLU G 307 29.34 -4.85 -14.31
C GLU G 307 28.29 -4.36 -13.33
N ASP G 308 27.41 -5.26 -12.92
CA ASP G 308 26.30 -4.91 -12.04
C ASP G 308 26.80 -4.42 -10.68
N CYS G 309 28.12 -4.44 -10.48
CA CYS G 309 28.71 -3.99 -9.23
C CYS G 309 29.15 -2.54 -9.30
N PHE G 310 28.91 -1.94 -10.45
CA PHE G 310 29.26 -0.55 -10.68
C PHE G 310 28.72 0.46 -9.66
N PRO G 311 27.51 0.25 -9.14
CA PRO G 311 26.97 1.25 -8.22
C PRO G 311 27.98 1.58 -7.13
N LEU G 312 28.74 0.57 -6.71
CA LEU G 312 29.79 0.75 -5.72
C LEU G 312 30.83 1.75 -6.19
N LEU G 313 31.30 1.58 -7.42
CA LEU G 313 32.26 2.51 -7.98
C LEU G 313 31.66 3.89 -8.12
N ASP G 314 30.41 3.93 -8.56
CA ASP G 314 29.76 5.21 -8.74
C ASP G 314 29.67 5.97 -7.42
N GLY G 315 29.07 5.34 -6.40
CA GLY G 315 28.95 5.93 -5.08
C GLY G 315 30.27 6.32 -4.46
N CYS G 316 31.32 5.59 -4.78
CA CYS G 316 32.65 5.88 -4.27
C CYS G 316 33.21 7.20 -4.78
N ARG G 317 33.41 7.28 -6.08
CA ARG G 317 33.91 8.51 -6.69
C ARG G 317 32.98 9.70 -6.42
N LYS G 318 31.69 9.41 -6.20
CA LYS G 318 30.72 10.46 -5.92
C LYS G 318 31.02 11.09 -4.58
N ASN G 319 31.45 10.29 -3.61
CA ASN G 319 31.82 10.81 -2.30
C ASN G 319 33.19 11.45 -2.37
N ARG G 320 34.07 10.86 -3.15
CA ARG G 320 35.39 11.44 -3.33
C ARG G 320 35.21 12.87 -3.79
N GLN G 321 34.33 13.04 -4.77
CA GLN G 321 33.94 14.36 -5.25
C GLN G 321 33.66 15.32 -4.08
N LYS G 322 32.77 14.92 -3.18
CA LYS G 322 32.31 15.80 -2.11
C LYS G 322 33.35 16.06 -1.03
N TRP G 323 34.20 15.09 -0.74
CA TRP G 323 35.29 15.30 0.18
C TRP G 323 36.28 16.29 -0.39
N GLN G 324 36.60 16.13 -1.67
CA GLN G 324 37.56 17.02 -2.30
C GLN G 324 37.07 18.46 -2.20
N ALA G 325 35.81 18.68 -2.55
CA ALA G 325 35.24 20.01 -2.45
C ALA G 325 35.51 20.56 -1.05
N LEU G 326 35.07 19.81 -0.06
CA LEU G 326 35.25 20.17 1.34
C LEU G 326 36.69 20.48 1.70
N ALA G 327 37.60 19.63 1.25
CA ALA G 327 39.01 19.82 1.57
C ALA G 327 39.46 21.22 1.13
N GLU G 328 38.78 21.77 0.13
CA GLU G 328 39.07 23.10 -0.36
C GLU G 328 38.17 24.13 0.33
N GLN G 329 37.63 23.73 1.48
CA GLN G 329 36.64 24.49 2.25
C GLN G 329 35.47 24.97 1.40
N GLU H 2 55.65 -7.08 8.34
CA GLU H 2 55.11 -5.96 7.57
C GLU H 2 56.23 -5.14 6.93
N ALA H 3 56.94 -5.78 6.00
CA ALA H 3 58.02 -5.12 5.26
C ALA H 3 57.61 -4.78 3.82
N PHE H 4 57.61 -3.48 3.51
CA PHE H 4 57.22 -2.99 2.20
C PHE H 4 58.33 -2.13 1.65
N ASN H 5 58.26 -1.79 0.37
CA ASN H 5 59.22 -0.85 -0.24
C ASN H 5 59.30 0.46 0.54
N HIS H 6 60.52 0.97 0.74
CA HIS H 6 60.73 2.18 1.57
C HIS H 6 60.08 3.46 1.03
N LEU H 7 59.81 3.50 -0.27
CA LEU H 7 59.13 4.64 -0.88
C LEU H 7 57.65 4.66 -0.48
N GLU H 8 57.03 3.48 -0.47
CA GLU H 8 55.65 3.33 -0.02
C GLU H 8 55.44 3.81 1.42
N LEU H 9 56.40 3.53 2.29
CA LEU H 9 56.21 3.65 3.73
C LEU H 9 55.46 4.85 4.29
N HIS H 10 55.70 6.05 3.75
CA HIS H 10 55.01 7.21 4.31
C HIS H 10 53.51 7.16 4.12
N GLU H 11 53.06 6.96 2.88
CA GLU H 11 51.64 6.82 2.58
C GLU H 11 51.00 5.71 3.40
N LEU H 12 51.68 4.58 3.47
CA LEU H 12 51.17 3.44 4.22
C LEU H 12 50.84 3.82 5.64
N ALA H 13 51.75 4.56 6.27
CA ALA H 13 51.62 4.89 7.68
C ALA H 13 50.61 6.01 7.94
N GLN H 14 50.52 6.98 7.06
CA GLN H 14 49.68 8.15 7.29
C GLN H 14 48.20 7.77 7.22
N TYR H 15 47.95 6.63 6.58
CA TYR H 15 46.68 5.92 6.71
C TYR H 15 46.96 4.85 7.75
N GLY H 16 45.92 4.25 8.31
CA GLY H 16 46.12 3.41 9.48
C GLY H 16 46.85 2.09 9.29
N ILE H 17 47.43 1.88 8.12
CA ILE H 17 48.01 0.59 7.75
C ILE H 17 49.39 0.31 8.35
N ILE H 18 49.77 -0.96 8.31
CA ILE H 18 51.08 -1.43 8.78
C ILE H 18 51.28 -1.33 10.31
N ASP I 1 1.31 -41.06 -31.27
CA ASP I 1 0.07 -40.50 -31.88
C ASP I 1 -1.01 -40.36 -30.81
N ILE I 2 -1.73 -39.24 -30.84
CA ILE I 2 -2.81 -39.00 -29.90
C ILE I 2 -4.07 -39.65 -30.48
N VAL I 3 -4.68 -40.49 -29.66
CA VAL I 3 -5.90 -41.18 -30.07
C VAL I 3 -7.10 -40.34 -29.66
N MET I 4 -7.96 -40.06 -30.65
CA MET I 4 -9.20 -39.32 -30.44
C MET I 4 -10.32 -40.35 -30.52
N THR I 5 -10.96 -40.63 -29.38
CA THR I 5 -12.00 -41.62 -29.31
C THR I 5 -13.44 -41.11 -29.26
N GLN I 6 -14.24 -41.56 -30.25
CA GLN I 6 -15.65 -41.24 -30.32
C GLN I 6 -16.32 -42.60 -30.09
N SER I 7 -16.69 -42.86 -28.83
CA SER I 7 -17.30 -44.13 -28.42
C SER I 7 -18.60 -44.54 -29.10
N GLN I 8 -19.38 -43.56 -29.56
CA GLN I 8 -20.64 -43.84 -30.23
C GLN I 8 -20.56 -43.78 -31.75
N LYS I 9 -20.69 -44.93 -32.40
CA LYS I 9 -20.64 -44.95 -33.86
C LYS I 9 -21.94 -44.39 -34.47
N PHE I 10 -23.06 -44.65 -33.81
CA PHE I 10 -24.37 -44.21 -34.26
C PHE I 10 -25.21 -43.65 -33.11
N MET I 11 -26.10 -42.72 -33.43
CA MET I 11 -27.01 -42.12 -32.46
C MET I 11 -28.33 -41.80 -33.17
N SER I 12 -29.43 -42.31 -32.65
CA SER I 12 -30.73 -42.03 -33.23
C SER I 12 -31.23 -40.70 -32.64
N THR I 13 -31.79 -39.85 -33.48
CA THR I 13 -32.27 -38.54 -33.03
C THR I 13 -33.59 -38.19 -33.75
N SER I 14 -34.20 -37.09 -33.32
CA SER I 14 -35.43 -36.59 -33.90
C SER I 14 -35.25 -35.09 -34.03
N VAL I 15 -35.85 -34.55 -35.08
CA VAL I 15 -35.85 -33.11 -35.37
C VAL I 15 -36.42 -32.48 -34.10
N GLY I 16 -35.70 -31.48 -33.58
CA GLY I 16 -36.12 -30.80 -32.36
C GLY I 16 -35.31 -31.18 -31.14
N ASP I 17 -34.61 -32.31 -31.19
CA ASP I 17 -33.81 -32.80 -30.07
C ASP I 17 -32.53 -32.06 -29.85
N ARG I 18 -32.03 -32.11 -28.61
CA ARG I 18 -30.75 -31.52 -28.30
C ARG I 18 -29.86 -32.75 -28.33
N VAL I 19 -28.80 -32.72 -29.13
CA VAL I 19 -27.93 -33.88 -29.24
C VAL I 19 -26.47 -33.56 -28.92
N SER I 20 -25.82 -34.46 -28.18
CA SER I 20 -24.44 -34.23 -27.81
C SER I 20 -23.62 -35.41 -28.26
N ILE I 21 -22.46 -35.10 -28.83
CA ILE I 21 -21.53 -36.13 -29.33
C ILE I 21 -20.21 -35.95 -28.62
N THR I 22 -19.69 -37.03 -28.04
CA THR I 22 -18.45 -36.98 -27.28
C THR I 22 -17.21 -37.43 -28.03
N CYS I 23 -16.09 -36.90 -27.56
CA CYS I 23 -14.80 -37.20 -28.14
C CYS I 23 -13.78 -37.09 -27.01
N LYS I 24 -12.99 -38.13 -26.83
CA LYS I 24 -12.00 -38.16 -25.76
C LYS I 24 -10.60 -38.26 -26.34
N ALA I 25 -9.67 -37.44 -25.84
CA ALA I 25 -8.29 -37.44 -26.31
C ALA I 25 -7.48 -38.27 -25.31
N SER I 26 -6.47 -38.98 -25.80
CA SER I 26 -5.66 -39.79 -24.91
C SER I 26 -4.59 -38.99 -24.16
N GLN I 27 -4.42 -37.73 -24.57
CA GLN I 27 -3.43 -36.82 -23.97
C GLN I 27 -4.06 -35.44 -23.85
N ASN I 28 -3.48 -34.57 -23.02
CA ASN I 28 -4.00 -33.22 -22.85
C ASN I 28 -3.80 -32.44 -24.15
N VAL I 29 -4.89 -32.06 -24.81
CA VAL I 29 -4.78 -31.28 -26.05
C VAL I 29 -5.24 -29.83 -25.91
N GLY I 30 -5.49 -29.42 -24.67
CA GLY I 30 -5.92 -28.05 -24.40
C GLY I 30 -7.30 -27.84 -24.98
N THR I 31 -7.47 -26.80 -25.78
CA THR I 31 -8.76 -26.59 -26.44
C THR I 31 -8.51 -26.70 -27.95
N ALA I 32 -7.36 -27.28 -28.30
CA ALA I 32 -6.93 -27.42 -29.68
C ALA I 32 -7.66 -28.57 -30.37
N VAL I 33 -8.99 -28.43 -30.50
CA VAL I 33 -9.82 -29.44 -31.12
C VAL I 33 -10.82 -28.80 -32.07
N ALA I 34 -11.12 -29.50 -33.17
CA ALA I 34 -12.07 -29.01 -34.14
C ALA I 34 -13.07 -30.11 -34.43
N TRP I 35 -14.27 -29.75 -34.86
CA TRP I 35 -15.32 -30.71 -35.22
C TRP I 35 -15.72 -30.50 -36.67
N TYR I 36 -15.90 -31.59 -37.39
CA TYR I 36 -16.28 -31.56 -38.78
C TYR I 36 -17.57 -32.32 -39.03
N GLN I 37 -18.34 -31.84 -40.01
CA GLN I 37 -19.56 -32.49 -40.45
C GLN I 37 -19.36 -33.07 -41.84
N GLN I 38 -19.81 -34.29 -42.06
CA GLN I 38 -19.70 -34.88 -43.37
C GLN I 38 -20.93 -35.68 -43.80
N LYS I 39 -21.33 -35.48 -45.05
CA LYS I 39 -22.47 -36.18 -45.64
C LYS I 39 -21.90 -37.04 -46.79
N PRO I 40 -22.62 -38.10 -47.20
CA PRO I 40 -22.10 -39.16 -48.09
C PRO I 40 -21.52 -38.61 -49.42
N GLY I 41 -20.28 -38.96 -49.76
CA GLY I 41 -19.70 -38.48 -51.00
C GLY I 41 -19.44 -36.97 -51.11
N GLN I 42 -19.54 -36.24 -50.00
CA GLN I 42 -19.31 -34.80 -49.97
C GLN I 42 -18.12 -34.43 -49.10
N SER I 43 -17.59 -33.22 -49.30
CA SER I 43 -16.44 -32.72 -48.55
C SER I 43 -16.87 -32.62 -47.09
N PRO I 44 -16.01 -33.06 -46.15
CA PRO I 44 -16.21 -32.64 -44.76
C PRO I 44 -16.24 -31.10 -44.65
N LYS I 45 -16.81 -30.60 -43.55
CA LYS I 45 -16.92 -29.16 -43.32
C LYS I 45 -16.58 -28.79 -41.89
N LEU I 46 -15.86 -27.69 -41.72
CA LEU I 46 -15.48 -27.22 -40.42
C LEU I 46 -16.68 -26.63 -39.67
N MET I 47 -16.94 -27.15 -38.48
CA MET I 47 -18.08 -26.66 -37.72
C MET I 47 -17.65 -25.89 -36.49
N ILE I 48 -16.77 -26.50 -35.71
CA ILE I 48 -16.29 -25.93 -34.47
C ILE I 48 -14.77 -26.01 -34.48
N TYR I 49 -14.11 -25.03 -33.87
CA TYR I 49 -12.65 -25.06 -33.76
C TYR I 49 -12.33 -24.48 -32.38
N SER I 50 -11.12 -24.75 -31.87
CA SER I 50 -10.68 -24.27 -30.56
C SER I 50 -11.67 -24.78 -29.49
N ALA I 51 -12.18 -26.00 -29.72
CA ALA I 51 -13.16 -26.67 -28.86
C ALA I 51 -14.55 -26.06 -28.69
N SER I 52 -14.66 -24.73 -28.74
CA SER I 52 -15.95 -24.08 -28.51
C SER I 52 -16.34 -22.94 -29.43
N ASN I 53 -15.50 -22.65 -30.43
CA ASN I 53 -15.80 -21.57 -31.36
C ASN I 53 -16.46 -22.08 -32.64
N ARG I 54 -17.51 -21.38 -33.05
CA ARG I 54 -18.28 -21.71 -34.24
C ARG I 54 -17.54 -21.12 -35.43
N TYR I 55 -17.35 -21.93 -36.47
CA TYR I 55 -16.71 -21.44 -37.68
C TYR I 55 -17.70 -20.54 -38.43
N THR I 56 -17.17 -19.61 -39.21
CA THR I 56 -17.99 -18.67 -39.97
C THR I 56 -19.11 -19.38 -40.75
N GLY I 57 -20.30 -18.81 -40.72
CA GLY I 57 -21.41 -19.37 -41.46
C GLY I 57 -22.15 -20.57 -40.87
N VAL I 58 -21.56 -21.27 -39.91
CA VAL I 58 -22.27 -22.38 -39.34
C VAL I 58 -23.35 -21.90 -38.40
N PRO I 59 -24.51 -22.55 -38.43
CA PRO I 59 -25.69 -22.02 -37.74
C PRO I 59 -25.45 -21.98 -36.25
N ASP I 60 -26.16 -21.09 -35.56
CA ASP I 60 -25.98 -20.95 -34.13
C ASP I 60 -26.42 -22.15 -33.29
N ARG I 61 -27.06 -23.17 -33.89
CA ARG I 61 -27.48 -24.32 -33.11
C ARG I 61 -26.35 -25.29 -32.80
N PHE I 62 -25.16 -25.09 -33.41
CA PHE I 62 -24.01 -25.92 -33.12
C PHE I 62 -23.11 -25.21 -32.08
N THR I 63 -22.72 -25.92 -31.03
CA THR I 63 -21.81 -25.36 -30.03
C THR I 63 -20.87 -26.49 -29.65
N GLY I 64 -19.77 -26.16 -29.00
CA GLY I 64 -18.85 -27.19 -28.58
C GLY I 64 -18.30 -26.76 -27.25
N SER I 65 -17.82 -27.73 -26.49
CA SER I 65 -17.25 -27.44 -25.19
C SER I 65 -16.23 -28.50 -24.82
N GLY I 66 -15.53 -28.27 -23.71
CA GLY I 66 -14.57 -29.23 -23.24
C GLY I 66 -13.18 -28.69 -23.31
N SER I 67 -12.24 -29.45 -22.76
CA SER I 67 -10.83 -29.06 -22.75
C SER I 67 -10.10 -30.22 -22.13
N GLY I 68 -8.77 -30.23 -22.26
CA GLY I 68 -7.99 -31.31 -21.69
C GLY I 68 -8.14 -32.58 -22.49
N THR I 69 -9.03 -33.46 -22.05
CA THR I 69 -9.23 -34.73 -22.73
C THR I 69 -10.67 -35.06 -23.08
N ASP I 70 -11.62 -34.30 -22.55
CA ASP I 70 -13.02 -34.56 -22.82
C ASP I 70 -13.65 -33.41 -23.56
N PHE I 71 -14.21 -33.68 -24.75
CA PHE I 71 -14.83 -32.68 -25.62
C PHE I 71 -16.22 -33.12 -26.05
N THR I 72 -17.07 -32.15 -26.34
CA THR I 72 -18.45 -32.41 -26.74
C THR I 72 -19.00 -31.44 -27.80
N LEU I 73 -19.62 -31.99 -28.83
CA LEU I 73 -20.26 -31.18 -29.87
C LEU I 73 -21.75 -31.25 -29.54
N THR I 74 -22.42 -30.10 -29.43
CA THR I 74 -23.84 -30.08 -29.13
C THR I 74 -24.68 -29.40 -30.21
N ILE I 75 -25.75 -30.09 -30.61
CA ILE I 75 -26.66 -29.51 -31.58
C ILE I 75 -27.95 -29.26 -30.80
N SER I 76 -28.35 -28.01 -30.70
CA SER I 76 -29.57 -27.66 -30.02
C SER I 76 -30.60 -27.62 -31.13
N ASN I 77 -31.80 -28.07 -30.85
CA ASN I 77 -32.86 -28.05 -31.85
C ASN I 77 -32.41 -28.66 -33.19
N MET I 78 -32.04 -29.93 -33.18
CA MET I 78 -31.58 -30.57 -34.39
C MET I 78 -32.53 -30.43 -35.56
N GLN I 79 -31.98 -30.24 -36.76
CA GLN I 79 -32.77 -30.08 -37.98
C GLN I 79 -32.50 -31.24 -38.93
N SER I 80 -33.38 -31.44 -39.91
CA SER I 80 -33.19 -32.57 -40.84
C SER I 80 -31.82 -32.56 -41.51
N GLU I 81 -31.35 -31.37 -41.90
CA GLU I 81 -30.06 -31.26 -42.58
C GLU I 81 -28.87 -31.67 -41.72
N ASP I 82 -29.09 -31.73 -40.40
CA ASP I 82 -28.07 -32.14 -39.45
C ASP I 82 -27.80 -33.62 -39.41
N LEU I 83 -28.60 -34.40 -40.11
CA LEU I 83 -28.35 -35.83 -40.13
C LEU I 83 -27.10 -36.04 -40.98
N ALA I 84 -26.01 -36.47 -40.34
CA ALA I 84 -24.72 -36.67 -41.03
C ALA I 84 -23.71 -37.28 -40.08
N ASP I 85 -22.47 -37.48 -40.59
CA ASP I 85 -21.39 -37.99 -39.75
C ASP I 85 -20.65 -36.79 -39.17
N TYR I 86 -20.17 -36.94 -37.95
CA TYR I 86 -19.40 -35.90 -37.28
C TYR I 86 -18.11 -36.48 -36.74
N PHE I 87 -17.02 -35.74 -36.84
CA PHE I 87 -15.77 -36.23 -36.28
C PHE I 87 -14.90 -35.12 -35.73
N CYS I 88 -14.25 -35.44 -34.61
CA CYS I 88 -13.38 -34.48 -33.95
C CYS I 88 -11.99 -34.70 -34.49
N GLN I 89 -11.13 -33.73 -34.20
CA GLN I 89 -9.73 -33.76 -34.62
C GLN I 89 -8.94 -32.93 -33.63
N GLN I 90 -7.75 -33.37 -33.25
CA GLN I 90 -6.90 -32.55 -32.37
C GLN I 90 -5.82 -31.99 -33.28
N TYR I 91 -5.36 -30.79 -32.96
CA TYR I 91 -4.26 -30.17 -33.70
C TYR I 91 -3.28 -29.61 -32.69
N SER I 92 -3.22 -30.30 -31.55
CA SER I 92 -2.34 -29.89 -30.48
C SER I 92 -0.90 -30.08 -30.94
N SER I 93 -0.64 -31.20 -31.62
CA SER I 93 0.70 -31.52 -32.11
C SER I 93 0.59 -32.61 -33.14
N TYR I 94 1.70 -32.88 -33.81
CA TYR I 94 1.73 -33.87 -34.86
C TYR I 94 2.01 -35.28 -34.35
N PRO I 95 1.53 -36.28 -35.09
CA PRO I 95 0.68 -36.09 -36.27
C PRO I 95 -0.76 -35.71 -35.89
N LEU I 96 -1.44 -34.91 -36.72
CA LEU I 96 -2.83 -34.53 -36.48
C LEU I 96 -3.64 -35.83 -36.54
N THR I 97 -4.61 -35.99 -35.65
CA THR I 97 -5.41 -37.23 -35.62
C THR I 97 -6.91 -36.94 -35.50
N PHE I 98 -7.72 -37.89 -35.99
CA PHE I 98 -9.17 -37.74 -36.00
C PHE I 98 -9.90 -38.86 -35.25
N GLY I 99 -11.11 -38.53 -34.79
CA GLY I 99 -11.96 -39.54 -34.18
C GLY I 99 -12.53 -40.36 -35.33
N ALA I 100 -13.10 -41.53 -35.05
CA ALA I 100 -13.63 -42.39 -36.11
C ALA I 100 -15.02 -42.01 -36.60
N GLY I 101 -15.60 -40.95 -36.01
CA GLY I 101 -16.89 -40.48 -36.47
C GLY I 101 -18.11 -41.03 -35.75
N THR I 102 -19.17 -40.23 -35.69
CA THR I 102 -20.46 -40.59 -35.07
C THR I 102 -21.51 -40.21 -36.10
N LYS I 103 -22.37 -41.15 -36.49
CA LYS I 103 -23.41 -40.85 -37.48
C LYS I 103 -24.77 -40.62 -36.83
N LEU I 104 -25.36 -39.48 -37.12
CA LEU I 104 -26.69 -39.10 -36.61
C LEU I 104 -27.74 -39.69 -37.54
N GLU I 105 -28.64 -40.48 -36.96
CA GLU I 105 -29.69 -41.15 -37.72
C GLU I 105 -31.07 -40.75 -37.23
N LEU I 106 -32.06 -41.07 -38.05
CA LEU I 106 -33.42 -40.68 -37.75
C LEU I 106 -34.20 -41.75 -36.98
N LYS I 107 -35.00 -41.30 -36.02
CA LYS I 107 -35.80 -42.19 -35.19
C LYS I 107 -37.20 -42.34 -35.79
N ARG I 108 -37.71 -43.57 -35.72
CA ARG I 108 -39.08 -43.86 -36.17
C ARG I 108 -39.58 -45.01 -35.29
N ALA I 109 -40.77 -45.52 -35.60
CA ALA I 109 -41.37 -46.62 -34.85
C ALA I 109 -40.66 -47.94 -35.14
N ASP I 110 -40.50 -48.80 -34.13
CA ASP I 110 -39.87 -50.11 -34.33
C ASP I 110 -40.69 -50.88 -35.35
N ALA I 111 -40.00 -51.65 -36.19
CA ALA I 111 -40.66 -52.45 -37.21
C ALA I 111 -39.91 -53.77 -37.22
N ALA I 112 -40.66 -54.86 -37.28
CA ALA I 112 -40.07 -56.20 -37.30
C ALA I 112 -39.61 -56.57 -38.70
N PRO I 113 -38.44 -57.24 -38.83
CA PRO I 113 -37.95 -57.50 -40.17
C PRO I 113 -38.74 -58.59 -40.87
N THR I 114 -38.80 -58.49 -42.20
CA THR I 114 -39.47 -59.48 -43.05
C THR I 114 -38.35 -60.43 -43.50
N VAL I 115 -38.39 -61.67 -43.02
CA VAL I 115 -37.35 -62.65 -43.32
C VAL I 115 -37.74 -63.64 -44.42
N SER I 116 -36.80 -63.92 -45.31
CA SER I 116 -37.03 -64.86 -46.40
C SER I 116 -35.74 -65.60 -46.61
N ILE I 117 -35.84 -66.91 -46.81
CA ILE I 117 -34.67 -67.73 -47.05
C ILE I 117 -34.85 -68.40 -48.42
N PHE I 118 -33.73 -68.57 -49.12
CA PHE I 118 -33.72 -69.18 -50.46
C PHE I 118 -32.62 -70.22 -50.53
N PRO I 119 -32.95 -71.44 -51.03
CA PRO I 119 -31.95 -72.47 -51.30
C PRO I 119 -31.07 -72.02 -52.46
N PRO I 120 -29.92 -72.69 -52.66
CA PRO I 120 -29.14 -72.60 -53.91
C PRO I 120 -30.01 -72.93 -55.11
N SER I 121 -29.82 -72.20 -56.21
CA SER I 121 -30.56 -72.48 -57.44
C SER I 121 -29.86 -73.67 -58.08
N SER I 122 -30.62 -74.48 -58.81
CA SER I 122 -30.08 -75.65 -59.49
C SER I 122 -28.92 -75.22 -60.40
N GLU I 123 -29.06 -74.03 -60.96
CA GLU I 123 -28.05 -73.44 -61.84
C GLU I 123 -26.74 -73.20 -61.14
N GLN I 124 -26.78 -72.62 -59.95
CA GLN I 124 -25.54 -72.40 -59.22
C GLN I 124 -24.95 -73.75 -58.90
N LEU I 125 -25.82 -74.72 -58.61
CA LEU I 125 -25.38 -76.05 -58.26
C LEU I 125 -24.65 -76.74 -59.40
N THR I 126 -25.08 -76.51 -60.64
CA THR I 126 -24.38 -77.12 -61.78
C THR I 126 -22.97 -76.53 -61.87
N SER I 127 -22.73 -75.45 -61.13
CA SER I 127 -21.45 -74.78 -61.10
C SER I 127 -20.55 -75.28 -60.00
N GLY I 128 -21.10 -76.11 -59.12
CA GLY I 128 -20.30 -76.66 -58.05
C GLY I 128 -20.28 -75.82 -56.76
N GLY I 129 -21.06 -74.74 -56.75
CA GLY I 129 -21.15 -73.88 -55.56
C GLY I 129 -22.57 -73.86 -55.02
N ALA I 130 -22.75 -73.40 -53.78
CA ALA I 130 -24.08 -73.37 -53.17
C ALA I 130 -24.24 -72.22 -52.18
N SER I 131 -24.98 -71.19 -52.57
CA SER I 131 -25.18 -70.05 -51.68
C SER I 131 -26.61 -70.09 -51.18
N VAL I 132 -26.78 -69.96 -49.87
CA VAL I 132 -28.11 -69.96 -49.25
C VAL I 132 -28.29 -68.53 -48.75
N VAL I 133 -29.26 -67.82 -49.31
CA VAL I 133 -29.43 -66.44 -48.92
C VAL I 133 -30.69 -66.14 -48.13
N CYS I 134 -30.50 -65.24 -47.18
CA CYS I 134 -31.55 -64.83 -46.29
C CYS I 134 -31.61 -63.31 -46.28
N PHE I 135 -32.80 -62.77 -46.52
CA PHE I 135 -33.02 -61.34 -46.50
C PHE I 135 -33.78 -61.01 -45.21
N LEU I 136 -33.42 -59.91 -44.58
CA LEU I 136 -34.08 -59.42 -43.35
C LEU I 136 -34.36 -57.95 -43.71
N ASN I 137 -35.54 -57.73 -44.27
CA ASN I 137 -35.93 -56.42 -44.75
C ASN I 137 -36.86 -55.57 -43.94
N ASN I 138 -36.68 -54.26 -44.14
CA ASN I 138 -37.47 -53.20 -43.55
C ASN I 138 -37.70 -53.27 -42.05
N PHE I 139 -36.64 -53.24 -41.27
CA PHE I 139 -36.78 -53.29 -39.82
C PHE I 139 -36.23 -52.05 -39.16
N TYR I 140 -36.57 -51.87 -37.87
CA TYR I 140 -36.10 -50.74 -37.08
C TYR I 140 -36.30 -51.14 -35.63
N PRO I 141 -35.31 -50.89 -34.76
CA PRO I 141 -34.03 -50.25 -34.99
C PRO I 141 -33.04 -51.15 -35.74
N LYS I 142 -31.84 -50.65 -36.01
CA LYS I 142 -30.84 -51.43 -36.74
C LYS I 142 -30.23 -52.61 -36.04
N ASP I 143 -30.21 -52.58 -34.71
CA ASP I 143 -29.67 -53.68 -33.93
C ASP I 143 -30.39 -54.98 -34.26
N ILE I 144 -29.62 -55.95 -34.75
CA ILE I 144 -30.21 -57.24 -35.14
C ILE I 144 -29.15 -58.34 -35.16
N ASN I 145 -29.59 -59.57 -34.99
CA ASN I 145 -28.67 -60.68 -35.03
C ASN I 145 -29.23 -61.81 -35.88
N VAL I 146 -28.39 -62.35 -36.75
CA VAL I 146 -28.77 -63.44 -37.62
C VAL I 146 -27.93 -64.64 -37.24
N LYS I 147 -28.59 -65.79 -37.15
CA LYS I 147 -27.91 -67.02 -36.84
C LYS I 147 -28.29 -68.08 -37.87
N TRP I 148 -27.30 -68.85 -38.30
CA TRP I 148 -27.53 -69.93 -39.24
C TRP I 148 -27.38 -71.27 -38.54
N LYS I 149 -28.20 -72.23 -38.95
CA LYS I 149 -28.16 -73.58 -38.39
C LYS I 149 -28.24 -74.57 -39.54
N ILE I 150 -27.32 -75.52 -39.56
CA ILE I 150 -27.31 -76.56 -40.57
C ILE I 150 -27.62 -77.82 -39.75
N ASP I 151 -28.79 -78.41 -40.01
CA ASP I 151 -29.25 -79.59 -39.28
C ASP I 151 -29.34 -79.28 -37.77
N GLY I 152 -29.82 -78.06 -37.48
CA GLY I 152 -29.97 -77.59 -36.11
C GLY I 152 -28.70 -77.17 -35.40
N SER I 153 -27.60 -77.12 -36.14
CA SER I 153 -26.32 -76.75 -35.57
C SER I 153 -25.82 -75.41 -36.08
N GLU I 154 -25.42 -74.55 -35.16
CA GLU I 154 -24.92 -73.23 -35.51
C GLU I 154 -23.74 -73.28 -36.49
N ARG I 155 -23.86 -72.50 -37.57
CA ARG I 155 -22.85 -72.42 -38.61
C ARG I 155 -22.23 -71.03 -38.53
N GLN I 156 -20.96 -71.00 -38.17
CA GLN I 156 -20.23 -69.77 -38.02
C GLN I 156 -19.52 -69.32 -39.30
N ASN I 157 -18.80 -70.24 -39.92
CA ASN I 157 -18.03 -70.00 -41.15
C ASN I 157 -18.78 -69.97 -42.49
N GLY I 158 -18.31 -69.09 -43.37
CA GLY I 158 -18.91 -69.01 -44.68
C GLY I 158 -20.05 -68.04 -44.87
N VAL I 159 -20.50 -67.40 -43.80
CA VAL I 159 -21.59 -66.44 -43.94
C VAL I 159 -21.08 -65.01 -44.07
N LEU I 160 -21.67 -64.27 -45.00
CA LEU I 160 -21.31 -62.88 -45.26
C LEU I 160 -22.58 -62.06 -45.11
N ASN I 161 -22.49 -60.97 -44.34
CA ASN I 161 -23.64 -60.11 -44.12
C ASN I 161 -23.48 -58.76 -44.81
N SER I 162 -24.55 -58.23 -45.37
CA SER I 162 -24.47 -56.93 -46.02
C SER I 162 -25.69 -56.09 -45.62
N ALA I 163 -25.45 -54.83 -45.28
CA ALA I 163 -26.53 -53.97 -44.83
C ALA I 163 -26.68 -52.69 -45.66
N THR I 164 -27.92 -52.28 -45.90
CA THR I 164 -28.20 -51.06 -46.64
C THR I 164 -28.20 -49.92 -45.61
N ASP I 165 -27.98 -48.69 -46.08
CA ASP I 165 -27.99 -47.55 -45.20
C ASP I 165 -29.46 -47.31 -44.83
N GLN I 166 -29.71 -46.60 -43.74
CA GLN I 166 -31.10 -46.31 -43.36
C GLN I 166 -31.83 -45.68 -44.54
N ASP I 167 -33.02 -46.21 -44.85
CA ASP I 167 -33.81 -45.69 -45.97
C ASP I 167 -34.13 -44.21 -45.83
N SER I 168 -33.85 -43.45 -46.88
CA SER I 168 -34.10 -42.02 -46.86
C SER I 168 -35.57 -41.67 -46.80
N LYS I 169 -36.41 -42.60 -47.23
CA LYS I 169 -37.85 -42.39 -47.25
C LYS I 169 -38.57 -43.01 -46.04
N ASP I 170 -38.41 -44.32 -45.82
CA ASP I 170 -39.11 -44.96 -44.69
C ASP I 170 -38.31 -45.16 -43.41
N SER I 171 -37.09 -44.63 -43.39
CA SER I 171 -36.18 -44.73 -42.24
C SER I 171 -35.92 -46.16 -41.67
N THR I 172 -36.18 -47.21 -42.46
CA THR I 172 -35.89 -48.58 -42.01
C THR I 172 -34.51 -49.02 -42.53
N TYR I 173 -34.09 -50.20 -42.08
CA TYR I 173 -32.83 -50.81 -42.47
C TYR I 173 -33.18 -52.16 -43.05
N SER I 174 -32.28 -52.71 -43.85
CA SER I 174 -32.47 -54.01 -44.46
C SER I 174 -31.12 -54.68 -44.45
N MET I 175 -31.11 -56.01 -44.54
CA MET I 175 -29.87 -56.76 -44.48
C MET I 175 -29.98 -58.09 -45.23
N SER I 176 -28.85 -58.55 -45.75
CA SER I 176 -28.80 -59.85 -46.43
C SER I 176 -27.73 -60.65 -45.71
N SER I 177 -28.01 -61.94 -45.55
CA SER I 177 -27.06 -62.83 -44.90
C SER I 177 -26.99 -64.02 -45.81
N THR I 178 -25.79 -64.35 -46.27
CA THR I 178 -25.67 -65.49 -47.16
C THR I 178 -24.56 -66.45 -46.75
N LEU I 179 -24.94 -67.72 -46.71
CA LEU I 179 -24.06 -68.79 -46.36
C LEU I 179 -23.57 -69.40 -47.67
N THR I 180 -22.25 -69.39 -47.88
CA THR I 180 -21.70 -69.97 -49.09
C THR I 180 -20.90 -71.21 -48.79
N LEU I 181 -21.30 -72.32 -49.40
CA LEU I 181 -20.65 -73.61 -49.21
C LEU I 181 -20.38 -74.16 -50.61
N THR I 182 -19.77 -75.33 -50.67
CA THR I 182 -19.52 -75.98 -51.96
C THR I 182 -20.72 -76.87 -52.17
N LYS I 183 -20.90 -77.40 -53.37
CA LYS I 183 -22.06 -78.24 -53.60
C LYS I 183 -22.01 -79.48 -52.72
N ASP I 184 -20.80 -80.01 -52.52
CA ASP I 184 -20.62 -81.20 -51.72
C ASP I 184 -20.92 -80.98 -50.25
N GLU I 185 -20.45 -79.86 -49.71
CA GLU I 185 -20.70 -79.53 -48.30
C GLU I 185 -22.23 -79.35 -48.15
N TYR I 186 -22.82 -78.52 -49.00
CA TYR I 186 -24.27 -78.29 -48.96
C TYR I 186 -25.08 -79.57 -49.11
N GLU I 187 -24.66 -80.48 -49.98
CA GLU I 187 -25.40 -81.71 -50.20
C GLU I 187 -25.22 -82.80 -49.17
N ARG I 188 -24.48 -82.50 -48.11
CA ARG I 188 -24.26 -83.45 -47.04
C ARG I 188 -25.18 -83.12 -45.84
N HIS I 189 -26.12 -82.19 -46.08
CA HIS I 189 -27.05 -81.78 -45.04
C HIS I 189 -28.47 -81.63 -45.55
N ASN I 190 -29.43 -81.60 -44.61
CA ASN I 190 -30.85 -81.51 -44.94
C ASN I 190 -31.49 -80.17 -44.60
N SER I 191 -31.43 -79.83 -43.32
CA SER I 191 -32.03 -78.61 -42.81
C SER I 191 -31.12 -77.38 -42.75
N TYR I 192 -31.58 -76.27 -43.35
CA TYR I 192 -30.86 -74.99 -43.35
C TYR I 192 -31.80 -73.97 -42.71
N THR I 193 -31.28 -73.22 -41.75
CA THR I 193 -32.11 -72.26 -41.04
C THR I 193 -31.50 -70.88 -40.82
N CYS I 194 -32.30 -69.86 -41.12
CA CYS I 194 -31.91 -68.48 -40.94
C CYS I 194 -32.77 -67.95 -39.78
N GLU I 195 -32.11 -67.57 -38.69
CA GLU I 195 -32.84 -67.09 -37.51
C GLU I 195 -32.49 -65.67 -37.13
N ALA I 196 -33.51 -64.83 -37.06
CA ALA I 196 -33.30 -63.44 -36.71
C ALA I 196 -33.87 -63.06 -35.37
N THR I 197 -33.02 -62.52 -34.50
CA THR I 197 -33.47 -62.04 -33.19
C THR I 197 -33.38 -60.51 -33.23
N HIS I 198 -34.51 -59.88 -32.95
CA HIS I 198 -34.66 -58.42 -32.97
C HIS I 198 -35.57 -58.04 -31.79
N LYS I 199 -35.41 -56.85 -31.22
CA LYS I 199 -36.24 -56.45 -30.06
C LYS I 199 -37.75 -56.51 -30.35
N THR I 200 -38.12 -56.57 -31.63
CA THR I 200 -39.53 -56.61 -31.99
C THR I 200 -40.22 -57.95 -31.76
N SER I 201 -39.54 -58.89 -31.14
CA SER I 201 -40.19 -60.16 -30.84
C SER I 201 -39.34 -60.93 -29.84
N THR I 202 -40.01 -61.62 -28.93
CA THR I 202 -39.30 -62.46 -27.95
C THR I 202 -38.94 -63.80 -28.58
N SER I 203 -39.77 -64.27 -29.53
CA SER I 203 -39.51 -65.51 -30.27
C SER I 203 -38.79 -65.09 -31.56
N PRO I 204 -37.47 -65.39 -31.67
CA PRO I 204 -36.78 -65.03 -32.92
C PRO I 204 -37.56 -65.50 -34.14
N ILE I 205 -37.39 -64.78 -35.24
CA ILE I 205 -38.08 -65.17 -36.48
C ILE I 205 -37.21 -66.24 -37.13
N VAL I 206 -37.82 -67.40 -37.37
CA VAL I 206 -37.08 -68.53 -37.93
C VAL I 206 -37.60 -68.89 -39.31
N LYS I 207 -36.68 -69.00 -40.26
CA LYS I 207 -37.04 -69.38 -41.64
C LYS I 207 -36.14 -70.53 -42.05
N SER I 208 -36.69 -71.53 -42.73
CA SER I 208 -35.86 -72.65 -43.14
C SER I 208 -36.47 -73.46 -44.26
N PHE I 209 -35.69 -74.42 -44.74
CA PHE I 209 -36.12 -75.33 -45.80
C PHE I 209 -35.37 -76.62 -45.63
N ASN I 210 -35.91 -77.68 -46.23
CA ASN I 210 -35.24 -78.97 -46.20
C ASN I 210 -34.89 -79.27 -47.63
N ARG I 211 -33.63 -79.62 -47.86
CA ARG I 211 -33.10 -79.92 -49.19
C ARG I 211 -33.85 -81.05 -49.92
N ASN I 212 -34.21 -82.11 -49.20
CA ASN I 212 -34.92 -83.24 -49.80
C ASN I 212 -36.33 -82.98 -50.33
N GLU I 213 -36.96 -81.90 -49.90
CA GLU I 213 -38.31 -81.58 -50.39
C GLU I 213 -38.07 -80.73 -51.64
N CYS I 214 -37.35 -79.63 -51.41
CA CYS I 214 -37.01 -78.67 -52.45
C CYS I 214 -35.72 -79.11 -53.20
N GLU J 1 -18.05 -20.25 -54.21
CA GLU J 1 -17.41 -20.25 -52.87
C GLU J 1 -16.07 -20.97 -52.92
N VAL J 2 -15.37 -20.95 -51.78
CA VAL J 2 -14.07 -21.62 -51.64
C VAL J 2 -14.39 -23.10 -51.85
N GLN J 3 -13.68 -23.73 -52.78
CA GLN J 3 -13.92 -25.14 -53.05
C GLN J 3 -12.70 -25.95 -53.50
N LEU J 4 -12.63 -27.18 -53.03
CA LEU J 4 -11.58 -28.12 -53.37
C LEU J 4 -12.28 -29.24 -54.13
N GLN J 5 -11.92 -29.39 -55.40
CA GLN J 5 -12.52 -30.39 -56.28
C GLN J 5 -11.53 -31.50 -56.59
N GLN J 6 -11.85 -32.73 -56.18
CA GLN J 6 -10.97 -33.88 -56.42
C GLN J 6 -11.35 -34.72 -57.64
N SER J 7 -10.38 -35.44 -58.18
CA SER J 7 -10.60 -36.25 -59.36
C SER J 7 -11.51 -37.47 -59.08
N GLY J 8 -12.07 -38.07 -60.13
CA GLY J 8 -12.98 -39.21 -59.95
C GLY J 8 -12.35 -40.51 -59.44
N ALA J 9 -13.19 -41.44 -59.01
CA ALA J 9 -12.78 -42.74 -58.47
C ALA J 9 -11.95 -43.56 -59.45
N GLU J 10 -10.98 -44.30 -58.93
CA GLU J 10 -10.10 -45.12 -59.76
C GLU J 10 -10.12 -46.57 -59.29
N VAL J 11 -10.16 -47.49 -60.25
CA VAL J 11 -10.06 -48.92 -59.97
C VAL J 11 -8.70 -49.27 -60.59
N VAL J 12 -7.72 -49.58 -59.77
CA VAL J 12 -6.38 -49.87 -60.26
C VAL J 12 -5.86 -51.25 -59.87
N ARG J 13 -4.90 -51.74 -60.66
CA ARG J 13 -4.29 -53.04 -60.40
C ARG J 13 -3.19 -52.97 -59.36
N SER J 14 -3.12 -54.00 -58.51
CA SER J 14 -2.09 -54.08 -57.48
C SER J 14 -0.69 -53.97 -58.14
N GLY J 15 0.21 -53.25 -57.48
CA GLY J 15 1.56 -53.05 -57.98
C GLY J 15 1.70 -51.80 -58.84
N ALA J 16 0.58 -51.29 -59.32
CA ALA J 16 0.63 -50.10 -60.14
C ALA J 16 0.69 -48.82 -59.31
N SER J 17 0.52 -47.70 -60.00
CA SER J 17 0.55 -46.41 -59.37
C SER J 17 -0.64 -45.60 -59.86
N VAL J 18 -1.01 -44.58 -59.10
CA VAL J 18 -2.11 -43.73 -59.48
C VAL J 18 -1.84 -42.33 -58.96
N LYS J 19 -2.24 -41.33 -59.73
CA LYS J 19 -2.04 -39.95 -59.32
C LYS J 19 -3.36 -39.20 -59.21
N LEU J 20 -3.66 -38.75 -58.00
CA LEU J 20 -4.91 -38.03 -57.68
C LEU J 20 -4.73 -36.51 -57.72
N SER J 21 -5.77 -35.80 -58.15
CA SER J 21 -5.69 -34.35 -58.22
C SER J 21 -6.71 -33.68 -57.31
N CYS J 22 -6.40 -32.47 -56.91
CA CYS J 22 -7.27 -31.70 -56.02
C CYS J 22 -7.12 -30.27 -56.50
N THR J 23 -8.18 -29.74 -57.11
CA THR J 23 -8.16 -28.40 -57.65
C THR J 23 -8.92 -27.36 -56.85
N ALA J 24 -8.25 -26.27 -56.52
CA ALA J 24 -8.86 -25.19 -55.78
C ALA J 24 -9.51 -24.12 -56.66
N SER J 25 -10.70 -23.68 -56.23
CA SER J 25 -11.39 -22.61 -56.94
C SER J 25 -11.93 -21.67 -55.87
N GLY J 26 -12.06 -20.41 -56.25
CA GLY J 26 -12.55 -19.41 -55.32
C GLY J 26 -11.49 -18.92 -54.38
N PHE J 27 -10.30 -19.52 -54.41
CA PHE J 27 -9.20 -19.11 -53.54
C PHE J 27 -7.89 -19.63 -54.09
N ASN J 28 -6.78 -19.21 -53.48
CA ASN J 28 -5.45 -19.61 -53.92
C ASN J 28 -4.79 -20.47 -52.85
N ILE J 29 -4.19 -21.58 -53.27
CA ILE J 29 -3.55 -22.51 -52.34
C ILE J 29 -2.21 -22.08 -51.78
N LYS J 30 -1.58 -21.09 -52.41
CA LYS J 30 -0.25 -20.65 -51.98
C LYS J 30 -0.02 -20.42 -50.49
N ASP J 31 -0.97 -19.76 -49.82
CA ASP J 31 -0.79 -19.47 -48.41
C ASP J 31 -1.45 -20.48 -47.48
N TYR J 32 -1.62 -21.68 -48.00
CA TYR J 32 -2.20 -22.77 -47.22
C TYR J 32 -1.25 -23.94 -47.24
N TYR J 33 -1.50 -24.88 -46.36
CA TYR J 33 -0.78 -26.14 -46.34
C TYR J 33 -1.87 -27.05 -46.88
N ILE J 34 -1.53 -27.90 -47.84
CA ILE J 34 -2.53 -28.81 -48.40
C ILE J 34 -2.26 -30.16 -47.77
N HIS J 35 -3.25 -30.72 -47.07
CA HIS J 35 -3.04 -32.01 -46.41
C HIS J 35 -3.86 -33.08 -47.08
N TRP J 36 -3.42 -34.31 -46.92
CA TRP J 36 -4.17 -35.42 -47.48
C TRP J 36 -4.44 -36.37 -46.32
N VAL J 37 -5.64 -36.92 -46.29
CA VAL J 37 -6.02 -37.88 -45.23
C VAL J 37 -6.78 -39.05 -45.87
N LYS J 38 -6.45 -40.25 -45.40
CA LYS J 38 -7.03 -41.48 -45.92
C LYS J 38 -8.14 -42.02 -45.05
N GLN J 39 -9.16 -42.62 -45.66
CA GLN J 39 -10.24 -43.20 -44.90
C GLN J 39 -10.59 -44.59 -45.43
N ARG J 40 -10.20 -45.60 -44.67
CA ARG J 40 -10.47 -46.97 -45.05
C ARG J 40 -11.88 -47.33 -44.65
N PRO J 41 -12.50 -48.26 -45.41
CA PRO J 41 -13.85 -48.77 -45.16
C PRO J 41 -13.90 -49.25 -43.72
N GLU J 42 -14.93 -48.79 -43.00
CA GLU J 42 -15.15 -49.15 -41.59
C GLU J 42 -14.03 -48.68 -40.68
N LYS J 43 -13.32 -47.63 -41.07
CA LYS J 43 -12.22 -47.13 -40.25
C LYS J 43 -12.15 -45.62 -40.23
N GLY J 44 -11.46 -45.08 -39.22
CA GLY J 44 -11.33 -43.65 -39.10
C GLY J 44 -10.31 -43.01 -40.02
N LEU J 45 -10.42 -41.70 -40.17
CA LEU J 45 -9.50 -40.93 -40.99
C LEU J 45 -8.09 -40.97 -40.44
N GLU J 46 -7.11 -41.15 -41.34
CA GLU J 46 -5.70 -41.13 -40.94
C GLU J 46 -4.94 -40.15 -41.82
N TRP J 47 -4.24 -39.23 -41.16
CA TRP J 47 -3.47 -38.19 -41.81
C TRP J 47 -2.28 -38.77 -42.56
N ILE J 48 -2.03 -38.29 -43.79
CA ILE J 48 -0.92 -38.77 -44.60
C ILE J 48 0.27 -37.80 -44.52
N GLY J 49 -0.04 -36.50 -44.59
CA GLY J 49 0.98 -35.47 -44.51
C GLY J 49 0.52 -34.21 -45.21
N TRP J 50 1.42 -33.24 -45.39
CA TRP J 50 1.07 -31.97 -46.05
C TRP J 50 2.17 -31.50 -46.98
N ILE J 51 1.83 -30.52 -47.82
CA ILE J 51 2.77 -29.90 -48.75
C ILE J 51 2.54 -28.40 -48.62
N ASP J 52 3.60 -27.61 -48.74
CA ASP J 52 3.48 -26.15 -48.67
C ASP J 52 3.66 -25.71 -50.12
N PRO J 53 2.55 -25.42 -50.83
CA PRO J 53 2.59 -25.30 -52.30
C PRO J 53 3.48 -24.13 -52.70
N GLU J 54 3.78 -23.27 -51.75
CA GLU J 54 4.60 -22.11 -52.00
C GLU J 54 6.05 -22.45 -52.22
N ILE J 55 6.55 -23.40 -51.44
CA ILE J 55 7.96 -23.76 -51.56
C ILE J 55 8.17 -25.19 -51.99
N GLY J 56 7.08 -25.94 -52.01
CA GLY J 56 7.22 -27.31 -52.41
C GLY J 56 7.59 -28.25 -51.27
N ASP J 57 7.87 -27.71 -50.09
CA ASP J 57 8.20 -28.54 -48.92
C ASP J 57 7.03 -29.48 -48.56
N THR J 58 7.36 -30.73 -48.29
CA THR J 58 6.37 -31.74 -47.92
C THR J 58 6.80 -32.45 -46.65
N GLU J 59 5.82 -33.00 -45.94
CA GLU J 59 6.10 -33.75 -44.73
C GLU J 59 5.17 -34.95 -44.71
N TYR J 60 5.77 -36.15 -44.65
CA TYR J 60 4.99 -37.38 -44.63
C TYR J 60 5.09 -38.09 -43.28
N VAL J 61 4.01 -38.78 -42.91
CA VAL J 61 4.02 -39.54 -41.66
C VAL J 61 4.71 -40.87 -42.07
N PRO J 62 5.42 -41.57 -41.13
CA PRO J 62 6.31 -42.69 -41.49
C PRO J 62 5.68 -43.85 -42.25
N LYS J 63 4.39 -44.07 -42.02
CA LYS J 63 3.65 -45.17 -42.65
C LYS J 63 3.48 -44.97 -44.17
N PHE J 64 3.65 -43.74 -44.62
CA PHE J 64 3.48 -43.44 -46.05
C PHE J 64 4.74 -43.01 -46.78
N GLN J 65 5.90 -43.22 -46.17
CA GLN J 65 7.17 -42.87 -46.83
C GLN J 65 7.42 -43.85 -47.97
N GLY J 66 7.51 -43.33 -49.18
CA GLY J 66 7.75 -44.18 -50.33
C GLY J 66 6.47 -44.74 -50.89
N LYS J 67 5.37 -44.39 -50.25
CA LYS J 67 4.04 -44.83 -50.68
C LYS J 67 3.38 -43.64 -51.38
N ALA J 68 3.40 -42.50 -50.71
CA ALA J 68 2.78 -41.28 -51.24
C ALA J 68 3.77 -40.20 -51.59
N THR J 69 3.46 -39.46 -52.65
CA THR J 69 4.28 -38.35 -53.11
C THR J 69 3.36 -37.19 -53.43
N MET J 70 3.49 -36.11 -52.67
CA MET J 70 2.66 -34.94 -52.90
C MET J 70 3.42 -33.88 -53.66
N THR J 71 2.71 -33.25 -54.59
CA THR J 71 3.24 -32.14 -55.39
C THR J 71 2.13 -31.12 -55.47
N ALA J 72 2.48 -29.92 -55.89
CA ALA J 72 1.52 -28.85 -56.01
C ALA J 72 1.98 -27.87 -57.07
N ASP J 73 1.07 -27.02 -57.50
CA ASP J 73 1.35 -26.02 -58.50
C ASP J 73 0.42 -24.85 -58.24
N THR J 74 0.97 -23.76 -57.72
CA THR J 74 0.15 -22.59 -57.39
C THR J 74 -0.47 -21.84 -58.55
N SER J 75 0.12 -21.90 -59.74
CA SER J 75 -0.51 -21.20 -60.87
C SER J 75 -1.78 -21.85 -61.35
N SER J 76 -1.86 -23.18 -61.29
CA SER J 76 -3.08 -23.84 -61.72
C SER J 76 -3.94 -24.18 -60.50
N ASN J 77 -3.43 -23.84 -59.32
CA ASN J 77 -4.11 -24.12 -58.06
C ASN J 77 -4.49 -25.59 -57.92
N THR J 78 -3.54 -26.49 -58.19
CA THR J 78 -3.81 -27.92 -58.09
C THR J 78 -2.73 -28.66 -57.32
N ALA J 79 -3.16 -29.55 -56.44
CA ALA J 79 -2.26 -30.36 -55.63
C ALA J 79 -2.50 -31.79 -56.06
N TYR J 80 -1.44 -32.60 -56.06
CA TYR J 80 -1.48 -34.00 -56.48
C TYR J 80 -0.96 -34.96 -55.43
N LEU J 81 -1.52 -36.17 -55.44
CA LEU J 81 -1.10 -37.25 -54.55
C LEU J 81 -0.82 -38.47 -55.41
N GLN J 82 0.44 -38.88 -55.44
CA GLN J 82 0.84 -40.06 -56.19
C GLN J 82 1.00 -41.22 -55.25
N LEU J 83 0.38 -42.34 -55.57
CA LEU J 83 0.46 -43.53 -54.73
C LEU J 83 1.08 -44.64 -55.56
N SER J 84 2.21 -45.15 -55.14
CA SER J 84 2.89 -46.18 -55.91
C SER J 84 2.91 -47.54 -55.22
N SER J 85 3.28 -48.57 -55.96
CA SER J 85 3.33 -49.95 -55.47
C SER J 85 2.07 -50.23 -54.66
N LEU J 86 0.91 -50.02 -55.29
CA LEU J 86 -0.37 -50.18 -54.59
C LEU J 86 -0.70 -51.62 -54.20
N THR J 87 -1.39 -51.77 -53.07
CA THR J 87 -1.83 -53.06 -52.52
C THR J 87 -3.28 -52.93 -52.09
N SER J 88 -3.88 -54.06 -51.73
CA SER J 88 -5.27 -54.10 -51.26
C SER J 88 -5.51 -53.11 -50.12
N GLU J 89 -4.53 -52.98 -49.23
CA GLU J 89 -4.62 -52.09 -48.08
C GLU J 89 -4.70 -50.61 -48.41
N ASP J 90 -4.38 -50.26 -49.64
CA ASP J 90 -4.47 -48.85 -50.04
C ASP J 90 -5.86 -48.47 -50.48
N THR J 91 -6.76 -49.45 -50.60
CA THR J 91 -8.14 -49.18 -50.98
C THR J 91 -8.74 -48.31 -49.87
N ALA J 92 -9.19 -47.10 -50.26
CA ALA J 92 -9.75 -46.13 -49.34
C ALA J 92 -10.20 -44.90 -50.08
N VAL J 93 -10.83 -43.98 -49.34
CA VAL J 93 -11.27 -42.73 -49.92
C VAL J 93 -10.18 -41.76 -49.47
N TYR J 94 -9.63 -40.99 -50.42
CA TYR J 94 -8.56 -40.02 -50.14
C TYR J 94 -9.06 -38.62 -50.29
N TYR J 95 -8.81 -37.81 -49.26
CA TYR J 95 -9.25 -36.44 -49.22
C TYR J 95 -8.08 -35.50 -49.19
N CYS J 96 -8.22 -34.35 -49.85
CA CYS J 96 -7.21 -33.33 -49.73
C CYS J 96 -8.00 -32.26 -48.98
N ASN J 97 -7.30 -31.47 -48.18
CA ASN J 97 -7.98 -30.40 -47.50
C ASN J 97 -6.96 -29.27 -47.34
N ALA J 98 -7.40 -28.09 -46.90
CA ALA J 98 -6.48 -26.96 -46.77
C ALA J 98 -6.66 -26.16 -45.51
N GLY J 99 -5.57 -25.60 -45.03
CA GLY J 99 -5.61 -24.75 -43.85
C GLY J 99 -4.49 -23.74 -43.95
N HIS J 100 -4.68 -22.56 -43.39
CA HIS J 100 -3.70 -21.48 -43.41
C HIS J 100 -2.33 -21.99 -42.97
N ASP J 101 -1.31 -21.61 -43.70
CA ASP J 101 0.03 -22.06 -43.36
C ASP J 101 0.49 -21.69 -41.95
N TYR J 102 0.01 -20.56 -41.43
CA TYR J 102 0.36 -20.13 -40.07
C TYR J 102 -0.54 -20.73 -38.99
N ASP J 103 -1.51 -21.52 -39.43
CA ASP J 103 -2.51 -22.13 -38.54
C ASP J 103 -2.07 -23.51 -38.07
N ARG J 104 -2.31 -23.80 -36.79
CA ARG J 104 -1.91 -25.06 -36.19
C ARG J 104 -2.50 -26.35 -36.79
N GLY J 105 -3.72 -26.27 -37.30
CA GLY J 105 -4.30 -27.47 -37.89
C GLY J 105 -5.79 -27.53 -38.16
N ARG J 106 -6.47 -26.40 -38.18
CA ARG J 106 -7.89 -26.39 -38.49
C ARG J 106 -8.05 -26.70 -39.98
N PHE J 107 -9.05 -27.53 -40.31
CA PHE J 107 -9.31 -27.93 -41.70
C PHE J 107 -10.65 -27.34 -42.19
N PRO J 108 -10.67 -26.06 -42.58
CA PRO J 108 -11.86 -25.36 -43.02
C PRO J 108 -12.33 -25.74 -44.42
N TYR J 109 -11.40 -26.25 -45.23
CA TYR J 109 -11.76 -26.65 -46.59
C TYR J 109 -11.34 -28.07 -46.92
N TRP J 110 -12.27 -28.85 -47.41
CA TRP J 110 -12.04 -30.24 -47.75
C TRP J 110 -12.57 -30.55 -49.15
N GLY J 111 -11.85 -31.41 -49.85
CA GLY J 111 -12.31 -31.85 -51.15
C GLY J 111 -13.35 -32.94 -50.85
N GLN J 112 -14.10 -33.38 -51.86
CA GLN J 112 -15.12 -34.42 -51.66
C GLN J 112 -14.61 -35.84 -51.52
N GLY J 113 -13.31 -36.03 -51.73
CA GLY J 113 -12.69 -37.34 -51.63
C GLY J 113 -12.65 -38.10 -52.95
N THR J 114 -11.67 -38.99 -53.06
CA THR J 114 -11.52 -39.82 -54.24
C THR J 114 -11.38 -41.27 -53.76
N LEU J 115 -12.25 -42.13 -54.27
CA LEU J 115 -12.21 -43.55 -53.88
C LEU J 115 -11.22 -44.28 -54.80
N VAL J 116 -10.23 -44.94 -54.19
CA VAL J 116 -9.26 -45.71 -54.93
C VAL J 116 -9.45 -47.18 -54.55
N THR J 117 -9.70 -48.03 -55.54
CA THR J 117 -9.90 -49.46 -55.29
C THR J 117 -8.77 -50.27 -55.94
N VAL J 118 -7.95 -50.91 -55.11
CA VAL J 118 -6.82 -51.72 -55.58
C VAL J 118 -7.10 -53.22 -55.50
N SER J 119 -6.84 -53.92 -56.61
CA SER J 119 -7.04 -55.36 -56.68
C SER J 119 -6.23 -56.00 -57.79
N ALA J 120 -5.77 -57.24 -57.60
CA ALA J 120 -5.00 -57.94 -58.64
C ALA J 120 -5.88 -58.80 -59.57
N ALA J 121 -7.20 -58.74 -59.35
CA ALA J 121 -8.21 -59.48 -60.10
C ALA J 121 -8.35 -58.99 -61.54
N LYS J 122 -8.85 -59.86 -62.41
CA LYS J 122 -9.08 -59.52 -63.83
C LYS J 122 -10.56 -59.21 -63.96
N THR J 123 -10.99 -58.48 -64.99
CA THR J 123 -12.43 -58.21 -65.09
C THR J 123 -13.13 -59.52 -65.45
N THR J 124 -14.19 -59.81 -64.69
CA THR J 124 -14.96 -61.05 -64.77
C THR J 124 -16.45 -60.70 -64.75
N PRO J 125 -17.23 -61.25 -65.71
CA PRO J 125 -18.68 -61.06 -65.77
C PRO J 125 -19.35 -61.81 -64.62
N PRO J 126 -20.52 -61.36 -64.19
CA PRO J 126 -21.14 -62.03 -63.05
C PRO J 126 -22.03 -63.21 -63.48
N SER J 127 -22.27 -64.12 -62.53
CA SER J 127 -23.18 -65.24 -62.72
C SER J 127 -24.42 -64.75 -61.97
N VAL J 128 -25.59 -64.84 -62.59
CA VAL J 128 -26.85 -64.37 -61.98
C VAL J 128 -27.76 -65.58 -61.69
N TYR J 129 -28.03 -65.80 -60.41
CA TYR J 129 -28.89 -66.92 -59.99
C TYR J 129 -30.24 -66.48 -59.47
N PRO J 130 -31.31 -67.15 -59.92
CA PRO J 130 -32.65 -66.78 -59.50
C PRO J 130 -32.92 -67.32 -58.09
N LEU J 131 -33.58 -66.50 -57.28
CA LEU J 131 -33.93 -66.83 -55.91
C LEU J 131 -35.45 -66.91 -55.85
N ALA J 132 -35.95 -68.13 -55.97
CA ALA J 132 -37.38 -68.41 -55.96
C ALA J 132 -37.73 -69.14 -54.69
N PRO J 133 -38.95 -68.90 -54.17
CA PRO J 133 -39.27 -69.54 -52.88
C PRO J 133 -39.72 -71.00 -53.05
N GLY J 134 -39.25 -71.88 -52.15
CA GLY J 134 -39.63 -73.30 -52.18
C GLY J 134 -41.14 -73.52 -52.14
N SER J 135 -41.60 -74.71 -52.55
CA SER J 135 -43.04 -74.99 -52.55
C SER J 135 -43.58 -75.38 -51.17
N ALA J 136 -43.42 -74.48 -50.21
CA ALA J 136 -43.89 -74.71 -48.84
C ALA J 136 -45.35 -74.28 -48.71
N ALA J 137 -46.26 -75.25 -48.69
CA ALA J 137 -47.68 -74.97 -48.55
C ALA J 137 -48.04 -74.54 -47.14
N GLN J 138 -47.98 -73.23 -46.90
CA GLN J 138 -48.29 -72.67 -45.58
C GLN J 138 -49.18 -71.44 -45.65
N THR J 139 -49.65 -71.10 -46.85
CA THR J 139 -50.53 -69.94 -47.09
C THR J 139 -49.99 -68.62 -46.54
N ASN J 140 -49.74 -67.66 -47.42
CA ASN J 140 -49.22 -66.36 -47.01
C ASN J 140 -49.52 -65.26 -48.03
N SER J 141 -49.37 -64.01 -47.56
CA SER J 141 -49.60 -62.82 -48.39
C SER J 141 -48.36 -62.48 -49.26
N MET J 142 -47.86 -61.23 -49.22
CA MET J 142 -46.72 -60.77 -50.03
C MET J 142 -45.67 -61.82 -50.32
N VAL J 143 -45.08 -61.78 -51.51
CA VAL J 143 -44.03 -62.73 -51.83
C VAL J 143 -42.71 -61.98 -52.17
N THR J 144 -41.59 -62.48 -51.69
CA THR J 144 -40.29 -61.88 -51.95
C THR J 144 -39.44 -62.79 -52.88
N LEU J 145 -38.98 -62.21 -53.99
CA LEU J 145 -38.15 -62.91 -54.97
C LEU J 145 -36.78 -62.23 -54.96
N GLY J 146 -35.76 -62.86 -55.52
CA GLY J 146 -34.46 -62.23 -55.54
C GLY J 146 -33.57 -62.77 -56.62
N CYS J 147 -32.42 -62.11 -56.79
CA CYS J 147 -31.38 -62.51 -57.74
C CYS J 147 -30.03 -62.35 -57.03
N LEU J 148 -29.20 -63.38 -57.12
CA LEU J 148 -27.86 -63.41 -56.52
C LEU J 148 -26.94 -63.14 -57.70
N VAL J 149 -26.12 -62.09 -57.59
CA VAL J 149 -25.15 -61.73 -58.62
C VAL J 149 -23.80 -62.03 -57.98
N LYS J 150 -23.09 -62.98 -58.58
CA LYS J 150 -21.86 -63.43 -57.99
C LYS J 150 -20.64 -63.57 -58.87
N GLY J 151 -19.49 -63.36 -58.28
CA GLY J 151 -18.20 -63.56 -58.94
C GLY J 151 -17.78 -62.59 -60.02
N TYR J 152 -18.11 -61.32 -59.84
CA TYR J 152 -17.72 -60.33 -60.83
C TYR J 152 -16.65 -59.34 -60.33
N PHE J 153 -16.00 -58.69 -61.28
CA PHE J 153 -14.98 -57.67 -61.01
C PHE J 153 -14.84 -56.86 -62.28
N PRO J 154 -14.74 -55.52 -62.14
CA PRO J 154 -14.86 -54.76 -60.90
C PRO J 154 -16.30 -54.30 -60.64
N GLU J 155 -16.48 -53.46 -59.63
CA GLU J 155 -17.77 -52.86 -59.39
C GLU J 155 -17.95 -51.75 -60.43
N PRO J 156 -19.20 -51.34 -60.68
CA PRO J 156 -20.37 -52.00 -60.10
C PRO J 156 -21.19 -52.80 -61.09
N VAL J 157 -22.34 -53.28 -60.63
CA VAL J 157 -23.32 -53.95 -61.48
C VAL J 157 -24.56 -53.16 -61.09
N THR J 158 -25.53 -53.09 -62.00
CA THR J 158 -26.78 -52.42 -61.70
C THR J 158 -27.84 -53.48 -61.85
N VAL J 159 -28.87 -53.40 -61.01
CA VAL J 159 -29.93 -54.37 -61.12
C VAL J 159 -31.28 -53.70 -61.01
N THR J 160 -32.17 -54.06 -61.94
CA THR J 160 -33.53 -53.55 -61.95
C THR J 160 -34.45 -54.76 -62.01
N TRP J 161 -35.74 -54.51 -61.83
CA TRP J 161 -36.75 -55.57 -61.87
C TRP J 161 -37.81 -55.13 -62.87
N ASN J 162 -38.08 -56.01 -63.84
CA ASN J 162 -39.05 -55.74 -64.89
C ASN J 162 -38.72 -54.45 -65.62
N SER J 163 -37.42 -54.26 -65.84
CA SER J 163 -36.91 -53.10 -66.56
C SER J 163 -37.18 -51.78 -65.90
N GLY J 164 -37.21 -51.80 -64.58
CA GLY J 164 -37.47 -50.57 -63.82
C GLY J 164 -38.93 -50.32 -63.49
N SER J 165 -39.82 -51.16 -64.01
CA SER J 165 -41.25 -51.00 -63.72
C SER J 165 -41.51 -51.32 -62.24
N LEU J 166 -40.76 -52.27 -61.70
CA LEU J 166 -40.87 -52.63 -60.27
C LEU J 166 -39.75 -51.91 -59.55
N SER J 167 -40.07 -50.77 -58.95
CA SER J 167 -39.07 -49.97 -58.22
C SER J 167 -39.28 -49.98 -56.72
N SER J 168 -40.53 -49.86 -56.30
CA SER J 168 -40.84 -49.87 -54.88
C SER J 168 -40.73 -51.33 -54.45
N GLY J 169 -40.29 -51.55 -53.22
CA GLY J 169 -40.18 -52.90 -52.72
C GLY J 169 -38.89 -53.63 -53.03
N VAL J 170 -37.95 -52.99 -53.72
CA VAL J 170 -36.69 -53.66 -54.03
C VAL J 170 -35.55 -53.17 -53.14
N HIS J 171 -34.70 -54.12 -52.76
CA HIS J 171 -33.53 -53.87 -51.96
C HIS J 171 -32.32 -54.48 -52.65
N THR J 172 -31.39 -53.63 -53.03
CA THR J 172 -30.18 -54.12 -53.66
C THR J 172 -29.05 -53.79 -52.69
N PHE J 173 -28.43 -54.83 -52.18
CA PHE J 173 -27.38 -54.70 -51.20
C PHE J 173 -26.00 -54.36 -51.72
N PRO J 174 -25.21 -53.64 -50.90
CA PRO J 174 -23.80 -53.40 -51.17
C PRO J 174 -23.06 -54.69 -51.48
N ALA J 175 -22.14 -54.64 -52.43
CA ALA J 175 -21.36 -55.81 -52.81
C ALA J 175 -20.29 -56.07 -51.75
N VAL J 176 -19.85 -57.33 -51.65
CA VAL J 176 -18.80 -57.69 -50.72
C VAL J 176 -17.88 -58.63 -51.46
N LEU J 177 -16.61 -58.64 -51.07
CA LEU J 177 -15.62 -59.49 -51.70
C LEU J 177 -15.60 -60.89 -51.12
N GLN J 178 -15.40 -61.84 -52.02
CA GLN J 178 -15.29 -63.26 -51.70
C GLN J 178 -14.10 -63.65 -52.54
N SER J 179 -12.94 -63.67 -51.91
CA SER J 179 -11.70 -64.02 -52.57
C SER J 179 -11.63 -63.30 -53.91
N ASP J 180 -11.22 -62.04 -53.84
CA ASP J 180 -11.04 -61.17 -55.00
C ASP J 180 -12.22 -60.86 -55.93
N LEU J 181 -13.34 -61.59 -55.82
CA LEU J 181 -14.49 -61.33 -56.67
C LEU J 181 -15.71 -60.84 -55.86
N TYR J 182 -16.54 -60.00 -56.47
CA TYR J 182 -17.70 -59.43 -55.82
C TYR J 182 -19.00 -60.22 -55.90
N THR J 183 -19.85 -60.01 -54.89
CA THR J 183 -21.15 -60.65 -54.82
C THR J 183 -22.16 -59.74 -54.13
N LEU J 184 -23.38 -59.71 -54.64
CA LEU J 184 -24.44 -58.94 -54.04
C LEU J 184 -25.71 -59.63 -54.42
N SER J 185 -26.78 -59.26 -53.72
CA SER J 185 -28.10 -59.80 -53.99
C SER J 185 -29.09 -58.68 -54.07
N SER J 186 -30.20 -58.92 -54.73
CA SER J 186 -31.25 -57.93 -54.81
C SER J 186 -32.54 -58.70 -54.54
N SER J 187 -33.41 -58.13 -53.71
CA SER J 187 -34.71 -58.74 -53.40
C SER J 187 -35.81 -57.80 -53.88
N VAL J 188 -36.95 -58.37 -54.26
CA VAL J 188 -38.07 -57.56 -54.67
C VAL J 188 -39.28 -58.21 -53.99
N THR J 189 -40.20 -57.37 -53.53
CA THR J 189 -41.40 -57.87 -52.86
C THR J 189 -42.61 -57.37 -53.60
N VAL J 190 -43.46 -58.31 -54.01
CA VAL J 190 -44.69 -57.99 -54.78
C VAL J 190 -45.90 -58.69 -54.14
N PRO J 191 -47.12 -58.27 -54.49
CA PRO J 191 -48.27 -59.02 -53.91
C PRO J 191 -48.32 -60.47 -54.37
N SER J 192 -48.61 -61.36 -53.43
CA SER J 192 -48.74 -62.80 -53.66
C SER J 192 -49.61 -63.15 -54.87
N SER J 193 -50.69 -62.40 -55.06
CA SER J 193 -51.59 -62.65 -56.17
C SER J 193 -51.03 -62.31 -57.55
N THR J 194 -50.06 -61.41 -57.60
CA THR J 194 -49.44 -60.99 -58.85
C THR J 194 -48.28 -61.86 -59.34
N TRP J 195 -47.81 -62.78 -58.50
CA TRP J 195 -46.73 -63.67 -58.90
C TRP J 195 -47.09 -65.06 -58.47
N PRO J 196 -47.10 -66.03 -59.40
CA PRO J 196 -46.47 -66.00 -60.72
C PRO J 196 -47.36 -65.68 -61.89
N SER J 197 -48.57 -65.21 -61.66
CA SER J 197 -49.47 -64.89 -62.76
C SER J 197 -48.88 -63.80 -63.64
N GLU J 198 -48.01 -62.99 -63.07
CA GLU J 198 -47.35 -61.91 -63.81
C GLU J 198 -45.84 -62.11 -63.64
N THR J 199 -45.14 -62.07 -64.76
CA THR J 199 -43.69 -62.28 -64.79
C THR J 199 -42.86 -61.30 -63.96
N VAL J 200 -41.82 -61.81 -63.33
CA VAL J 200 -40.89 -61.00 -62.56
C VAL J 200 -39.49 -61.40 -63.01
N THR J 201 -38.79 -60.45 -63.62
CA THR J 201 -37.44 -60.67 -64.14
C THR J 201 -36.48 -59.65 -63.58
N CYS J 202 -35.28 -60.09 -63.17
CA CYS J 202 -34.25 -59.16 -62.70
C CYS J 202 -33.31 -58.95 -63.86
N ASN J 203 -32.97 -57.68 -64.11
CA ASN J 203 -32.07 -57.29 -65.18
C ASN J 203 -30.76 -56.82 -64.55
N VAL J 204 -29.70 -57.57 -64.81
CA VAL J 204 -28.37 -57.26 -64.29
C VAL J 204 -27.43 -56.82 -65.39
N ALA J 205 -26.72 -55.73 -65.14
CA ALA J 205 -25.79 -55.17 -66.13
C ALA J 205 -24.45 -54.98 -65.46
N HIS J 206 -23.39 -55.26 -66.22
CA HIS J 206 -22.03 -55.13 -65.73
C HIS J 206 -21.25 -54.48 -66.86
N PRO J 207 -21.18 -53.15 -66.85
CA PRO J 207 -20.62 -52.37 -67.95
C PRO J 207 -19.16 -52.73 -68.24
N ALA J 208 -18.40 -53.02 -67.18
CA ALA J 208 -16.99 -53.37 -67.34
C ALA J 208 -16.77 -54.56 -68.27
N SER J 209 -17.65 -55.56 -68.20
CA SER J 209 -17.54 -56.74 -69.06
C SER J 209 -18.52 -56.73 -70.24
N SER J 210 -19.23 -55.61 -70.44
CA SER J 210 -20.20 -55.45 -71.52
C SER J 210 -21.19 -56.60 -71.55
N THR J 211 -21.73 -56.89 -70.36
CA THR J 211 -22.68 -57.99 -70.19
C THR J 211 -24.00 -57.48 -69.60
N LYS J 212 -25.08 -58.06 -70.09
CA LYS J 212 -26.44 -57.81 -69.58
C LYS J 212 -27.07 -59.21 -69.46
N VAL J 213 -27.65 -59.51 -68.30
CA VAL J 213 -28.29 -60.80 -68.06
C VAL J 213 -29.70 -60.61 -67.46
N ASP J 214 -30.72 -61.24 -68.06
CA ASP J 214 -32.08 -61.16 -67.54
C ASP J 214 -32.44 -62.55 -67.05
N LYS J 215 -32.83 -62.64 -65.78
CA LYS J 215 -33.23 -63.92 -65.20
C LYS J 215 -34.69 -63.81 -64.79
N LYS J 216 -35.55 -64.64 -65.39
CA LYS J 216 -36.98 -64.64 -65.05
C LYS J 216 -37.14 -65.59 -63.87
N ILE J 217 -37.78 -65.12 -62.81
CA ILE J 217 -37.98 -65.97 -61.64
C ILE J 217 -39.21 -66.88 -61.83
N VAL J 218 -39.00 -68.19 -61.84
CA VAL J 218 -40.09 -69.12 -62.00
C VAL J 218 -40.17 -69.99 -60.76
N PRO J 219 -41.37 -70.48 -60.45
CA PRO J 219 -41.64 -71.32 -59.27
C PRO J 219 -40.82 -72.59 -59.26
N ARG J 220 -40.43 -73.01 -58.05
CA ARG J 220 -39.60 -74.20 -57.74
C ARG J 220 -38.18 -73.80 -57.32
N ASP J 221 -37.15 -74.47 -57.84
CA ASP J 221 -35.74 -74.17 -57.50
C ASP J 221 -34.79 -74.21 -58.73
N ASP K 1 33.28 36.51 15.02
CA ASP K 1 32.86 36.16 16.41
C ASP K 1 31.35 36.37 16.55
N ILE K 2 30.70 35.43 17.23
CA ILE K 2 29.27 35.52 17.47
C ILE K 2 29.07 36.36 18.73
N VAL K 3 28.25 37.39 18.59
CA VAL K 3 27.96 38.28 19.71
C VAL K 3 26.73 37.76 20.44
N MET K 4 26.89 37.57 21.76
CA MET K 4 25.81 37.13 22.64
C MET K 4 25.40 38.37 23.44
N THR K 5 24.20 38.89 23.16
CA THR K 5 23.72 40.09 23.80
C THR K 5 22.69 39.90 24.92
N GLN K 6 23.04 40.41 26.11
CA GLN K 6 22.16 40.39 27.27
C GLN K 6 21.86 41.88 27.49
N SER K 7 20.73 42.33 26.93
CA SER K 7 20.32 43.74 27.00
C SER K 7 20.12 44.34 28.39
N GLN K 8 19.79 43.51 29.37
CA GLN K 8 19.58 43.98 30.73
C GLN K 8 20.77 43.76 31.65
N LYS K 9 21.43 44.83 32.06
CA LYS K 9 22.57 44.71 32.96
C LYS K 9 22.12 44.37 34.39
N PHE K 10 20.98 44.93 34.79
CA PHE K 10 20.42 44.73 36.12
C PHE K 10 18.91 44.49 36.07
N MET K 11 18.41 43.74 37.04
CA MET K 11 16.98 43.44 37.18
C MET K 11 16.65 43.35 38.67
N SER K 12 15.68 44.12 39.11
CA SER K 12 15.26 44.07 40.51
C SER K 12 14.23 42.95 40.64
N THR K 13 14.33 42.15 41.68
CA THR K 13 13.42 41.03 41.89
C THR K 13 13.08 40.89 43.39
N SER K 14 12.14 40.00 43.68
CA SER K 14 11.72 39.72 45.04
C SER K 14 11.61 38.21 45.14
N VAL K 15 11.93 37.71 46.33
CA VAL K 15 11.84 36.28 46.66
C VAL K 15 10.39 35.91 46.33
N GLY K 16 10.22 34.84 45.56
CA GLY K 16 8.89 34.40 45.16
C GLY K 16 8.55 34.71 43.72
N ASP K 17 9.25 35.66 43.11
CA ASP K 17 9.00 36.08 41.73
C ASP K 17 9.47 35.10 40.69
N ARG K 18 8.84 35.17 39.51
CA ARG K 18 9.27 34.36 38.39
C ARG K 18 10.10 35.36 37.62
N VAL K 19 11.36 35.03 37.33
CA VAL K 19 12.22 35.96 36.62
C VAL K 19 12.81 35.36 35.34
N SER K 20 12.84 36.17 34.29
CA SER K 20 13.35 35.69 33.02
C SER K 20 14.46 36.62 32.57
N ILE K 21 15.53 36.02 32.08
CA ILE K 21 16.70 36.77 31.60
C ILE K 21 16.94 36.39 30.16
N THR K 22 17.05 37.39 29.28
CA THR K 22 17.23 37.15 27.86
C THR K 22 18.65 37.25 27.36
N CYS K 23 18.88 36.54 26.26
CA CYS K 23 20.17 36.50 25.62
C CYS K 23 19.91 36.29 24.13
N LYS K 24 20.49 37.15 23.31
CA LYS K 24 20.29 37.07 21.86
C LYS K 24 21.62 36.81 21.17
N ALA K 25 21.63 35.87 20.22
CA ALA K 25 22.84 35.53 19.47
C ALA K 25 22.76 36.26 18.14
N SER K 26 23.90 36.69 17.61
CA SER K 26 23.90 37.40 16.34
C SER K 26 23.81 36.47 15.13
N GLN K 27 23.96 35.17 15.39
CA GLN K 27 23.92 34.13 14.35
C GLN K 27 23.15 32.94 14.88
N ASN K 28 22.69 32.05 14.00
CA ASN K 28 21.95 30.86 14.42
C ASN K 28 22.89 29.93 15.18
N VAL K 29 22.65 29.72 16.47
CA VAL K 29 23.49 28.82 17.26
C VAL K 29 22.80 27.53 17.66
N GLY K 30 21.61 27.30 17.09
CA GLY K 30 20.84 26.09 17.39
C GLY K 30 20.40 26.12 18.82
N THR K 31 20.68 25.06 19.58
CA THR K 31 20.33 25.07 21.00
C THR K 31 21.66 24.97 21.77
N ALA K 32 22.76 25.25 21.06
CA ALA K 32 24.10 25.17 21.62
C ALA K 32 24.42 26.36 22.49
N VAL K 33 23.67 26.50 23.60
CA VAL K 33 23.84 27.59 24.54
C VAL K 33 23.81 27.09 25.97
N ALA K 34 24.61 27.72 26.83
CA ALA K 34 24.66 27.35 28.23
C ALA K 34 24.50 28.61 29.06
N TRP K 35 24.01 28.47 30.29
CA TRP K 35 23.84 29.59 31.22
C TRP K 35 24.65 29.33 32.47
N TYR K 36 25.32 30.35 32.96
CA TYR K 36 26.13 30.26 34.15
C TYR K 36 25.69 31.25 35.22
N GLN K 37 25.87 30.85 36.48
CA GLN K 37 25.58 31.71 37.62
C GLN K 37 26.89 32.08 38.31
N GLN K 38 27.03 33.35 38.66
CA GLN K 38 28.22 33.76 39.37
C GLN K 38 27.96 34.76 40.50
N LYS K 39 28.63 34.52 41.63
CA LYS K 39 28.52 35.39 42.80
C LYS K 39 29.92 35.99 43.02
N PRO K 40 30.02 37.13 43.72
CA PRO K 40 31.24 37.96 43.80
C PRO K 40 32.48 37.17 44.27
N GLY K 41 33.58 37.22 43.51
CA GLY K 41 34.78 36.50 43.92
C GLY K 41 34.70 34.97 43.94
N GLN K 42 33.65 34.39 43.37
CA GLN K 42 33.45 32.94 43.32
C GLN K 42 33.45 32.41 41.90
N SER K 43 33.66 31.10 41.75
CA SER K 43 33.70 30.45 40.44
C SER K 43 32.31 30.59 39.83
N PRO K 44 32.22 30.93 38.54
CA PRO K 44 30.95 30.70 37.84
C PRO K 44 30.52 29.22 37.95
N LYS K 45 29.23 28.97 37.72
CA LYS K 45 28.68 27.62 37.80
C LYS K 45 27.73 27.33 36.66
N LEU K 46 27.81 26.12 36.11
CA LEU K 46 26.95 25.71 35.03
C LEU K 46 25.52 25.47 35.52
N MET K 47 24.56 26.15 34.91
CA MET K 47 23.18 26.00 35.33
C MET K 47 22.35 25.28 34.29
N ILE K 48 22.43 25.76 33.05
CA ILE K 48 21.66 25.23 31.94
C ILE K 48 22.62 24.98 30.79
N TYR K 49 22.36 23.95 30.00
CA TYR K 49 23.18 23.68 28.81
C TYR K 49 22.20 23.19 27.75
N SER K 50 22.62 23.24 26.47
CA SER K 50 21.79 22.81 25.34
C SER K 50 20.48 23.62 25.35
N ALA K 51 20.60 24.90 25.77
CA ALA K 51 19.48 25.84 25.89
C ALA K 51 18.36 25.56 26.90
N SER K 52 18.06 24.29 27.14
CA SER K 52 16.95 23.96 28.04
C SER K 52 17.17 22.83 29.05
N ASN K 53 18.38 22.28 29.08
CA ASN K 53 18.68 21.20 30.01
C ASN K 53 19.35 21.70 31.28
N ARG K 54 18.86 21.21 32.42
CA ARG K 54 19.36 21.57 33.73
C ARG K 54 20.60 20.72 34.00
N TYR K 55 21.68 21.37 34.44
CA TYR K 55 22.89 20.63 34.78
C TYR K 55 22.65 19.89 36.11
N THR K 56 23.37 18.80 36.30
CA THR K 56 23.24 17.98 37.51
C THR K 56 23.30 18.84 38.79
N GLY K 57 22.42 18.54 39.73
CA GLY K 57 22.42 19.24 40.99
C GLY K 57 21.77 20.62 41.05
N VAL K 58 21.56 21.27 39.91
CA VAL K 58 20.92 22.57 39.97
C VAL K 58 19.43 22.42 40.24
N PRO K 59 18.89 23.30 41.08
CA PRO K 59 17.53 23.10 41.57
C PRO K 59 16.53 23.16 40.44
N ASP K 60 15.39 22.52 40.63
CA ASP K 60 14.38 22.48 39.58
C ASP K 60 13.73 23.83 39.26
N ARG K 61 14.01 24.90 40.02
CA ARG K 61 13.40 26.18 39.73
C ARG K 61 14.07 26.92 38.57
N PHE K 62 15.22 26.40 38.08
CA PHE K 62 15.88 26.99 36.94
C PHE K 62 15.50 26.22 35.66
N THR K 63 15.10 26.93 34.62
CA THR K 63 14.78 26.29 33.34
C THR K 63 15.30 27.23 32.27
N GLY K 64 15.42 26.74 31.05
CA GLY K 64 15.88 27.58 29.98
C GLY K 64 15.12 27.19 28.75
N SER K 65 15.05 28.10 27.79
CA SER K 65 14.34 27.83 26.56
C SER K 65 14.92 28.68 25.44
N GLY K 66 14.46 28.42 24.22
CA GLY K 66 14.90 29.19 23.09
C GLY K 66 15.69 28.36 22.14
N SER K 67 16.01 28.96 20.99
CA SER K 67 16.79 28.28 19.95
C SER K 67 17.02 29.31 18.88
N GLY K 68 17.93 29.03 17.95
CA GLY K 68 18.21 29.97 16.88
C GLY K 68 18.99 31.16 17.39
N THR K 69 18.30 32.24 17.70
CA THR K 69 18.97 33.45 18.16
C THR K 69 18.42 34.05 19.45
N ASP K 70 17.27 33.56 19.90
CA ASP K 70 16.67 34.09 21.11
C ASP K 70 16.60 33.03 22.18
N PHE K 71 17.21 33.29 23.34
CA PHE K 71 17.28 32.37 24.47
C PHE K 71 16.85 33.04 25.76
N THR K 72 16.33 32.25 26.69
CA THR K 72 15.84 32.76 27.97
C THR K 72 16.10 31.83 29.16
N LEU K 73 16.62 32.39 30.24
CA LEU K 73 16.85 31.64 31.48
C LEU K 73 15.69 32.06 32.38
N THR K 74 14.96 31.09 32.94
CA THR K 74 13.84 31.40 33.83
C THR K 74 14.00 30.82 35.23
N ILE K 75 13.80 31.67 36.23
CA ILE K 75 13.85 31.21 37.60
C ILE K 75 12.41 31.31 38.11
N SER K 76 11.82 30.20 38.47
CA SER K 76 10.48 30.18 39.00
C SER K 76 10.68 30.25 40.49
N ASN K 77 9.82 30.97 41.18
CA ASN K 77 9.93 31.08 42.63
C ASN K 77 11.35 31.44 43.09
N MET K 78 11.84 32.60 42.67
CA MET K 78 13.18 33.00 43.04
C MET K 78 13.46 32.95 44.53
N GLN K 79 14.67 32.53 44.90
CA GLN K 79 15.07 32.42 46.30
C GLN K 79 16.20 33.39 46.60
N SER K 80 16.45 33.68 47.87
CA SER K 80 17.51 34.64 48.21
C SER K 80 18.86 34.27 47.61
N GLU K 81 19.20 32.98 47.62
CA GLU K 81 20.48 32.52 47.08
C GLU K 81 20.64 32.76 45.59
N ASP K 82 19.52 33.00 44.90
CA ASP K 82 19.52 33.27 43.48
C ASP K 82 19.96 34.66 43.09
N LEU K 83 20.17 35.51 44.07
CA LEU K 83 20.64 36.85 43.75
C LEU K 83 22.10 36.70 43.33
N ALA K 84 22.38 36.96 42.05
CA ALA K 84 23.74 36.80 41.50
C ALA K 84 23.77 37.27 40.06
N ASP K 85 24.95 37.16 39.42
CA ASP K 85 25.09 37.50 38.01
C ASP K 85 24.86 36.24 37.20
N TYR K 86 24.25 36.40 36.03
CA TYR K 86 24.00 35.30 35.12
C TYR K 86 24.51 35.64 33.73
N PHE K 87 25.10 34.68 33.04
CA PHE K 87 25.55 34.95 31.69
C PHE K 87 25.43 33.74 30.78
N CYS K 88 25.05 34.02 29.54
CA CYS K 88 24.88 32.97 28.55
C CYS K 88 26.19 32.83 27.82
N GLN K 89 26.30 31.73 27.08
CA GLN K 89 27.47 31.43 26.29
C GLN K 89 27.04 30.55 25.13
N GLN K 90 27.57 30.76 23.94
CA GLN K 90 27.25 29.88 22.81
C GLN K 90 28.49 29.01 22.63
N TYR K 91 28.28 27.77 22.20
CA TYR K 91 29.39 26.87 21.90
C TYR K 91 29.09 26.21 20.56
N SER K 92 28.42 26.99 19.71
CA SER K 92 28.06 26.51 18.39
C SER K 92 29.33 26.34 17.58
N SER K 93 30.25 27.31 17.71
CA SER K 93 31.51 27.29 16.98
C SER K 93 32.46 28.26 17.61
N TYR K 94 33.71 28.22 17.17
CA TYR K 94 34.74 29.07 17.73
C TYR K 94 34.82 30.43 17.04
N PRO K 95 35.30 31.43 17.78
CA PRO K 95 35.63 31.31 19.21
C PRO K 95 34.37 31.29 20.10
N LEU K 96 34.42 30.57 21.22
CA LEU K 96 33.30 30.52 22.17
C LEU K 96 33.12 31.95 22.69
N THR K 97 31.88 32.41 22.84
CA THR K 97 31.63 33.78 23.30
C THR K 97 30.56 33.83 24.39
N PHE K 98 30.63 34.87 25.22
CA PHE K 98 29.71 35.03 26.35
C PHE K 98 28.93 36.35 26.31
N GLY K 99 27.77 36.34 26.97
CA GLY K 99 27.00 37.56 27.11
C GLY K 99 27.70 38.37 28.21
N ALA K 100 27.39 39.65 28.34
CA ALA K 100 28.05 40.50 29.34
C ALA K 100 27.48 40.37 30.75
N GLY K 101 26.45 39.53 30.91
CA GLY K 101 25.90 39.29 32.24
C GLY K 101 24.72 40.16 32.64
N THR K 102 23.86 39.62 33.48
CA THR K 102 22.67 40.30 34.03
C THR K 102 22.73 40.05 35.53
N LYS K 103 22.69 41.11 36.34
CA LYS K 103 22.74 40.95 37.79
C LYS K 103 21.36 41.08 38.43
N LEU K 104 20.97 40.06 39.18
CA LEU K 104 19.69 40.03 39.90
C LEU K 104 19.87 40.74 41.24
N GLU K 105 19.05 41.75 41.48
CA GLU K 105 19.12 42.55 42.69
C GLU K 105 17.82 42.50 43.46
N LEU K 106 17.90 42.94 44.71
CA LEU K 106 16.74 42.88 45.59
C LEU K 106 15.91 44.17 45.58
N LYS K 107 14.60 43.99 45.61
CA LYS K 107 13.67 45.11 45.59
C LYS K 107 13.29 45.50 47.02
N ARG K 108 13.18 46.80 47.25
CA ARG K 108 12.74 47.34 48.54
C ARG K 108 12.01 48.65 48.25
N ALA K 109 11.62 49.36 49.30
CA ALA K 109 10.92 50.64 49.16
C ALA K 109 11.86 51.74 48.68
N ASP K 110 11.37 52.64 47.82
CA ASP K 110 12.19 53.76 47.34
C ASP K 110 12.63 54.58 48.54
N ALA K 111 13.85 55.10 48.48
CA ALA K 111 14.39 55.91 49.56
C ALA K 111 15.14 57.04 48.87
N ALA K 112 14.96 58.25 49.36
CA ALA K 112 15.62 59.43 48.79
C ALA K 112 17.05 59.55 49.31
N PRO K 113 18.00 59.94 48.43
CA PRO K 113 19.38 59.95 48.90
C PRO K 113 19.66 61.11 49.85
N THR K 114 20.61 60.90 50.75
CA THR K 114 21.05 61.91 51.71
C THR K 114 22.28 62.55 51.05
N VAL K 115 22.16 63.81 50.65
CA VAL K 115 23.24 64.52 49.95
C VAL K 115 24.04 65.45 50.85
N SER K 116 25.35 65.44 50.69
CA SER K 116 26.24 66.29 51.47
C SER K 116 27.35 66.71 50.56
N ILE K 117 27.72 67.99 50.63
CA ILE K 117 28.79 68.51 49.82
C ILE K 117 29.87 69.07 50.76
N PHE K 118 31.13 68.92 50.35
CA PHE K 118 32.28 69.38 51.13
C PHE K 118 33.23 70.15 50.24
N PRO K 119 33.66 71.35 50.69
CA PRO K 119 34.70 72.11 50.01
C PRO K 119 36.03 71.38 50.13
N PRO K 120 37.03 71.76 49.32
CA PRO K 120 38.44 71.38 49.54
C PRO K 120 38.89 71.76 50.94
N SER K 121 39.68 70.91 51.57
CA SER K 121 40.22 71.22 52.90
C SER K 121 41.39 72.15 52.66
N SER K 122 41.65 73.04 53.62
CA SER K 122 42.75 73.99 53.54
C SER K 122 44.06 73.23 53.29
N GLU K 123 44.14 72.05 53.87
CA GLU K 123 45.31 71.18 53.74
C GLU K 123 45.54 70.73 52.31
N GLN K 124 44.48 70.29 51.63
CA GLN K 124 44.64 69.89 50.24
C GLN K 124 45.05 71.11 49.46
N LEU K 125 44.50 72.26 49.84
CA LEU K 125 44.79 73.50 49.14
C LEU K 125 46.25 73.90 49.25
N THR K 126 46.88 73.64 50.40
CA THR K 126 48.31 73.97 50.55
C THR K 126 49.12 73.09 49.59
N SER K 127 48.47 72.07 49.04
CA SER K 127 49.09 71.14 48.11
C SER K 127 48.92 71.55 46.67
N GLY K 128 48.09 72.56 46.44
CA GLY K 128 47.89 73.03 45.08
C GLY K 128 46.74 72.34 44.33
N GLY K 129 46.02 71.45 45.02
CA GLY K 129 44.89 70.76 44.41
C GLY K 129 43.60 71.09 45.15
N ALA K 130 42.45 70.81 44.53
CA ALA K 130 41.16 71.13 45.15
C ALA K 130 40.06 70.14 44.75
N SER K 131 39.68 69.25 45.66
CA SER K 131 38.64 68.28 45.35
C SER K 131 37.39 68.67 46.12
N VAL K 132 36.27 68.71 45.41
CA VAL K 132 34.97 69.06 46.02
C VAL K 132 34.19 67.76 45.99
N VAL K 133 33.86 67.22 47.15
CA VAL K 133 33.17 65.95 47.17
C VAL K 133 31.73 66.01 47.64
N CYS K 134 30.93 65.18 46.98
CA CYS K 134 29.52 65.10 47.25
C CYS K 134 29.15 63.64 47.44
N PHE K 135 28.49 63.35 48.55
CA PHE K 135 28.03 62.00 48.85
C PHE K 135 26.52 61.97 48.63
N LEU K 136 26.03 60.89 48.05
CA LEU K 136 24.59 60.68 47.81
C LEU K 136 24.37 59.28 48.40
N ASN K 137 24.02 59.25 49.69
CA ASN K 137 23.87 58.02 50.42
C ASN K 137 22.50 57.46 50.69
N ASN K 138 22.48 56.14 50.81
CA ASN K 138 21.32 55.33 51.14
C ASN K 138 20.05 55.60 50.34
N PHE K 139 20.12 55.42 49.04
CA PHE K 139 18.93 55.64 48.21
C PHE K 139 18.51 54.39 47.49
N TYR K 140 17.28 54.42 46.94
CA TYR K 140 16.74 53.30 46.18
C TYR K 140 15.59 53.87 45.37
N PRO K 141 15.49 53.50 44.08
CA PRO K 141 16.32 52.58 43.32
C PRO K 141 17.69 53.18 42.95
N LYS K 142 18.52 52.41 42.27
CA LYS K 142 19.86 52.88 41.91
C LYS K 142 19.95 53.97 40.87
N ASP K 143 18.94 54.07 40.00
CA ASP K 143 18.92 55.10 38.98
C ASP K 143 19.01 56.48 39.61
N ILE K 144 20.06 57.22 39.25
CA ILE K 144 20.27 58.55 39.81
C ILE K 144 21.17 59.39 38.91
N ASN K 145 21.03 60.71 39.01
CA ASN K 145 21.86 61.59 38.24
C ASN K 145 22.40 62.72 39.09
N VAL K 146 23.70 62.98 38.95
CA VAL K 146 24.35 64.03 39.70
C VAL K 146 24.84 65.05 38.70
N LYS K 147 24.61 66.32 39.02
CA LYS K 147 25.05 67.40 38.18
C LYS K 147 25.83 68.41 39.03
N TRP K 148 26.92 68.91 38.48
CA TRP K 148 27.73 69.91 39.15
C TRP K 148 27.58 71.25 38.45
N LYS K 149 27.59 72.32 39.24
CA LYS K 149 27.48 73.68 38.72
C LYS K 149 28.51 74.54 39.42
N ILE K 150 29.29 75.27 38.64
CA ILE K 150 30.28 76.18 39.18
C ILE K 150 29.74 77.54 38.76
N ASP K 151 29.34 78.34 39.75
CA ASP K 151 28.75 79.66 39.52
C ASP K 151 27.49 79.53 38.64
N GLY K 152 26.71 78.47 38.95
CA GLY K 152 25.48 78.19 38.22
C GLY K 152 25.63 77.58 36.84
N SER K 153 26.86 77.22 36.49
CA SER K 153 27.13 76.65 35.19
C SER K 153 27.55 75.19 35.27
N GLU K 154 26.91 74.36 34.46
CA GLU K 154 27.20 72.93 34.44
C GLU K 154 28.69 72.63 34.17
N ARG K 155 29.27 71.79 35.03
CA ARG K 155 30.66 71.39 34.94
C ARG K 155 30.68 69.92 34.56
N GLN K 156 31.18 69.66 33.36
CA GLN K 156 31.26 68.32 32.84
C GLN K 156 32.57 67.61 33.17
N ASN K 157 33.68 68.29 32.93
CA ASN K 157 35.04 67.76 33.16
C ASN K 157 35.58 67.76 34.59
N GLY K 158 36.36 66.72 34.89
CA GLY K 158 36.97 66.63 36.20
C GLY K 158 36.20 65.91 37.28
N VAL K 159 34.97 65.50 37.00
CA VAL K 159 34.21 64.79 38.02
C VAL K 159 34.32 63.27 37.85
N LEU K 160 34.50 62.59 38.98
CA LEU K 160 34.63 61.13 39.01
C LEU K 160 33.55 60.62 39.96
N ASN K 161 32.79 59.62 39.51
CA ASN K 161 31.73 59.05 40.32
C ASN K 161 32.07 57.63 40.77
N SER K 162 31.72 57.29 42.00
CA SER K 162 32.00 55.94 42.49
C SER K 162 30.76 55.43 43.24
N ALA K 163 30.38 54.19 42.97
CA ALA K 163 29.19 53.63 43.58
C ALA K 163 29.46 52.33 44.36
N THR K 164 28.78 52.17 45.49
CA THR K 164 28.92 50.97 46.31
C THR K 164 27.89 49.97 45.76
N ASP K 165 28.12 48.68 46.02
CA ASP K 165 27.20 47.66 45.57
C ASP K 165 25.97 47.78 46.47
N GLN K 166 24.84 47.25 46.04
CA GLN K 166 23.64 47.30 46.87
C GLN K 166 23.94 46.72 48.25
N ASP K 167 23.56 47.47 49.30
CA ASP K 167 23.81 47.01 50.67
C ASP K 167 23.20 45.66 50.97
N SER K 168 24.00 44.75 51.51
CA SER K 168 23.53 43.42 51.82
C SER K 168 22.51 43.40 52.94
N LYS K 169 22.52 44.44 53.76
CA LYS K 169 21.60 44.54 54.89
C LYS K 169 20.36 45.41 54.59
N ASP K 170 20.58 46.67 54.20
CA ASP K 170 19.43 47.56 53.94
C ASP K 170 18.99 47.71 52.49
N SER K 171 19.61 46.94 51.61
CA SER K 171 19.32 46.96 50.16
C SER K 171 19.35 48.34 49.46
N THR K 172 20.02 49.35 50.06
CA THR K 172 20.15 50.66 49.42
C THR K 172 21.48 50.74 48.66
N TYR K 173 21.65 51.84 47.92
CA TYR K 173 22.85 52.13 47.16
C TYR K 173 23.36 53.46 47.66
N SER K 174 24.64 53.72 47.44
CA SER K 174 25.26 54.96 47.85
C SER K 174 26.23 55.33 46.75
N MET K 175 26.58 56.62 46.67
CA MET K 175 27.46 57.09 45.62
C MET K 175 28.25 58.32 46.04
N SER K 176 29.44 58.48 45.48
CA SER K 176 30.26 59.66 45.75
C SER K 176 30.54 60.29 44.39
N SER K 177 30.52 61.61 44.37
CA SER K 177 30.80 62.34 43.14
C SER K 177 31.79 63.40 43.56
N THR K 178 32.94 63.41 42.91
CA THR K 178 33.94 64.41 43.27
C THR K 178 34.52 65.14 42.08
N LEU K 179 34.52 66.47 42.21
CA LEU K 179 35.02 67.35 41.21
C LEU K 179 36.45 67.71 41.61
N THR K 180 37.42 67.40 40.76
CA THR K 180 38.80 67.72 41.06
C THR K 180 39.33 68.79 40.13
N LEU K 181 39.78 69.89 40.72
CA LEU K 181 40.31 71.03 39.98
C LEU K 181 41.66 71.36 40.62
N THR K 182 42.33 72.37 40.07
CA THR K 182 43.60 72.81 40.64
C THR K 182 43.21 73.92 41.60
N LYS K 183 44.12 74.34 42.46
CA LYS K 183 43.77 75.38 43.40
C LYS K 183 43.39 76.67 42.68
N ASP K 184 44.10 76.95 41.58
CA ASP K 184 43.85 78.15 40.81
C ASP K 184 42.50 78.15 40.10
N GLU K 185 42.14 77.01 39.52
CA GLU K 185 40.85 76.88 38.84
C GLU K 185 39.75 77.05 39.91
N TYR K 186 39.86 76.28 41.00
CA TYR K 186 38.90 76.37 42.09
C TYR K 186 38.78 77.77 42.67
N GLU K 187 39.90 78.47 42.83
CA GLU K 187 39.87 79.81 43.41
C GLU K 187 39.42 80.94 42.50
N ARG K 188 39.02 80.59 41.28
CA ARG K 188 38.53 81.58 40.33
C ARG K 188 36.99 81.57 40.30
N HIS K 189 36.40 80.84 41.25
CA HIS K 189 34.94 80.74 41.33
C HIS K 189 34.42 80.85 42.75
N ASN K 190 33.12 81.12 42.88
CA ASN K 190 32.48 81.30 44.18
C ASN K 190 31.54 80.17 44.58
N SER K 191 30.53 79.95 43.74
CA SER K 191 29.52 78.95 43.99
C SER K 191 29.77 77.56 43.39
N TYR K 192 29.71 76.52 44.24
CA TYR K 192 29.87 75.13 43.81
C TYR K 192 28.60 74.40 44.21
N THR K 193 28.03 73.65 43.28
CA THR K 193 26.77 72.97 43.55
C THR K 193 26.69 71.52 43.09
N CYS K 194 26.21 70.67 43.99
CA CYS K 194 26.01 69.26 43.71
C CYS K 194 24.50 69.05 43.67
N GLU K 195 23.99 68.65 42.51
CA GLU K 195 22.54 68.45 42.35
C GLU K 195 22.17 67.03 41.98
N ALA K 196 21.31 66.44 42.79
CA ALA K 196 20.88 65.08 42.55
C ALA K 196 19.42 64.97 42.16
N THR K 197 19.18 64.35 41.01
CA THR K 197 17.81 64.11 40.55
C THR K 197 17.56 62.60 40.66
N HIS K 198 16.52 62.25 41.41
CA HIS K 198 16.13 60.86 41.68
C HIS K 198 14.60 60.81 41.65
N LYS K 199 14.01 59.68 41.28
CA LYS K 199 12.53 59.58 41.21
C LYS K 199 11.83 59.93 42.53
N THR K 200 12.59 59.94 43.62
CA THR K 200 12.01 60.25 44.93
C THR K 200 11.69 61.71 45.16
N SER K 201 11.84 62.54 44.15
CA SER K 201 11.48 63.95 44.33
C SER K 201 11.41 64.62 42.97
N THR K 202 10.46 65.52 42.81
CA THR K 202 10.33 66.28 41.57
C THR K 202 11.32 67.45 41.57
N SER K 203 11.62 67.98 42.76
CA SER K 203 12.61 69.07 42.92
C SER K 203 13.94 68.37 43.24
N PRO K 204 14.90 68.37 42.28
CA PRO K 204 16.20 67.74 42.59
C PRO K 204 16.74 68.25 43.92
N ILE K 205 17.53 67.41 44.58
CA ILE K 205 18.13 67.81 45.86
C ILE K 205 19.38 68.60 45.51
N VAL K 206 19.45 69.83 46.01
CA VAL K 206 20.56 70.71 45.70
C VAL K 206 21.37 71.04 46.94
N LYS K 207 22.68 70.85 46.85
CA LYS K 207 23.58 71.16 47.97
C LYS K 207 24.69 72.04 47.44
N SER K 208 25.08 73.07 48.19
CA SER K 208 26.14 73.93 47.71
C SER K 208 26.80 74.74 48.81
N PHE K 209 27.84 75.46 48.44
CA PHE K 209 28.57 76.33 49.35
C PHE K 209 29.18 77.44 48.54
N ASN K 210 29.53 78.52 49.23
CA ASN K 210 30.19 79.64 48.58
C ASN K 210 31.56 79.71 49.20
N ARG K 211 32.58 79.76 48.35
CA ARG K 211 33.98 79.81 48.77
C ARG K 211 34.31 80.99 49.70
N ASN K 212 33.76 82.17 49.41
CA ASN K 212 34.04 83.37 50.22
C ASN K 212 33.51 83.36 51.65
N GLU K 213 32.56 82.49 51.97
CA GLU K 213 32.04 82.41 53.34
C GLU K 213 32.96 81.41 54.05
N CYS K 214 32.99 80.21 53.47
CA CYS K 214 33.79 79.10 53.97
C CYS K 214 35.24 79.18 53.43
N GLU L 1 34.35 18.11 46.55
CA GLU L 1 33.73 18.11 45.21
C GLU L 1 34.74 18.52 44.14
N VAL L 2 34.31 18.46 42.88
CA VAL L 2 35.14 18.85 41.74
C VAL L 2 35.42 20.33 41.97
N GLN L 3 36.70 20.70 41.97
CA GLN L 3 37.05 22.10 42.18
C GLN L 3 38.31 22.58 41.46
N LEU L 4 38.26 23.81 40.98
CA LEU L 4 39.37 24.47 40.31
C LEU L 4 39.76 25.62 41.22
N GLN L 5 40.97 25.57 41.75
CA GLN L 5 41.48 26.58 42.68
C GLN L 5 42.57 27.42 42.00
N GLN L 6 42.32 28.73 41.87
CA GLN L 6 43.29 29.63 41.24
C GLN L 6 44.15 30.40 42.23
N SER L 7 45.32 30.84 41.76
CA SER L 7 46.25 31.56 42.61
C SER L 7 45.73 32.96 43.00
N GLY L 8 46.31 33.57 44.04
CA GLY L 8 45.87 34.89 44.50
C GLY L 8 46.14 36.06 43.56
N ALA L 9 45.49 37.19 43.84
CA ALA L 9 45.62 38.42 43.05
C ALA L 9 47.04 38.94 42.96
N GLU L 10 47.40 39.51 41.82
CA GLU L 10 48.75 40.03 41.61
C GLU L 10 48.69 41.49 41.17
N VAL L 11 49.59 42.30 41.72
CA VAL L 11 49.74 43.69 41.32
C VAL L 11 51.12 43.69 40.66
N VAL L 12 51.16 43.86 39.35
CA VAL L 12 52.43 43.81 38.63
C VAL L 12 52.75 45.08 37.84
N ARG L 13 54.04 45.27 37.57
CA ARG L 13 54.50 46.43 36.82
C ARG L 13 54.37 46.24 35.32
N SER L 14 53.98 47.30 34.61
CA SER L 14 53.85 47.26 33.16
C SER L 14 55.19 46.80 32.53
N GLY L 15 55.09 45.96 31.50
CA GLY L 15 56.26 45.44 30.81
C GLY L 15 56.73 44.11 31.38
N ALA L 16 56.30 43.80 32.59
CA ALA L 16 56.70 42.55 33.20
C ALA L 16 55.83 41.38 32.75
N SER L 17 56.01 40.26 33.44
CA SER L 17 55.28 39.06 33.14
C SER L 17 54.74 38.48 34.44
N VAL L 18 53.72 37.64 34.33
CA VAL L 18 53.15 37.01 35.49
C VAL L 18 52.63 35.64 35.10
N LYS L 19 52.75 34.68 36.00
CA LYS L 19 52.27 33.33 35.71
C LYS L 19 51.22 32.90 36.72
N LEU L 20 50.02 32.65 36.22
CA LEU L 20 48.86 32.25 37.04
C LEU L 20 48.68 30.72 37.08
N SER L 21 48.21 30.21 38.21
CA SER L 21 48.00 28.78 38.34
C SER L 21 46.54 28.44 38.59
N CYS L 22 46.17 27.24 38.22
CA CYS L 22 44.80 26.76 38.39
C CYS L 22 44.94 25.29 38.73
N THR L 23 44.64 24.94 39.97
CA THR L 23 44.79 23.58 40.44
C THR L 23 43.49 22.81 40.61
N ALA L 24 43.42 21.64 39.99
CA ALA L 24 42.24 20.79 40.09
C ALA L 24 42.29 19.80 41.25
N SER L 25 41.14 19.68 41.93
CA SER L 25 41.03 18.71 43.01
C SER L 25 39.68 18.02 42.83
N GLY L 26 39.62 16.78 43.30
CA GLY L 26 38.40 16.01 43.18
C GLY L 26 38.23 15.40 41.81
N PHE L 27 39.12 15.73 40.88
CA PHE L 27 39.04 15.18 39.52
C PHE L 27 40.38 15.36 38.82
N ASN L 28 40.52 14.78 37.63
CA ASN L 28 41.75 14.84 36.86
C ASN L 28 41.53 15.63 35.59
N ILE L 29 42.44 16.54 35.29
CA ILE L 29 42.33 17.40 34.11
C ILE L 29 42.65 16.76 32.78
N LYS L 30 43.30 15.60 32.81
CA LYS L 30 43.70 14.93 31.57
C LYS L 30 42.66 14.81 30.46
N ASP L 31 41.43 14.44 30.81
CA ASP L 31 40.40 14.25 29.79
C ASP L 31 39.50 15.47 29.60
N TYR L 32 40.05 16.62 29.95
CA TYR L 32 39.34 17.88 29.78
C TYR L 32 40.18 18.81 28.95
N TYR L 33 39.57 19.88 28.48
CA TYR L 33 40.26 20.95 27.79
C TYR L 33 40.19 22.01 28.88
N ILE L 34 41.31 22.67 29.15
CA ILE L 34 41.31 23.70 30.18
C ILE L 34 41.28 25.02 29.44
N HIS L 35 40.26 25.85 29.68
CA HIS L 35 40.17 27.12 28.97
C HIS L 35 40.40 28.27 29.91
N TRP L 36 40.81 29.39 29.35
CA TRP L 36 41.01 30.57 30.17
C TRP L 36 40.17 31.67 29.54
N VAL L 37 39.52 32.47 30.37
CA VAL L 37 38.69 33.58 29.88
C VAL L 37 38.95 34.82 30.75
N LYS L 38 39.06 35.96 30.09
CA LYS L 38 39.36 37.23 30.73
C LYS L 38 38.12 38.07 30.96
N GLN L 39 38.09 38.81 32.07
CA GLN L 39 36.97 39.69 32.34
C GLN L 39 37.46 41.05 32.80
N ARG L 40 37.34 42.03 31.92
CA ARG L 40 37.75 43.38 32.24
C ARG L 40 36.65 44.07 33.01
N PRO L 41 37.05 45.03 33.88
CA PRO L 41 36.14 45.84 34.69
C PRO L 41 35.11 46.46 33.75
N GLU L 42 33.84 46.30 34.11
CA GLU L 42 32.71 46.84 33.34
C GLU L 42 32.60 46.24 31.95
N LYS L 43 33.11 45.02 31.78
CA LYS L 43 33.07 44.39 30.46
C LYS L 43 32.77 42.91 30.55
N GLY L 44 32.31 42.34 29.43
CA GLY L 44 32.00 40.93 29.39
C GLY L 44 33.19 40.00 29.27
N LEU L 45 32.95 38.74 29.58
CA LEU L 45 33.98 37.71 29.49
C LEU L 45 34.44 37.50 28.07
N GLU L 46 35.76 37.38 27.88
CA GLU L 46 36.33 37.10 26.55
C GLU L 46 37.25 35.90 26.64
N TRP L 47 36.99 34.92 25.78
CA TRP L 47 37.73 33.68 25.71
C TRP L 47 39.16 33.92 25.23
N ILE L 48 40.14 33.28 25.89
CA ILE L 48 41.54 33.43 25.51
C ILE L 48 42.01 32.24 24.66
N GLY L 49 41.59 31.03 25.07
CA GLY L 49 41.94 29.82 24.34
C GLY L 49 41.92 28.62 25.27
N TRP L 50 42.40 27.47 24.80
CA TRP L 50 42.41 26.25 25.62
C TRP L 50 43.70 25.46 25.43
N ILE L 51 43.92 24.50 26.33
CA ILE L 51 45.07 23.61 26.27
C ILE L 51 44.51 22.21 26.51
N ASP L 52 45.09 21.20 25.87
CA ASP L 52 44.65 19.81 26.06
C ASP L 52 45.77 19.20 26.89
N PRO L 53 45.57 19.09 28.23
CA PRO L 53 46.68 18.81 29.16
C PRO L 53 47.28 17.45 28.86
N GLU L 54 46.56 16.65 28.09
CA GLU L 54 47.01 15.31 27.76
C GLU L 54 48.14 15.32 26.76
N ILE L 55 48.05 16.21 25.78
CA ILE L 55 49.09 16.25 24.75
C ILE L 55 49.85 17.55 24.73
N GLY L 56 49.36 18.51 25.50
CA GLY L 56 50.04 19.77 25.50
C GLY L 56 49.60 20.72 24.40
N ASP L 57 48.76 20.26 23.48
CA ASP L 57 48.25 21.11 22.40
C ASP L 57 47.46 22.30 22.96
N THR L 58 47.73 23.48 22.41
CA THR L 58 47.05 24.70 22.82
C THR L 58 46.50 25.43 21.61
N GLU L 59 45.47 26.25 21.84
CA GLU L 59 44.89 27.04 20.77
C GLU L 59 44.56 28.41 21.35
N TYR L 60 45.14 29.45 20.74
CA TYR L 60 44.90 30.81 21.19
C TYR L 60 44.09 31.62 20.18
N VAL L 61 43.29 32.56 20.68
CA VAL L 61 42.51 33.42 19.79
C VAL L 61 43.53 34.52 19.40
N PRO L 62 43.40 35.15 18.20
CA PRO L 62 44.46 36.01 17.64
C PRO L 62 44.90 37.20 18.49
N LYS L 63 43.98 37.71 19.29
CA LYS L 63 44.23 38.87 20.15
C LYS L 63 45.24 38.56 21.27
N PHE L 64 45.42 37.28 21.57
CA PHE L 64 46.34 36.88 22.64
C PHE L 64 47.58 36.13 22.20
N GLN L 65 47.88 36.14 20.91
CA GLN L 65 49.08 35.46 20.40
C GLN L 65 50.31 36.24 20.84
N GLY L 66 51.17 35.60 21.60
CA GLY L 66 52.37 36.26 22.08
C GLY L 66 52.13 37.03 23.35
N LYS L 67 50.89 36.98 23.82
CA LYS L 67 50.50 37.65 25.06
C LYS L 67 50.36 36.57 26.13
N ALA L 68 49.63 35.52 25.80
CA ALA L 68 49.39 34.41 26.73
C ALA L 68 50.04 33.11 26.31
N THR L 69 50.48 32.36 27.30
CA THR L 69 51.11 31.06 27.08
C THR L 69 50.54 30.10 28.10
N MET L 70 49.82 29.09 27.63
CA MET L 70 49.23 28.11 28.52
C MET L 70 50.04 26.84 28.54
N THR L 71 50.18 26.29 29.74
CA THR L 71 50.88 25.02 29.96
C THR L 71 50.03 24.26 30.96
N ALA L 72 50.31 22.97 31.09
CA ALA L 72 49.58 22.12 32.00
C ALA L 72 50.47 20.97 32.43
N ASP L 73 50.05 20.29 33.48
CA ASP L 73 50.78 19.16 34.01
C ASP L 73 49.76 18.25 34.66
N THR L 74 49.47 17.12 34.03
CA THR L 74 48.46 16.19 34.55
C THR L 74 48.80 15.48 35.84
N SER L 75 50.08 15.29 36.16
CA SER L 75 50.40 14.63 37.42
C SER L 75 50.13 15.48 38.64
N SER L 76 50.30 16.80 38.53
CA SER L 76 50.03 17.66 39.66
C SER L 76 48.64 18.30 39.50
N ASN L 77 47.99 17.98 38.39
CA ASN L 77 46.67 18.52 38.06
C ASN L 77 46.65 20.04 38.11
N THR L 78 47.63 20.69 37.48
CA THR L 78 47.69 22.15 37.48
C THR L 78 47.93 22.71 36.08
N ALA L 79 47.18 23.76 35.76
CA ALA L 79 47.30 24.43 34.47
C ALA L 79 47.78 25.84 34.79
N TYR L 80 48.61 26.39 33.90
CA TYR L 80 49.20 27.72 34.06
C TYR L 80 48.93 28.65 32.89
N LEU L 81 48.84 29.94 33.20
CA LEU L 81 48.66 30.99 32.20
C LEU L 81 49.74 32.03 32.42
N GLN L 82 50.62 32.16 31.45
CA GLN L 82 51.70 33.14 31.51
C GLN L 82 51.32 34.33 30.66
N LEU L 83 51.43 35.52 31.24
CA LEU L 83 51.09 36.74 30.51
C LEU L 83 52.34 37.61 30.46
N SER L 84 52.82 37.90 29.28
CA SER L 84 54.05 38.69 29.16
C SER L 84 53.82 40.07 28.56
N SER L 85 54.83 40.92 28.66
CA SER L 85 54.78 42.30 28.17
C SER L 85 53.45 42.92 28.58
N LEU L 86 53.17 42.90 29.88
CA LEU L 86 51.89 43.40 30.39
C LEU L 86 51.69 44.90 30.24
N THR L 87 50.44 45.31 30.02
CA THR L 87 50.03 46.72 29.87
C THR L 87 48.78 46.94 30.70
N SER L 88 48.38 48.20 30.82
CA SER L 88 47.18 48.59 31.57
C SER L 88 45.95 47.78 31.12
N GLU L 89 45.85 47.54 29.81
CA GLU L 89 44.74 46.81 29.23
C GLU L 89 44.62 45.36 29.65
N ASP L 90 45.68 44.82 30.24
CA ASP L 90 45.63 43.43 30.70
C ASP L 90 45.03 43.31 32.08
N THR L 91 44.77 44.45 32.74
CA THR L 91 44.16 44.44 34.06
C THR L 91 42.76 43.83 33.89
N ALA L 92 42.52 42.72 34.60
CA ALA L 92 41.26 41.98 34.53
C ALA L 92 41.29 40.80 35.47
N VAL L 93 40.15 40.12 35.57
CA VAL L 93 40.05 38.94 36.40
C VAL L 93 40.17 37.81 35.37
N TYR L 94 41.07 36.85 35.65
CA TYR L 94 41.31 35.72 34.76
C TYR L 94 40.82 34.44 35.37
N TYR L 95 40.02 33.71 34.60
CA TYR L 95 39.43 32.47 35.05
C TYR L 95 39.93 31.31 34.23
N CYS L 96 40.09 30.16 34.88
CA CYS L 96 40.41 28.97 34.14
C CYS L 96 39.13 28.16 34.36
N ASN L 97 38.77 27.33 33.39
CA ASN L 97 37.62 26.50 33.58
C ASN L 97 37.88 25.20 32.82
N ALA L 98 37.02 24.19 32.98
CA ALA L 98 37.25 22.92 32.31
C ALA L 98 36.01 22.30 31.72
N GLY L 99 36.20 21.57 30.64
CA GLY L 99 35.10 20.87 30.00
C GLY L 99 35.65 19.64 29.31
N HIS L 100 34.86 18.59 29.21
CA HIS L 100 35.24 17.33 28.59
C HIS L 100 35.86 17.57 27.22
N ASP L 101 36.97 16.92 26.94
CA ASP L 101 37.62 17.10 25.66
C ASP L 101 36.76 16.79 24.45
N TYR L 102 35.83 15.84 24.59
CA TYR L 102 34.92 15.49 23.49
C TYR L 102 33.67 16.37 23.42
N ASP L 103 33.58 17.30 24.36
CA ASP L 103 32.42 18.20 24.49
C ASP L 103 32.63 19.49 23.71
N ARG L 104 31.57 19.95 23.04
CA ARG L 104 31.62 21.15 22.23
C ARG L 104 31.99 22.46 22.93
N GLY L 105 31.61 22.61 24.19
CA GLY L 105 31.96 23.83 24.90
C GLY L 105 31.26 24.18 26.19
N ARG L 106 30.62 23.22 26.83
CA ARG L 106 29.98 23.49 28.11
C ARG L 106 31.08 23.67 29.17
N PHE L 107 30.89 24.65 30.05
CA PHE L 107 31.87 24.96 31.10
C PHE L 107 31.29 24.63 32.50
N PRO L 108 31.30 23.35 32.88
CA PRO L 108 30.75 22.88 34.15
C PRO L 108 31.61 23.21 35.36
N TYR L 109 32.90 23.43 35.13
CA TYR L 109 33.80 23.75 36.23
C TYR L 109 34.61 25.01 35.98
N TRP L 110 34.58 25.92 36.93
CA TRP L 110 35.28 27.18 36.83
C TRP L 110 36.08 27.45 38.11
N GLY L 111 37.23 28.07 37.93
CA GLY L 111 38.03 28.47 39.07
C GLY L 111 37.39 29.78 39.55
N GLN L 112 37.79 30.27 40.73
CA GLN L 112 37.23 31.51 41.28
C GLN L 112 37.74 32.80 40.65
N GLY L 113 38.74 32.68 39.78
CA GLY L 113 39.33 33.84 39.12
C GLY L 113 40.51 34.43 39.86
N THR L 114 41.40 35.08 39.10
CA THR L 114 42.56 35.74 39.66
C THR L 114 42.58 37.16 39.10
N LEU L 115 42.62 38.14 40.00
CA LEU L 115 42.66 39.54 39.58
C LEU L 115 44.12 39.96 39.35
N VAL L 116 44.40 40.44 38.13
CA VAL L 116 45.73 40.91 37.80
C VAL L 116 45.63 42.41 37.55
N THR L 117 46.41 43.20 38.30
CA THR L 117 46.40 44.65 38.14
C THR L 117 47.76 45.14 37.62
N VAL L 118 47.78 45.67 36.39
CA VAL L 118 49.00 46.17 35.76
C VAL L 118 49.09 47.70 35.77
N SER L 119 50.24 48.21 36.22
CA SER L 119 50.47 49.64 36.28
C SER L 119 51.95 49.98 36.31
N ALA L 120 52.35 51.11 35.71
CA ALA L 120 53.77 51.52 35.73
C ALA L 120 54.11 52.45 36.91
N ALA L 121 53.12 52.69 37.77
CA ALA L 121 53.23 53.55 38.95
C ALA L 121 54.13 52.97 40.03
N LYS L 122 54.66 53.83 40.88
CA LYS L 122 55.53 53.40 42.01
C LYS L 122 54.65 53.40 43.24
N THR L 123 55.01 52.68 44.31
CA THR L 123 54.15 52.72 45.49
C THR L 123 54.27 54.11 46.12
N THR L 124 53.10 54.69 46.40
CA THR L 124 52.95 56.05 46.92
C THR L 124 51.95 56.03 48.08
N PRO L 125 52.31 56.63 49.22
CA PRO L 125 51.43 56.75 50.38
C PRO L 125 50.30 57.74 50.08
N PRO L 126 49.16 57.59 50.74
CA PRO L 126 48.05 58.49 50.41
C PRO L 126 48.08 59.78 51.24
N SER L 127 47.41 60.81 50.72
CA SER L 127 47.23 62.08 51.42
C SER L 127 45.79 61.94 51.93
N VAL L 128 45.56 62.21 53.21
CA VAL L 128 44.23 62.09 53.82
C VAL L 128 43.70 63.49 54.20
N TYR L 129 42.61 63.89 53.56
CA TYR L 129 42.01 65.19 53.83
C TYR L 129 40.68 65.11 54.57
N PRO L 130 40.51 65.94 55.60
CA PRO L 130 39.28 65.91 56.39
C PRO L 130 38.17 66.63 55.63
N LEU L 131 36.96 66.06 55.69
CA LEU L 131 35.78 66.59 55.04
C LEU L 131 34.82 67.00 56.14
N ALA L 132 34.87 68.28 56.48
CA ALA L 132 34.04 68.85 57.54
C ALA L 132 33.01 69.77 56.91
N PRO L 133 31.81 69.85 57.52
CA PRO L 133 30.77 70.67 56.88
C PRO L 133 30.93 72.16 57.18
N GLY L 134 30.73 73.01 56.15
CA GLY L 134 30.82 74.47 56.33
C GLY L 134 29.91 75.01 57.42
N SER L 135 30.19 76.21 57.91
CA SER L 135 29.36 76.79 58.98
C SER L 135 28.07 77.43 58.46
N ALA L 136 27.24 76.62 57.81
CA ALA L 136 25.97 77.08 57.26
C ALA L 136 24.88 76.98 58.33
N ALA L 137 24.51 78.12 58.91
CA ALA L 137 23.47 78.17 59.93
C ALA L 137 22.08 77.96 59.34
N GLN L 138 21.66 76.71 59.27
CA GLN L 138 20.35 76.36 58.71
C GLN L 138 19.60 75.34 59.56
N THR L 139 20.14 74.99 60.72
CA THR L 139 19.54 74.03 61.66
C THR L 139 19.17 72.68 61.03
N ASN L 140 19.79 71.61 61.50
CA ASN L 140 19.52 70.27 60.97
C ASN L 140 19.88 69.17 61.96
N SER L 141 19.35 67.97 61.67
CA SER L 141 19.58 66.78 62.49
C SER L 141 20.93 66.10 62.15
N MET L 142 20.94 64.78 61.87
CA MET L 142 22.16 64.01 61.57
C MET L 142 23.25 64.78 60.85
N VAL L 143 24.51 64.49 61.18
CA VAL L 143 25.60 65.17 60.49
C VAL L 143 26.51 64.12 59.79
N THR L 144 26.94 64.41 58.57
CA THR L 144 27.81 63.53 57.82
C THR L 144 29.23 64.14 57.68
N LEU L 145 30.23 63.36 58.10
CA LEU L 145 31.64 63.77 58.03
C LEU L 145 32.33 62.82 57.06
N GLY L 146 33.52 63.16 56.58
CA GLY L 146 34.19 62.27 55.67
C GLY L 146 35.68 62.49 55.64
N CYS L 147 36.38 61.59 54.93
CA CYS L 147 37.82 61.67 54.72
C CYS L 147 38.08 61.30 53.25
N LEU L 148 38.87 62.11 52.58
CA LEU L 148 39.26 61.92 51.17
C LEU L 148 40.66 61.34 51.26
N VAL L 149 40.86 60.16 50.66
CA VAL L 149 42.15 59.50 50.63
C VAL L 149 42.57 59.57 49.17
N LYS L 150 43.65 60.27 48.92
CA LYS L 150 44.06 60.51 47.56
C LYS L 150 45.51 60.30 47.18
N GLY L 151 45.73 59.90 45.95
CA GLY L 151 47.07 59.76 45.38
C GLY L 151 47.94 58.63 45.85
N TYR L 152 47.33 57.47 46.11
CA TYR L 152 48.11 56.33 46.55
C TYR L 152 48.18 55.19 45.52
N PHE L 153 49.16 54.32 45.70
CA PHE L 153 49.37 53.15 44.86
C PHE L 153 50.25 52.20 45.64
N PRO L 154 49.91 50.89 45.62
CA PRO L 154 48.74 50.30 44.99
C PRO L 154 47.56 50.19 45.96
N GLU L 155 46.50 49.51 45.53
CA GLU L 155 45.39 49.23 46.41
C GLU L 155 45.84 48.08 47.33
N PRO L 156 45.17 47.93 48.48
CA PRO L 156 44.15 48.87 48.93
C PRO L 156 44.57 49.72 50.11
N VAL L 157 43.62 50.49 50.63
CA VAL L 157 43.80 51.25 51.86
C VAL L 157 42.57 50.79 52.63
N THR L 158 42.66 50.84 53.96
CA THR L 158 41.51 50.48 54.78
C THR L 158 41.19 51.72 55.57
N VAL L 159 39.91 51.95 55.83
CA VAL L 159 39.55 53.11 56.61
C VAL L 159 38.49 52.75 57.62
N THR L 160 38.73 53.20 58.86
CA THR L 160 37.79 52.99 59.95
C THR L 160 37.53 54.36 60.57
N TRP L 161 36.54 54.41 61.46
CA TRP L 161 36.18 55.65 62.15
C TRP L 161 36.19 55.35 63.64
N ASN L 162 36.95 56.16 64.37
CA ASN L 162 37.09 56.01 65.81
C ASN L 162 37.57 54.61 66.16
N SER L 163 38.50 54.13 65.34
CA SER L 163 39.12 52.82 65.53
C SER L 163 38.16 51.65 65.44
N GLY L 164 37.14 51.81 64.61
CA GLY L 164 36.15 50.75 64.44
C GLY L 164 34.95 50.85 65.36
N SER L 165 34.97 51.80 66.29
CA SER L 165 33.84 51.98 67.20
C SER L 165 32.63 52.49 66.42
N LEU L 166 32.87 53.32 65.41
CA LEU L 166 31.81 53.83 64.53
C LEU L 166 31.79 52.96 63.29
N SER L 167 30.90 51.98 63.26
CA SER L 167 30.79 51.07 62.12
C SER L 167 29.52 51.27 61.31
N SER L 168 28.40 51.46 62.00
CA SER L 168 27.14 51.68 61.31
C SER L 168 27.19 53.12 60.81
N GLY L 169 26.58 53.36 59.67
CA GLY L 169 26.55 54.70 59.13
C GLY L 169 27.74 55.10 58.27
N VAL L 170 28.71 54.21 58.07
CA VAL L 170 29.86 54.56 57.24
C VAL L 170 29.78 53.94 55.85
N HIS L 171 30.21 54.72 54.87
CA HIS L 171 30.27 54.31 53.49
C HIS L 171 31.67 54.57 52.96
N THR L 172 32.36 53.51 52.58
CA THR L 172 33.68 53.66 52.02
C THR L 172 33.57 53.20 50.57
N PHE L 173 33.79 54.13 49.67
CA PHE L 173 33.65 53.88 48.25
C PHE L 173 34.83 53.21 47.58
N PRO L 174 34.54 52.42 46.52
CA PRO L 174 35.57 51.86 45.64
C PRO L 174 36.53 52.92 45.16
N ALA L 175 37.80 52.58 45.08
CA ALA L 175 38.81 53.51 44.61
C ALA L 175 38.73 53.65 43.09
N VAL L 176 39.19 54.78 42.57
CA VAL L 176 39.21 55.00 41.13
C VAL L 176 40.54 55.65 40.82
N LEU L 177 41.02 55.43 39.60
CA LEU L 177 42.29 55.98 39.16
C LEU L 177 42.16 57.40 38.64
N GLN L 178 43.17 58.19 38.97
CA GLN L 178 43.29 59.57 38.54
C GLN L 178 44.75 59.61 38.15
N SER L 179 44.99 59.45 36.85
CA SER L 179 46.33 59.46 36.30
C SER L 179 47.24 58.61 37.18
N ASP L 180 47.17 57.31 36.95
CA ASP L 180 47.98 56.31 37.65
C ASP L 180 47.88 56.17 39.17
N LEU L 181 47.27 57.13 39.88
CA LEU L 181 47.15 57.04 41.33
C LEU L 181 45.69 56.90 41.78
N TYR L 182 45.46 56.20 42.88
CA TYR L 182 44.12 55.96 43.41
C TYR L 182 43.55 56.99 44.36
N THR L 183 42.23 57.07 44.38
CA THR L 183 41.50 57.97 45.26
C THR L 183 40.17 57.38 45.67
N LEU L 184 39.80 57.55 46.93
CA LEU L 184 38.53 57.09 47.42
C LEU L 184 38.18 57.99 48.56
N SER L 185 36.91 57.93 48.96
CA SER L 185 36.42 58.71 50.08
C SER L 185 35.63 57.82 51.00
N SER L 186 35.50 58.22 52.24
CA SER L 186 34.70 57.48 53.19
C SER L 186 33.87 58.53 53.92
N SER L 187 32.58 58.24 54.10
CA SER L 187 31.68 59.15 54.83
C SER L 187 31.17 58.41 56.06
N VAL L 188 30.87 59.17 57.11
CA VAL L 188 30.32 58.58 58.31
C VAL L 188 29.20 59.54 58.73
N THR L 189 28.11 58.97 59.22
CA THR L 189 26.97 59.78 59.64
C THR L 189 26.68 59.47 61.09
N VAL L 190 26.66 60.53 61.91
CA VAL L 190 26.43 60.40 63.36
C VAL L 190 25.34 61.40 63.80
N PRO L 191 24.77 61.22 65.00
CA PRO L 191 23.78 62.25 65.42
C PRO L 191 24.41 63.63 65.61
N SER L 192 23.70 64.65 65.13
CA SER L 192 24.11 66.05 65.24
C SER L 192 24.57 66.45 66.64
N SER L 193 23.89 65.94 67.66
CA SER L 193 24.23 66.26 69.03
C SER L 193 25.55 65.68 69.53
N THR L 194 25.99 64.59 68.91
CA THR L 194 27.24 63.92 69.29
C THR L 194 28.50 64.47 68.64
N TRP L 195 28.35 65.35 67.65
CA TRP L 195 29.51 65.94 67.00
C TRP L 195 29.25 67.41 66.85
N PRO L 196 30.15 68.27 67.36
CA PRO L 196 31.54 67.98 67.74
C PRO L 196 31.81 67.73 69.20
N SER L 197 30.79 67.56 70.01
CA SER L 197 31.01 67.33 71.44
C SER L 197 31.81 66.05 71.67
N GLU L 198 31.74 65.13 70.72
CA GLU L 198 32.47 63.88 70.80
C GLU L 198 33.32 63.77 69.53
N THR L 199 34.59 63.47 69.72
CA THR L 199 35.55 63.36 68.62
C THR L 199 35.22 62.31 67.55
N VAL L 200 35.49 62.65 66.31
CA VAL L 200 35.30 61.74 65.19
C VAL L 200 36.59 61.79 64.37
N THR L 201 37.28 60.65 64.33
CA THR L 201 38.56 60.53 63.62
C THR L 201 38.51 59.39 62.62
N CYS L 202 39.03 59.60 61.41
CA CYS L 202 39.11 58.53 60.42
C CYS L 202 40.52 58.00 60.47
N ASN L 203 40.65 56.68 60.50
CA ASN L 203 41.94 56.00 60.55
C ASN L 203 42.16 55.32 59.20
N VAL L 204 43.18 55.80 58.48
CA VAL L 204 43.53 55.27 57.17
C VAL L 204 44.85 54.54 57.21
N ALA L 205 44.86 53.35 56.62
CA ALA L 205 46.07 52.51 56.60
C ALA L 205 46.34 52.10 55.17
N HIS L 206 47.63 52.08 54.82
CA HIS L 206 48.07 51.71 53.49
C HIS L 206 49.27 50.79 53.69
N PRO L 207 49.02 49.48 53.77
CA PRO L 207 50.04 48.50 54.13
C PRO L 207 51.23 48.51 53.17
N ALA L 208 50.96 48.74 51.89
CA ALA L 208 52.02 48.76 50.88
C ALA L 208 53.11 49.78 51.19
N SER L 209 52.73 50.95 51.71
CA SER L 209 53.70 51.98 52.07
C SER L 209 54.00 52.06 53.58
N SER L 210 53.47 51.11 54.35
CA SER L 210 53.66 51.04 55.80
C SER L 210 53.31 52.38 56.46
N THR L 211 52.14 52.89 56.08
CA THR L 211 51.66 54.18 56.58
C THR L 211 50.29 54.03 57.24
N LYS L 212 50.12 54.77 58.33
CA LYS L 212 48.85 54.86 59.05
C LYS L 212 48.67 56.37 59.31
N VAL L 213 47.50 56.90 58.98
CA VAL L 213 47.20 58.32 59.18
C VAL L 213 45.84 58.49 59.88
N ASP L 214 45.79 59.26 60.98
CA ASP L 214 44.54 59.53 61.69
C ASP L 214 44.25 61.00 61.50
N LYS L 215 43.06 61.30 60.98
CA LYS L 215 42.64 62.68 60.77
C LYS L 215 41.41 62.93 61.63
N LYS L 216 41.51 63.86 62.58
CA LYS L 216 40.38 64.20 63.45
C LYS L 216 39.59 65.27 62.73
N ILE L 217 38.29 65.06 62.58
CA ILE L 217 37.46 66.05 61.89
C ILE L 217 37.04 67.17 62.85
N VAL L 218 37.46 68.40 62.57
CA VAL L 218 37.10 69.52 63.40
C VAL L 218 36.30 70.51 62.58
N PRO L 219 35.42 71.27 63.24
CA PRO L 219 34.54 72.26 62.61
C PRO L 219 35.32 73.32 61.85
N ARG L 220 34.73 73.77 60.73
CA ARG L 220 35.25 74.78 59.79
C ARG L 220 35.72 74.13 58.48
N ASP L 221 36.90 74.51 57.96
CA ASP L 221 37.44 73.95 56.70
C ASP L 221 38.96 73.66 56.77
N9 IBM M . 18.42 -12.31 -34.76
C8 IBM M . 18.36 -13.63 -34.45
N7 IBM M . 17.91 -13.77 -33.18
C5 IBM M . 17.70 -12.55 -32.68
C4 IBM M . 18.01 -11.66 -33.66
N3 IBM M . 17.90 -10.34 -33.49
C2 IBM M . 17.48 -9.84 -32.32
N1 IBM M . 17.13 -10.64 -31.30
C6 IBM M . 17.21 -11.98 -31.40
O6 IBM M . 16.90 -12.76 -30.47
O2 IBM M . 17.37 -8.59 -32.15
C10 IBM M . 16.66 -10.01 -30.06
C11 IBM M . 18.28 -9.49 -34.61
C12 IBM M . 17.09 -8.61 -34.93
C13 IBM M . 17.50 -7.51 -35.90
C14 IBM M . 15.92 -9.46 -35.40
N9 IBM N . 14.87 23.46 -37.45
C8 IBM N . 13.92 22.50 -37.27
N7 IBM N . 13.80 22.20 -35.96
C5 IBM N . 14.67 22.98 -35.29
C4 IBM N . 15.33 23.76 -36.21
N3 IBM N . 16.27 24.65 -35.84
C2 IBM N . 16.59 24.81 -34.54
N1 IBM N . 16.00 24.09 -33.58
C6 IBM N . 15.04 23.18 -33.87
O6 IBM N . 14.48 22.48 -33.00
O2 IBM N . 17.47 25.63 -34.23
C10 IBM N . 16.41 24.32 -32.20
C11 IBM N . 16.97 25.49 -36.84
C12 IBM N . 17.72 24.59 -37.81
C13 IBM N . 17.23 24.81 -39.24
C14 IBM N . 19.22 24.77 -37.67
N9 IBM O . 40.34 4.58 7.16
C8 IBM O . 40.35 5.91 6.87
N7 IBM O . 39.14 6.26 6.37
C5 IBM O . 38.36 5.17 6.34
C4 IBM O . 39.11 4.14 6.82
N3 IBM O . 38.64 2.90 6.92
C2 IBM O . 37.38 2.62 6.55
N1 IBM O . 36.56 3.57 6.08
C6 IBM O . 36.98 4.85 5.94
O6 IBM O . 36.25 5.76 5.50
O2 IBM O . 36.92 1.44 6.64
C10 IBM O . 35.20 3.18 5.70
C11 IBM O . 39.54 1.87 7.44
C12 IBM O . 38.86 1.25 8.64
C13 IBM O . 39.62 -0.01 9.06
C14 IBM O . 38.68 2.27 9.74
N9 IBM P . 32.58 -29.71 15.15
C8 IBM P . 32.07 -28.55 15.66
N7 IBM P . 31.06 -28.11 14.88
C5 IBM P . 30.93 -28.99 13.87
C4 IBM P . 31.87 -29.97 14.04
N3 IBM P . 31.97 -31.00 13.17
C2 IBM P . 31.15 -31.09 12.11
N1 IBM P . 30.21 -30.17 11.87
C6 IBM P . 30.03 -29.11 12.69
O6 IBM P . 29.18 -28.23 12.49
O2 IBM P . 31.27 -32.05 11.32
C10 IBM P . 29.37 -30.34 10.69
C11 IBM P . 32.98 -32.06 13.37
C12 IBM P . 34.37 -31.44 13.33
C13 IBM P . 35.11 -31.70 14.65
C14 IBM P . 35.15 -31.93 12.12
#